data_5DG3
#
_entry.id   5DG3
#
_cell.length_a   79.963
_cell.length_b   83.328
_cell.length_c   220.369
_cell.angle_alpha   90.00
_cell.angle_beta   90.00
_cell.angle_gamma   90.00
#
_symmetry.space_group_name_H-M   'P 21 21 21'
#
loop_
_entity.id
_entity.type
_entity.pdbx_description
1 polymer 'Acyl-[acyl-carrier-protein]--UDP-N-acetylglucosamine O-acyltransferase'
2 non-polymer "uridine-5'-diphosphate-3-O-(R-3-hydroxydecanoyl)-N-acetyl-D-glucosamine"
3 non-polymer 'PHOSPHATE ION'
4 water water
#
_entity_poly.entity_id   1
_entity_poly.type   'polypeptide(L)'
_entity_poly.pdbx_seq_one_letter_code
;MSLIDPRAIIDPSARLAADVQVGPWSIVGAEVEIGEGTVIGPHVVLKGPTKIGKHNRIYQFSSVGEDTPDLKYKGEPTRL
VIGDHNVIREGVTIHRGTVQDRAETTIGDHNLIMAYAHIGHDSVIGNHCILVNNTALAGHVHVDDWAILSGYTLVHQYCR
IGAHSFSGMGSAIGKDVPAYVTVFGNPAEARSMNFEGMRRRGFSSEAIHALRRAYKVVYRQGHTVEEALAELAESAAQFP
EVAVFRDSIQSATRGITR
;
_entity_poly.pdbx_strand_id   A,B,C,D,E,F
#
# COMPACT_ATOMS: atom_id res chain seq x y z
N LEU A 3 -9.67 -0.71 29.11
CA LEU A 3 -8.39 -0.93 28.34
C LEU A 3 -8.30 -2.31 27.64
N ILE A 4 -8.64 -3.34 28.33
CA ILE A 4 -8.67 -4.70 27.89
C ILE A 4 -10.12 -5.14 27.78
N ASP A 5 -10.59 -5.17 26.54
CA ASP A 5 -11.93 -5.48 26.20
C ASP A 5 -12.26 -6.88 26.72
N PRO A 6 -13.40 -7.03 27.41
CA PRO A 6 -13.79 -8.33 28.00
C PRO A 6 -14.05 -9.44 26.93
N ARG A 7 -14.28 -9.06 25.67
CA ARG A 7 -14.48 -10.06 24.59
C ARG A 7 -13.18 -10.66 24.04
N ALA A 8 -12.06 -10.12 24.47
CA ALA A 8 -10.78 -10.67 24.11
C ALA A 8 -10.47 -11.88 25.00
N ILE A 9 -9.56 -12.70 24.54
CA ILE A 9 -9.17 -13.86 25.30
C ILE A 9 -7.72 -13.71 25.65
N ILE A 10 -7.46 -13.50 26.92
CA ILE A 10 -6.14 -13.38 27.48
C ILE A 10 -5.78 -14.69 28.21
N ASP A 11 -4.72 -15.33 27.76
CA ASP A 11 -4.27 -16.56 28.41
C ASP A 11 -3.68 -16.24 29.78
N PRO A 12 -3.90 -17.11 30.78
CA PRO A 12 -3.36 -16.85 32.12
C PRO A 12 -1.86 -16.72 32.16
N SER A 13 -1.16 -17.35 31.24
CA SER A 13 0.28 -17.23 31.25
C SER A 13 0.76 -16.01 30.49
N ALA A 14 -0.15 -15.23 29.91
CA ALA A 14 0.23 -14.03 29.19
C ALA A 14 0.53 -12.95 30.19
N ARG A 15 1.39 -12.02 29.80
CA ARG A 15 1.83 -10.91 30.64
C ARG A 15 1.62 -9.54 30.01
N LEU A 16 0.82 -8.71 30.65
CA LEU A 16 0.52 -7.40 30.11
C LEU A 16 1.01 -6.32 31.02
N ALA A 17 1.84 -5.44 30.48
CA ALA A 17 2.34 -4.25 31.19
C ALA A 17 1.21 -3.27 31.39
N ALA A 18 1.51 -2.19 32.09
CA ALA A 18 0.46 -1.23 32.40
C ALA A 18 0.25 -0.41 31.12
N ASP A 19 -0.89 0.21 31.03
CA ASP A 19 -1.45 0.87 29.85
C ASP A 19 -1.61 0.05 28.57
N VAL A 20 -1.36 -1.25 28.61
CA VAL A 20 -1.69 -2.06 27.47
C VAL A 20 -3.18 -2.03 27.19
N GLN A 21 -3.55 -1.79 25.93
CA GLN A 21 -4.94 -2.00 25.44
C GLN A 21 -5.02 -3.23 24.53
N VAL A 22 -6.14 -3.96 24.66
CA VAL A 22 -6.44 -5.08 23.79
C VAL A 22 -7.90 -4.97 23.39
N GLY A 23 -8.16 -4.85 22.08
CA GLY A 23 -9.45 -4.67 21.53
C GLY A 23 -10.20 -5.98 21.44
N PRO A 24 -11.48 -5.88 21.12
CA PRO A 24 -12.37 -7.02 21.20
C PRO A 24 -12.04 -8.14 20.23
N TRP A 25 -12.38 -9.36 20.67
CA TRP A 25 -12.18 -10.58 19.90
C TRP A 25 -10.73 -10.85 19.50
N SER A 26 -9.78 -10.38 20.29
CA SER A 26 -8.37 -10.63 20.04
C SER A 26 -7.92 -11.70 20.99
N ILE A 27 -6.84 -12.38 20.60
CA ILE A 27 -6.36 -13.48 21.36
C ILE A 27 -4.92 -13.25 21.71
N VAL A 28 -4.64 -13.20 23.02
CA VAL A 28 -3.31 -13.05 23.51
C VAL A 28 -2.99 -14.37 24.20
N GLY A 29 -2.27 -15.22 23.48
CA GLY A 29 -2.08 -16.60 23.88
C GLY A 29 -0.98 -16.82 24.90
N ALA A 30 -0.76 -18.08 25.22
CA ALA A 30 0.18 -18.47 26.26
C ALA A 30 1.56 -17.99 25.90
N GLU A 31 2.24 -17.47 26.90
CA GLU A 31 3.60 -17.01 26.79
C GLU A 31 3.81 -15.84 25.87
N VAL A 32 2.79 -15.02 25.71
CA VAL A 32 2.96 -13.75 25.04
C VAL A 32 3.15 -12.69 26.13
N GLU A 33 4.12 -11.83 25.95
CA GLU A 33 4.42 -10.76 26.88
C GLU A 33 4.28 -9.42 26.14
N ILE A 34 3.47 -8.51 26.67
CA ILE A 34 3.23 -7.23 25.98
C ILE A 34 3.72 -6.06 26.81
N GLY A 35 4.60 -5.26 26.23
CA GLY A 35 5.17 -4.12 26.94
C GLY A 35 4.26 -2.90 27.05
N GLU A 36 4.75 -1.90 27.78
CA GLU A 36 3.98 -0.72 28.22
C GLU A 36 3.50 0.15 27.06
N GLY A 37 2.25 0.57 27.11
CA GLY A 37 1.69 1.44 26.08
C GLY A 37 1.24 0.78 24.77
N THR A 38 1.55 -0.49 24.60
CA THR A 38 1.22 -1.15 23.37
C THR A 38 -0.26 -1.31 23.21
N VAL A 39 -0.66 -1.00 22.01
CA VAL A 39 -1.99 -1.09 21.52
C VAL A 39 -2.14 -2.15 20.44
N ILE A 40 -2.98 -3.05 20.78
CA ILE A 40 -3.40 -4.20 20.02
C ILE A 40 -4.82 -3.95 19.54
N GLY A 41 -5.13 -4.13 18.28
CA GLY A 41 -6.50 -4.00 17.86
C GLY A 41 -7.46 -5.13 18.17
N PRO A 42 -8.63 -4.89 17.47
CA PRO A 42 -9.61 -5.93 17.48
C PRO A 42 -9.26 -7.03 16.45
N HIS A 43 -9.71 -8.24 16.68
CA HIS A 43 -9.46 -9.31 15.70
C HIS A 43 -7.96 -9.58 15.43
N VAL A 44 -7.15 -9.51 16.49
CA VAL A 44 -5.75 -9.85 16.37
C VAL A 44 -5.46 -11.19 17.04
N VAL A 45 -4.63 -12.00 16.40
CA VAL A 45 -4.18 -13.24 17.01
C VAL A 45 -2.69 -13.13 17.32
N LEU A 46 -2.37 -13.10 18.62
CA LEU A 46 -1.03 -13.18 19.10
C LEU A 46 -0.81 -14.59 19.66
N LYS A 47 0.27 -15.21 19.23
CA LYS A 47 0.66 -16.50 19.70
C LYS A 47 2.15 -16.44 20.08
N GLY A 48 2.57 -17.31 20.96
CA GLY A 48 3.87 -17.22 21.61
C GLY A 48 4.63 -18.52 21.43
N PRO A 49 5.81 -18.63 22.06
CA PRO A 49 6.38 -17.57 22.93
C PRO A 49 6.92 -16.36 22.19
N THR A 50 6.53 -15.20 22.70
CA THR A 50 6.65 -13.96 21.96
C THR A 50 6.82 -12.82 22.95
N LYS A 51 7.76 -11.95 22.65
CA LYS A 51 7.95 -10.77 23.44
C LYS A 51 7.78 -9.52 22.59
N ILE A 52 6.81 -8.69 22.97
CA ILE A 52 6.47 -7.44 22.32
C ILE A 52 6.78 -6.31 23.30
N GLY A 53 7.58 -5.34 22.85
CA GLY A 53 7.98 -4.21 23.66
C GLY A 53 6.93 -3.11 23.86
N LYS A 54 7.42 -1.89 23.98
CA LYS A 54 6.58 -0.75 24.37
C LYS A 54 6.06 0.08 23.22
N HIS A 55 4.91 0.67 23.43
CA HIS A 55 4.32 1.60 22.51
C HIS A 55 4.25 1.12 21.09
N ASN A 56 3.84 -0.11 20.94
CA ASN A 56 3.67 -0.69 19.65
C ASN A 56 2.20 -0.54 19.35
N ARG A 57 1.88 -0.71 18.09
CA ARG A 57 0.54 -0.66 17.64
C ARG A 57 0.37 -1.78 16.62
N ILE A 58 -0.57 -2.66 16.86
CA ILE A 58 -0.87 -3.77 16.01
C ILE A 58 -2.32 -3.75 15.59
N TYR A 59 -2.55 -3.79 14.32
CA TYR A 59 -3.86 -3.73 13.75
C TYR A 59 -4.56 -5.04 13.46
N GLN A 60 -5.87 -4.96 13.38
CA GLN A 60 -6.77 -6.04 13.10
C GLN A 60 -6.37 -7.03 12.00
N PHE A 61 -6.76 -8.27 12.24
CA PHE A 61 -6.58 -9.38 11.29
C PHE A 61 -5.12 -9.81 11.15
N SER A 62 -4.25 -9.23 11.96
CA SER A 62 -2.85 -9.65 11.99
C SER A 62 -2.68 -10.98 12.76
N SER A 63 -1.73 -11.80 12.30
CA SER A 63 -1.28 -12.99 13.00
C SER A 63 0.21 -12.84 13.37
N VAL A 64 0.45 -12.57 14.64
CA VAL A 64 1.75 -12.30 15.16
C VAL A 64 2.19 -13.41 16.13
N GLY A 65 3.28 -14.08 15.75
CA GLY A 65 3.84 -15.16 16.52
C GLY A 65 3.37 -16.53 16.10
N GLU A 66 2.89 -16.67 14.88
CA GLU A 66 2.38 -17.97 14.43
C GLU A 66 3.51 -18.93 14.07
N ASP A 67 3.16 -20.21 13.99
CA ASP A 67 4.12 -21.23 13.58
C ASP A 67 4.35 -21.15 12.07
N THR A 68 5.56 -21.40 11.61
CA THR A 68 5.83 -21.42 10.18
C THR A 68 5.05 -22.57 9.60
N PRO A 69 4.43 -22.38 8.47
CA PRO A 69 3.59 -23.38 7.85
C PRO A 69 4.29 -24.66 7.47
N ASP A 70 3.54 -25.73 7.62
CA ASP A 70 4.00 -27.06 7.36
C ASP A 70 2.85 -28.04 7.53
N LEU A 71 2.88 -29.15 6.82
CA LEU A 71 1.87 -30.18 6.98
C LEU A 71 2.03 -30.82 8.37
N LYS A 72 3.23 -30.58 8.91
CA LYS A 72 3.71 -31.00 10.16
C LYS A 72 3.31 -30.05 11.25
N TYR A 73 3.06 -30.59 12.42
CA TYR A 73 2.69 -29.79 13.57
C TYR A 73 3.83 -30.01 14.53
N LYS A 74 4.95 -29.42 14.20
CA LYS A 74 6.15 -29.47 14.99
C LYS A 74 6.03 -28.20 15.79
N GLY A 75 5.76 -28.29 17.08
CA GLY A 75 5.56 -27.13 17.90
C GLY A 75 6.65 -26.75 18.87
N GLU A 76 7.81 -26.48 18.32
CA GLU A 76 8.95 -26.16 19.12
C GLU A 76 8.89 -24.84 19.79
N PRO A 77 9.68 -24.77 20.92
CA PRO A 77 9.64 -23.47 21.58
C PRO A 77 10.42 -22.32 20.92
N THR A 78 10.27 -22.11 19.63
CA THR A 78 10.93 -20.99 18.99
C THR A 78 10.23 -19.64 19.33
N ARG A 79 10.92 -18.53 19.14
CA ARG A 79 10.41 -17.24 19.63
C ARG A 79 10.26 -16.16 18.58
N LEU A 80 9.47 -15.16 18.97
CA LEU A 80 9.42 -13.88 18.28
C LEU A 80 9.69 -12.76 19.25
N VAL A 81 10.57 -11.84 18.86
CA VAL A 81 10.90 -10.69 19.67
C VAL A 81 10.66 -9.43 18.85
N ILE A 82 9.88 -8.52 19.42
CA ILE A 82 9.53 -7.27 18.75
C ILE A 82 9.84 -6.20 19.75
N GLY A 83 10.52 -5.16 19.30
CA GLY A 83 10.91 -4.03 20.15
C GLY A 83 9.84 -2.98 20.37
N ASP A 84 10.21 -1.70 20.24
CA ASP A 84 9.37 -0.58 20.64
C ASP A 84 8.98 0.32 19.45
N HIS A 85 7.84 1.04 19.59
CA HIS A 85 7.40 2.07 18.62
C HIS A 85 7.27 1.52 17.21
N ASN A 86 6.82 0.31 17.11
CA ASN A 86 6.58 -0.31 15.85
C ASN A 86 5.12 -0.16 15.48
N VAL A 87 4.86 -0.06 14.20
CA VAL A 87 3.51 -0.04 13.70
C VAL A 87 3.36 -1.26 12.80
N ILE A 88 2.40 -2.10 13.13
CA ILE A 88 2.06 -3.28 12.39
C ILE A 88 0.62 -3.10 11.95
N ARG A 89 0.38 -3.11 10.67
CA ARG A 89 -0.94 -2.82 10.12
C ARG A 89 -1.83 -4.08 9.92
N GLU A 90 -2.88 -3.90 9.12
CA GLU A 90 -3.92 -4.89 8.89
C GLU A 90 -3.42 -6.20 8.29
N GLY A 91 -3.87 -7.30 8.88
CA GLY A 91 -3.52 -8.60 8.32
C GLY A 91 -2.04 -8.95 8.11
N VAL A 92 -1.14 -8.34 8.84
CA VAL A 92 0.27 -8.71 8.75
C VAL A 92 0.50 -10.11 9.36
N THR A 93 1.28 -10.95 8.66
CA THR A 93 1.71 -12.21 9.24
C THR A 93 3.17 -12.14 9.63
N ILE A 94 3.44 -12.54 10.88
CA ILE A 94 4.77 -12.64 11.43
C ILE A 94 4.96 -14.02 12.14
N HIS A 95 5.92 -14.81 11.65
CA HIS A 95 6.17 -16.16 12.18
C HIS A 95 7.37 -16.20 13.10
N ARG A 96 7.27 -17.05 14.11
CA ARG A 96 8.40 -17.31 15.02
C ARG A 96 9.51 -18.02 14.30
N GLY A 97 10.66 -18.15 14.92
CA GLY A 97 11.77 -18.82 14.29
C GLY A 97 11.70 -20.34 14.19
N THR A 98 12.76 -20.92 13.69
CA THR A 98 12.90 -22.37 13.55
C THR A 98 14.08 -22.91 14.36
N VAL A 99 13.92 -24.10 14.89
CA VAL A 99 14.94 -24.74 15.71
C VAL A 99 16.19 -25.01 14.94
N GLN A 100 16.06 -25.33 13.69
CA GLN A 100 17.22 -25.56 12.88
C GLN A 100 18.11 -24.32 12.82
N ASP A 101 17.49 -23.15 12.62
CA ASP A 101 18.15 -21.87 12.47
C ASP A 101 18.44 -21.02 13.70
N ARG A 102 17.86 -19.83 13.79
CA ARG A 102 18.08 -18.95 14.91
C ARG A 102 17.17 -19.24 16.05
N ALA A 103 16.08 -19.95 15.77
CA ALA A 103 15.05 -20.25 16.73
C ALA A 103 14.27 -18.97 17.17
N GLU A 104 14.54 -17.87 16.51
CA GLU A 104 13.97 -16.55 16.83
C GLU A 104 13.80 -15.66 15.58
N THR A 105 12.63 -15.04 15.46
CA THR A 105 12.41 -13.96 14.52
C THR A 105 12.49 -12.67 15.34
N THR A 106 13.22 -11.69 14.82
CA THR A 106 13.53 -10.48 15.57
C THR A 106 13.22 -9.20 14.77
N ILE A 107 12.44 -8.32 15.42
CA ILE A 107 12.11 -6.99 14.93
C ILE A 107 12.57 -5.94 15.95
N GLY A 108 13.30 -4.93 15.48
CA GLY A 108 13.73 -3.84 16.34
C GLY A 108 12.69 -2.79 16.66
N ASP A 109 13.08 -1.54 16.48
CA ASP A 109 12.27 -0.39 16.88
C ASP A 109 11.90 0.53 15.74
N HIS A 110 10.80 1.25 15.92
CA HIS A 110 10.40 2.31 15.00
C HIS A 110 10.28 1.77 13.57
N ASN A 111 9.73 0.54 13.43
CA ASN A 111 9.46 -0.02 12.10
C ASN A 111 8.00 0.13 11.74
N LEU A 112 7.77 0.28 10.44
CA LEU A 112 6.43 0.43 9.92
C LEU A 112 6.17 -0.70 8.92
N ILE A 113 5.22 -1.55 9.28
CA ILE A 113 4.93 -2.75 8.52
C ILE A 113 3.48 -2.71 8.11
N MET A 114 3.30 -2.53 6.81
CA MET A 114 2.02 -2.18 6.24
C MET A 114 1.19 -3.41 5.95
N ALA A 115 -0.03 -3.20 5.54
CA ALA A 115 -0.99 -4.28 5.42
C ALA A 115 -0.54 -5.49 4.61
N TYR A 116 -0.75 -6.67 5.21
CA TYR A 116 -0.58 -7.93 4.53
C TYR A 116 0.85 -8.30 4.21
N ALA A 117 1.81 -7.55 4.79
CA ALA A 117 3.20 -7.95 4.71
C ALA A 117 3.40 -9.23 5.49
N HIS A 118 4.42 -9.94 5.07
CA HIS A 118 4.75 -11.18 5.70
C HIS A 118 6.22 -11.18 6.17
N ILE A 119 6.43 -11.57 7.42
CA ILE A 119 7.75 -11.72 7.96
C ILE A 119 8.02 -13.18 8.35
N GLY A 120 8.77 -13.86 7.47
CA GLY A 120 8.98 -15.27 7.58
C GLY A 120 10.02 -15.62 8.63
N HIS A 121 9.99 -16.88 8.99
CA HIS A 121 10.63 -17.43 10.17
C HIS A 121 12.11 -17.07 10.06
N ASP A 122 12.67 -16.74 11.21
CA ASP A 122 14.08 -16.51 11.41
C ASP A 122 14.56 -15.23 10.80
N SER A 123 13.64 -14.38 10.31
CA SER A 123 14.06 -13.06 9.74
C SER A 123 14.46 -12.07 10.80
N VAL A 124 15.25 -11.09 10.41
CA VAL A 124 15.70 -10.11 11.37
C VAL A 124 15.50 -8.73 10.76
N ILE A 125 14.68 -7.93 11.43
CA ILE A 125 14.47 -6.57 10.97
C ILE A 125 15.13 -5.66 12.01
N GLY A 126 15.81 -4.65 11.53
CA GLY A 126 16.44 -3.67 12.43
C GLY A 126 15.50 -2.56 12.89
N ASN A 127 15.91 -1.31 12.67
CA ASN A 127 15.19 -0.16 13.16
C ASN A 127 14.90 0.77 12.03
N HIS A 128 13.77 1.46 12.11
CA HIS A 128 13.38 2.51 11.15
C HIS A 128 13.13 2.00 9.75
N CYS A 129 12.73 0.74 9.65
CA CYS A 129 12.48 0.18 8.38
C CYS A 129 11.02 0.40 8.00
N ILE A 130 10.79 0.51 6.68
CA ILE A 130 9.43 0.48 6.12
C ILE A 130 9.25 -0.69 5.14
N LEU A 131 8.24 -1.50 5.44
CA LEU A 131 7.77 -2.58 4.56
C LEU A 131 6.37 -2.29 4.09
N VAL A 132 6.27 -1.90 2.82
CA VAL A 132 5.03 -1.38 2.25
C VAL A 132 4.20 -2.60 1.96
N ASN A 133 2.93 -2.39 1.66
CA ASN A 133 1.94 -3.45 1.51
C ASN A 133 2.41 -4.69 0.75
N ASN A 134 2.10 -5.85 1.35
CA ASN A 134 2.29 -7.17 0.75
C ASN A 134 3.76 -7.48 0.48
N THR A 135 4.63 -6.74 1.11
CA THR A 135 6.02 -7.13 1.10
C THR A 135 6.13 -8.47 1.87
N ALA A 136 6.87 -9.40 1.30
CA ALA A 136 6.99 -10.74 1.81
C ALA A 136 8.47 -11.15 1.98
N LEU A 137 8.84 -11.45 3.22
CA LEU A 137 10.18 -11.92 3.53
C LEU A 137 10.07 -13.39 3.78
N ALA A 138 10.58 -14.17 2.83
CA ALA A 138 10.58 -15.63 2.79
C ALA A 138 11.09 -16.36 3.99
N GLY A 139 12.18 -15.92 4.55
CA GLY A 139 12.74 -16.55 5.71
C GLY A 139 14.21 -16.33 5.74
N HIS A 140 14.74 -16.21 6.94
CA HIS A 140 16.13 -15.95 7.21
C HIS A 140 16.57 -14.68 6.49
N VAL A 141 15.66 -13.75 6.35
CA VAL A 141 15.96 -12.52 5.71
C VAL A 141 16.46 -11.50 6.72
N HIS A 142 17.53 -10.80 6.41
CA HIS A 142 18.00 -9.75 7.33
C HIS A 142 17.82 -8.39 6.69
N VAL A 143 17.02 -7.52 7.34
CA VAL A 143 16.79 -6.16 6.85
C VAL A 143 17.46 -5.20 7.84
N ASP A 144 18.46 -4.48 7.34
CA ASP A 144 19.19 -3.51 8.13
C ASP A 144 18.47 -2.14 8.12
N ASP A 145 18.93 -1.26 9.03
CA ASP A 145 18.22 -0.01 9.39
C ASP A 145 17.90 0.93 8.23
N TRP A 146 16.74 1.57 8.32
CA TRP A 146 16.23 2.52 7.31
C TRP A 146 15.93 1.99 5.90
N ALA A 147 16.05 0.69 5.66
CA ALA A 147 15.74 0.18 4.33
C ALA A 147 14.27 0.40 4.09
N ILE A 148 13.88 0.52 2.81
CA ILE A 148 12.46 0.65 2.45
C ILE A 148 12.18 -0.37 1.35
N LEU A 149 11.20 -1.22 1.60
CA LEU A 149 10.79 -2.14 0.57
C LEU A 149 9.40 -1.73 0.09
N SER A 150 9.28 -1.35 -1.17
CA SER A 150 8.01 -0.86 -1.70
C SER A 150 7.02 -2.01 -1.87
N GLY A 151 5.78 -1.66 -2.21
CA GLY A 151 4.66 -2.57 -2.22
C GLY A 151 4.95 -3.82 -3.01
N TYR A 152 4.59 -4.95 -2.43
CA TYR A 152 4.72 -6.25 -3.11
C TYR A 152 6.14 -6.62 -3.49
N THR A 153 7.06 -6.22 -2.65
CA THR A 153 8.42 -6.64 -2.81
C THR A 153 8.57 -8.08 -2.22
N LEU A 154 9.17 -8.97 -3.00
CA LEU A 154 9.38 -10.35 -2.60
C LEU A 154 10.86 -10.51 -2.38
N VAL A 155 11.20 -11.04 -1.23
CA VAL A 155 12.56 -11.30 -0.85
C VAL A 155 12.80 -12.77 -0.61
N HIS A 156 13.67 -13.32 -1.41
CA HIS A 156 14.09 -14.68 -1.34
C HIS A 156 14.81 -15.01 -0.02
N GLN A 157 14.70 -16.24 0.44
CA GLN A 157 15.35 -16.70 1.65
C GLN A 157 16.84 -16.42 1.67
N TYR A 158 17.31 -16.12 2.85
CA TYR A 158 18.69 -15.85 3.13
C TYR A 158 19.22 -14.55 2.62
N CYS A 159 18.44 -13.77 1.90
CA CYS A 159 18.93 -12.48 1.43
C CYS A 159 19.08 -11.41 2.50
N ARG A 160 20.10 -10.59 2.32
CA ARG A 160 20.32 -9.41 3.17
C ARG A 160 19.97 -8.11 2.45
N ILE A 161 19.09 -7.34 3.08
CA ILE A 161 18.67 -6.04 2.54
C ILE A 161 19.43 -4.97 3.33
N GLY A 162 20.35 -4.29 2.66
CA GLY A 162 21.28 -3.35 3.29
C GLY A 162 20.67 -2.07 3.82
N ALA A 163 21.36 -1.44 4.77
CA ALA A 163 20.82 -0.25 5.43
C ALA A 163 20.58 0.85 4.40
N HIS A 164 19.46 1.56 4.56
CA HIS A 164 19.09 2.67 3.70
C HIS A 164 18.79 2.27 2.27
N SER A 165 18.57 1.00 2.00
CA SER A 165 18.32 0.58 0.64
C SER A 165 16.84 0.80 0.30
N PHE A 166 16.52 0.62 -0.97
CA PHE A 166 15.20 0.93 -1.51
C PHE A 166 14.87 -0.06 -2.62
N SER A 167 13.71 -0.69 -2.50
CA SER A 167 13.18 -1.48 -3.61
C SER A 167 11.96 -0.81 -4.21
N GLY A 168 11.88 -0.79 -5.55
CA GLY A 168 10.65 -0.37 -6.25
C GLY A 168 9.54 -1.41 -6.10
N MET A 169 8.31 -0.98 -6.36
CA MET A 169 7.16 -1.81 -6.15
C MET A 169 7.20 -3.04 -7.04
N GLY A 170 6.87 -4.21 -6.46
CA GLY A 170 6.83 -5.45 -7.24
C GLY A 170 8.19 -6.03 -7.56
N SER A 171 9.22 -5.62 -6.83
CA SER A 171 10.57 -6.18 -7.02
C SER A 171 10.65 -7.59 -6.46
N ALA A 172 11.38 -8.44 -7.15
CA ALA A 172 11.64 -9.78 -6.69
C ALA A 172 13.14 -9.88 -6.55
N ILE A 173 13.56 -9.94 -5.29
CA ILE A 173 14.95 -9.87 -4.86
C ILE A 173 15.48 -11.24 -4.52
N GLY A 174 16.53 -11.67 -5.19
CA GLY A 174 17.05 -13.03 -5.03
C GLY A 174 18.47 -13.02 -4.49
N LYS A 175 19.06 -11.84 -4.43
CA LYS A 175 20.43 -11.67 -3.94
C LYS A 175 20.55 -10.45 -3.04
N ASP A 176 21.52 -10.48 -2.16
CA ASP A 176 21.74 -9.37 -1.26
C ASP A 176 21.72 -8.02 -1.94
N VAL A 177 21.04 -7.09 -1.27
CA VAL A 177 20.97 -5.72 -1.71
C VAL A 177 21.94 -4.91 -0.86
N PRO A 178 22.93 -4.30 -1.50
CA PRO A 178 23.91 -3.62 -0.70
C PRO A 178 23.31 -2.38 -0.10
N ALA A 179 23.94 -1.85 0.93
CA ALA A 179 23.39 -0.67 1.59
C ALA A 179 23.28 0.47 0.61
N TYR A 180 22.26 1.30 0.82
CA TYR A 180 21.99 2.47 0.00
C TYR A 180 21.56 2.18 -1.41
N VAL A 181 21.58 0.92 -1.84
CA VAL A 181 21.26 0.65 -3.24
C VAL A 181 19.75 0.62 -3.51
N THR A 182 19.37 1.09 -4.71
CA THR A 182 17.99 1.08 -5.12
C THR A 182 17.83 -0.03 -6.17
N VAL A 183 16.84 -0.89 -5.99
CA VAL A 183 16.62 -1.99 -6.96
C VAL A 183 15.17 -2.03 -7.50
N PHE A 184 15.03 -2.55 -8.70
CA PHE A 184 13.72 -2.62 -9.39
C PHE A 184 13.59 -3.90 -10.20
N GLY A 185 12.38 -4.44 -10.23
CA GLY A 185 12.07 -5.45 -11.19
C GLY A 185 12.12 -6.89 -10.71
N ASN A 186 11.75 -7.77 -11.62
CA ASN A 186 11.63 -9.18 -11.36
C ASN A 186 12.22 -9.91 -12.54
N PRO A 187 13.41 -10.47 -12.40
CA PRO A 187 14.26 -10.34 -11.21
C PRO A 187 14.78 -8.93 -10.92
N ALA A 188 15.15 -8.66 -9.67
CA ALA A 188 15.53 -7.32 -9.27
C ALA A 188 16.90 -7.01 -9.83
N GLU A 189 17.07 -5.75 -10.20
CA GLU A 189 18.36 -5.28 -10.61
C GLU A 189 18.67 -3.93 -9.93
N ALA A 190 19.94 -3.76 -9.62
CA ALA A 190 20.45 -2.50 -9.12
C ALA A 190 20.27 -1.37 -10.14
N ARG A 191 19.95 -0.19 -9.66
CA ARG A 191 19.76 0.96 -10.54
C ARG A 191 20.63 2.14 -10.16
N SER A 192 20.64 2.47 -8.89
CA SER A 192 21.42 3.61 -8.42
C SER A 192 21.48 3.56 -6.88
N MET A 193 21.82 4.69 -6.29
CA MET A 193 21.80 4.81 -4.85
C MET A 193 20.57 5.57 -4.44
N ASN A 194 20.12 5.31 -3.21
CA ASN A 194 18.95 5.93 -2.65
C ASN A 194 19.21 7.36 -2.20
N PHE A 195 19.47 8.22 -3.17
CA PHE A 195 19.77 9.64 -2.88
C PHE A 195 18.62 10.37 -2.20
N GLU A 196 17.40 10.07 -2.62
CA GLU A 196 16.20 10.61 -1.96
C GLU A 196 16.10 10.31 -0.47
N GLY A 197 16.25 9.04 -0.10
CA GLY A 197 16.44 8.65 1.29
C GLY A 197 17.58 9.38 1.98
N MET A 198 18.77 9.46 1.36
CA MET A 198 19.96 10.04 2.03
C MET A 198 19.71 11.50 2.38
N ARG A 199 19.11 12.23 1.46
CA ARG A 199 18.73 13.61 1.76
C ARG A 199 17.76 13.76 2.88
N ARG A 200 16.65 13.06 2.82
CA ARG A 200 15.65 13.07 3.91
C ARG A 200 16.20 12.79 5.27
N ARG A 201 17.33 12.09 5.34
CA ARG A 201 17.96 11.75 6.61
C ARG A 201 19.14 12.65 6.98
N GLY A 202 19.42 13.66 6.15
CA GLY A 202 20.44 14.66 6.47
C GLY A 202 21.86 14.22 6.24
N PHE A 203 22.10 13.50 5.15
CA PHE A 203 23.44 13.05 4.88
C PHE A 203 24.16 14.26 4.30
N SER A 204 25.44 14.32 4.58
CA SER A 204 26.23 15.43 4.11
C SER A 204 26.46 15.25 2.64
N SER A 205 26.50 16.36 1.95
CA SER A 205 26.87 16.39 0.56
C SER A 205 28.17 15.64 0.24
N GLU A 206 29.15 15.75 1.14
CA GLU A 206 30.41 15.03 0.99
C GLU A 206 30.16 13.52 0.98
N ALA A 207 29.38 13.03 1.94
CA ALA A 207 29.12 11.60 2.11
C ALA A 207 28.34 11.06 0.91
N ILE A 208 27.36 11.83 0.47
CA ILE A 208 26.59 11.47 -0.70
C ILE A 208 27.44 11.33 -1.95
N HIS A 209 28.39 12.22 -2.20
CA HIS A 209 29.23 12.10 -3.41
C HIS A 209 30.16 10.93 -3.33
N ALA A 210 30.56 10.63 -2.12
CA ALA A 210 31.43 9.54 -1.89
C ALA A 210 30.67 8.25 -2.06
N LEU A 211 29.39 8.25 -1.76
CA LEU A 211 28.60 7.05 -1.93
C LEU A 211 28.39 6.86 -3.41
N ARG A 212 28.07 7.93 -4.11
CA ARG A 212 27.91 7.91 -5.53
C ARG A 212 29.14 7.34 -6.23
N ARG A 213 30.32 7.76 -5.82
CA ARG A 213 31.56 7.27 -6.42
C ARG A 213 31.81 5.83 -6.10
N ALA A 214 31.33 5.40 -4.96
CA ALA A 214 31.55 4.02 -4.55
C ALA A 214 30.69 3.08 -5.35
N TYR A 215 29.59 3.58 -5.85
CA TYR A 215 28.72 2.79 -6.66
C TYR A 215 29.43 2.37 -7.93
N LYS A 216 30.12 3.30 -8.53
CA LYS A 216 30.83 3.03 -9.76
C LYS A 216 31.95 2.06 -9.58
N VAL A 217 32.63 2.15 -8.47
CA VAL A 217 33.70 1.26 -8.22
C VAL A 217 33.20 -0.18 -8.19
N VAL A 218 32.02 -0.40 -7.66
CA VAL A 218 31.55 -1.76 -7.48
C VAL A 218 30.86 -2.26 -8.74
N TYR A 219 30.07 -1.36 -9.35
CA TYR A 219 29.15 -1.73 -10.42
C TYR A 219 29.66 -1.42 -11.83
N ARG A 220 30.29 -0.29 -12.05
CA ARG A 220 30.61 0.09 -13.43
C ARG A 220 32.04 0.16 -13.93
N GLN A 221 32.93 -0.57 -13.33
CA GLN A 221 34.36 -0.46 -13.67
C GLN A 221 34.97 -1.84 -13.88
N GLY A 222 34.15 -2.86 -13.92
CA GLY A 222 34.60 -4.20 -14.29
C GLY A 222 35.41 -4.92 -13.22
N HIS A 223 35.59 -4.28 -12.06
CA HIS A 223 36.39 -4.84 -11.00
C HIS A 223 35.80 -6.03 -10.33
N THR A 224 36.68 -6.86 -9.83
CA THR A 224 36.29 -7.99 -9.07
C THR A 224 35.84 -7.34 -7.76
N VAL A 225 35.39 -8.14 -6.82
CA VAL A 225 34.91 -7.62 -5.59
C VAL A 225 36.08 -7.47 -4.66
N GLU A 226 36.99 -8.41 -4.67
CA GLU A 226 38.14 -8.32 -3.80
C GLU A 226 38.85 -7.03 -4.13
N GLU A 227 38.70 -6.59 -5.38
CA GLU A 227 39.31 -5.40 -5.93
C GLU A 227 38.56 -4.18 -5.62
N ALA A 228 37.26 -4.23 -5.83
CA ALA A 228 36.41 -3.11 -5.54
C ALA A 228 36.64 -2.73 -4.09
N LEU A 229 36.63 -3.73 -3.25
CA LEU A 229 36.82 -3.54 -1.86
C LEU A 229 38.16 -2.98 -1.49
N ALA A 230 39.18 -3.28 -2.26
CA ALA A 230 40.49 -2.76 -1.96
C ALA A 230 40.45 -1.33 -2.37
N GLU A 231 39.75 -1.10 -3.45
CA GLU A 231 39.67 0.24 -3.97
C GLU A 231 38.79 1.15 -3.06
N LEU A 232 37.81 0.54 -2.39
CA LEU A 232 36.98 1.29 -1.42
C LEU A 232 37.64 1.65 -0.06
N ALA A 233 38.75 0.99 0.29
CA ALA A 233 39.26 0.94 1.70
C ALA A 233 39.50 2.35 2.27
N GLU A 234 39.89 3.24 1.37
CA GLU A 234 40.34 4.54 1.76
C GLU A 234 39.17 5.49 1.97
N SER A 235 38.28 5.48 1.00
CA SER A 235 37.03 6.15 1.20
C SER A 235 36.28 5.61 2.40
N ALA A 236 36.36 4.31 2.66
CA ALA A 236 35.64 3.77 3.77
C ALA A 236 36.17 4.35 5.05
N ALA A 237 37.47 4.56 5.11
CA ALA A 237 38.10 5.08 6.28
C ALA A 237 37.72 6.52 6.54
N GLN A 238 37.52 7.29 5.49
CA GLN A 238 37.14 8.66 5.66
C GLN A 238 35.65 8.80 5.94
N PHE A 239 34.81 8.00 5.29
CA PHE A 239 33.38 8.07 5.48
C PHE A 239 32.74 6.86 6.07
N PRO A 240 32.16 7.04 7.31
CA PRO A 240 31.51 5.85 7.85
C PRO A 240 30.39 5.35 7.00
N GLU A 241 29.83 6.20 6.19
CA GLU A 241 28.75 5.86 5.27
C GLU A 241 29.22 4.91 4.18
N VAL A 242 30.42 5.17 3.68
CA VAL A 242 31.02 4.29 2.72
C VAL A 242 31.43 2.96 3.34
N ALA A 243 31.80 3.00 4.61
CA ALA A 243 32.18 1.84 5.34
C ALA A 243 31.00 0.86 5.43
N VAL A 244 29.81 1.37 5.73
CA VAL A 244 28.56 0.54 5.77
C VAL A 244 28.30 -0.15 4.44
N PHE A 245 28.47 0.60 3.36
CA PHE A 245 28.39 0.12 2.00
C PHE A 245 29.39 -0.98 1.71
N ARG A 246 30.67 -0.69 1.89
CA ARG A 246 31.70 -1.70 1.72
C ARG A 246 31.44 -2.96 2.52
N ASP A 247 31.06 -2.82 3.75
CA ASP A 247 30.80 -3.95 4.59
C ASP A 247 29.62 -4.77 4.14
N SER A 248 28.64 -4.14 3.54
CA SER A 248 27.46 -4.85 3.10
C SER A 248 27.88 -5.70 1.94
N ILE A 249 28.80 -5.18 1.15
CA ILE A 249 29.30 -5.91 0.00
C ILE A 249 30.27 -7.05 0.35
N GLN A 250 31.21 -6.77 1.24
CA GLN A 250 32.03 -7.81 1.80
C GLN A 250 31.29 -8.97 2.46
N SER A 251 30.18 -8.70 3.15
CA SER A 251 29.41 -9.77 3.82
C SER A 251 28.50 -10.53 2.84
N ALA A 252 28.53 -10.17 1.55
CA ALA A 252 27.62 -10.81 0.61
C ALA A 252 28.20 -12.13 0.15
N THR A 253 27.85 -13.12 0.94
CA THR A 253 28.24 -14.51 0.76
C THR A 253 27.74 -15.20 -0.57
N ARG A 254 26.45 -15.09 -0.87
CA ARG A 254 25.90 -15.66 -2.12
C ARG A 254 25.56 -14.56 -3.18
N GLY A 255 26.53 -13.68 -3.42
CA GLY A 255 26.44 -12.63 -4.45
C GLY A 255 25.56 -11.42 -4.19
N ILE A 256 25.82 -10.33 -4.92
CA ILE A 256 25.03 -9.08 -4.81
C ILE A 256 24.13 -8.79 -6.00
N THR A 257 22.96 -8.24 -5.74
CA THR A 257 22.09 -7.79 -6.82
C THR A 257 22.88 -6.82 -7.66
N ARG A 258 22.99 -7.14 -8.94
CA ARG A 258 23.65 -6.34 -9.92
C ARG A 258 22.59 -5.75 -10.78
N SER B 2 -32.75 -9.37 14.71
CA SER B 2 -32.58 -8.00 14.17
C SER B 2 -31.84 -8.02 12.82
N LEU B 3 -31.80 -6.87 12.17
CA LEU B 3 -31.01 -6.72 10.95
C LEU B 3 -29.56 -6.47 11.41
N ILE B 4 -29.46 -6.01 12.62
CA ILE B 4 -28.22 -5.67 13.22
C ILE B 4 -27.93 -6.71 14.30
N ASP B 5 -26.98 -7.56 14.01
CA ASP B 5 -26.64 -8.65 14.90
C ASP B 5 -26.28 -8.07 16.26
N PRO B 6 -26.74 -8.71 17.35
CA PRO B 6 -26.45 -8.15 18.66
C PRO B 6 -24.98 -8.26 19.08
N ARG B 7 -24.22 -9.07 18.38
CA ARG B 7 -22.79 -9.19 18.66
C ARG B 7 -21.98 -8.09 17.93
N ALA B 8 -22.65 -7.27 17.13
CA ALA B 8 -21.96 -6.20 16.45
C ALA B 8 -21.85 -5.05 17.41
N ILE B 9 -20.99 -4.10 17.07
CA ILE B 9 -20.71 -2.95 17.90
C ILE B 9 -21.00 -1.69 17.09
N ILE B 10 -21.92 -0.88 17.57
CA ILE B 10 -22.37 0.30 16.81
C ILE B 10 -22.14 1.48 17.66
N ASP B 11 -21.31 2.42 17.22
CA ASP B 11 -21.01 3.58 18.05
C ASP B 11 -22.30 4.41 18.12
N PRO B 12 -22.62 4.95 19.32
CA PRO B 12 -23.80 5.80 19.47
C PRO B 12 -23.88 6.90 18.41
N SER B 13 -22.73 7.52 18.11
CA SER B 13 -22.64 8.55 17.05
C SER B 13 -22.75 8.08 15.60
N ALA B 14 -22.97 6.79 15.37
CA ALA B 14 -23.06 6.28 13.99
C ALA B 14 -24.49 6.43 13.47
N ARG B 15 -24.68 6.58 12.17
CA ARG B 15 -26.02 6.80 11.61
C ARG B 15 -26.39 5.83 10.52
N LEU B 16 -27.24 4.87 10.84
CA LEU B 16 -27.64 3.82 9.95
C LEU B 16 -29.04 3.99 9.44
N ALA B 17 -29.17 3.96 8.13
CA ALA B 17 -30.45 4.01 7.50
C ALA B 17 -31.22 2.79 7.96
N ALA B 18 -32.50 2.81 7.67
CA ALA B 18 -33.49 1.84 8.16
C ALA B 18 -33.24 0.36 7.93
N ASP B 19 -33.02 -0.05 6.70
CA ASP B 19 -32.85 -1.48 6.41
C ASP B 19 -31.39 -1.97 6.33
N VAL B 20 -30.50 -1.35 7.07
CA VAL B 20 -29.12 -1.75 7.05
C VAL B 20 -28.93 -3.05 7.85
N GLN B 21 -28.18 -3.97 7.26
CA GLN B 21 -27.80 -5.18 7.93
C GLN B 21 -26.33 -5.13 8.34
N VAL B 22 -26.05 -5.50 9.56
CA VAL B 22 -24.68 -5.57 10.03
C VAL B 22 -24.47 -6.93 10.67
N GLY B 23 -23.53 -7.72 10.15
CA GLY B 23 -23.36 -9.09 10.62
C GLY B 23 -22.61 -9.14 11.96
N PRO B 24 -22.46 -10.33 12.54
CA PRO B 24 -21.80 -10.51 13.84
C PRO B 24 -20.29 -10.13 13.90
N TRP B 25 -19.93 -9.59 15.05
CA TRP B 25 -18.57 -9.19 15.41
C TRP B 25 -17.98 -8.07 14.56
N SER B 26 -18.85 -7.27 13.95
CA SER B 26 -18.43 -6.14 13.15
C SER B 26 -18.51 -4.87 13.98
N ILE B 27 -17.70 -3.90 13.60
CA ILE B 27 -17.62 -2.65 14.30
C ILE B 27 -17.95 -1.48 13.37
N VAL B 28 -19.02 -0.75 13.69
CA VAL B 28 -19.37 0.46 12.93
C VAL B 28 -19.02 1.59 13.84
N GLY B 29 -17.97 2.33 13.51
CA GLY B 29 -17.36 3.24 14.49
C GLY B 29 -17.96 4.62 14.53
N ALA B 30 -17.35 5.50 15.30
CA ALA B 30 -17.84 6.84 15.42
C ALA B 30 -17.83 7.52 14.03
N GLU B 31 -18.93 8.23 13.73
CA GLU B 31 -19.07 9.11 12.55
C GLU B 31 -19.10 8.32 11.26
N VAL B 32 -19.62 7.11 11.35
CA VAL B 32 -19.81 6.34 10.18
C VAL B 32 -21.29 6.45 9.85
N GLU B 33 -21.56 6.71 8.58
CA GLU B 33 -22.91 6.85 8.10
C GLU B 33 -23.14 5.77 7.05
N ILE B 34 -24.21 4.99 7.21
CA ILE B 34 -24.52 3.92 6.27
C ILE B 34 -25.93 4.08 5.73
N GLY B 35 -26.06 3.85 4.44
CA GLY B 35 -27.24 4.22 3.69
C GLY B 35 -28.08 2.99 3.40
N GLU B 36 -29.33 3.24 3.03
CA GLU B 36 -30.36 2.24 2.82
C GLU B 36 -29.95 1.02 1.97
N GLY B 37 -30.35 -0.18 2.41
CA GLY B 37 -30.07 -1.41 1.67
C GLY B 37 -28.66 -2.00 1.68
N THR B 38 -27.77 -1.33 2.39
CA THR B 38 -26.40 -1.73 2.47
C THR B 38 -26.27 -2.87 3.48
N VAL B 39 -25.58 -3.91 3.05
CA VAL B 39 -25.31 -5.10 3.88
C VAL B 39 -23.83 -5.24 4.36
N ILE B 40 -23.59 -5.08 5.64
CA ILE B 40 -22.30 -5.28 6.23
C ILE B 40 -22.18 -6.72 6.74
N GLY B 41 -21.13 -7.39 6.26
CA GLY B 41 -20.91 -8.77 6.62
C GLY B 41 -20.38 -8.88 8.04
N PRO B 42 -20.02 -10.10 8.44
CA PRO B 42 -19.37 -10.34 9.72
C PRO B 42 -17.87 -9.96 9.66
N HIS B 43 -17.30 -9.64 10.82
CA HIS B 43 -15.85 -9.38 10.97
C HIS B 43 -15.38 -8.16 10.17
N VAL B 44 -16.16 -7.10 10.18
CA VAL B 44 -15.86 -5.95 9.35
C VAL B 44 -15.56 -4.77 10.27
N VAL B 45 -14.49 -4.06 9.97
CA VAL B 45 -14.17 -2.89 10.75
C VAL B 45 -14.43 -1.66 9.89
N LEU B 46 -15.46 -0.88 10.29
CA LEU B 46 -15.74 0.40 9.66
C LEU B 46 -15.34 1.50 10.60
N LYS B 47 -14.57 2.43 10.11
CA LYS B 47 -14.12 3.54 10.91
C LYS B 47 -14.43 4.86 10.15
N GLY B 48 -14.56 5.97 10.90
CA GLY B 48 -14.91 7.27 10.33
C GLY B 48 -13.86 8.35 10.49
N PRO B 49 -14.10 9.54 9.92
CA PRO B 49 -15.41 9.93 9.35
C PRO B 49 -15.67 9.44 7.92
N THR B 50 -16.76 8.73 7.78
CA THR B 50 -16.95 7.97 6.59
C THR B 50 -18.43 7.97 6.31
N LYS B 51 -18.73 8.00 5.02
CA LYS B 51 -20.08 8.02 4.54
C LYS B 51 -20.17 6.96 3.49
N ILE B 52 -21.04 5.98 3.72
CA ILE B 52 -21.27 4.89 2.79
C ILE B 52 -22.72 5.00 2.34
N GLY B 53 -22.91 4.97 1.03
CA GLY B 53 -24.24 5.14 0.46
C GLY B 53 -25.14 3.91 0.56
N LYS B 54 -25.83 3.65 -0.55
CA LYS B 54 -26.96 2.74 -0.59
C LYS B 54 -26.65 1.48 -1.38
N HIS B 55 -27.29 0.38 -0.94
CA HIS B 55 -27.21 -0.92 -1.61
C HIS B 55 -25.80 -1.44 -1.78
N ASN B 56 -24.94 -1.15 -0.82
CA ASN B 56 -23.60 -1.67 -0.88
C ASN B 56 -23.50 -2.99 -0.16
N ARG B 57 -22.38 -3.63 -0.41
CA ARG B 57 -22.10 -4.93 0.12
C ARG B 57 -20.60 -5.01 0.51
N ILE B 58 -20.36 -5.18 1.81
CA ILE B 58 -19.02 -5.26 2.33
C ILE B 58 -18.76 -6.57 3.08
N TYR B 59 -17.82 -7.33 2.54
CA TYR B 59 -17.49 -8.65 3.05
C TYR B 59 -16.54 -8.69 4.26
N GLN B 60 -16.50 -9.86 4.87
CA GLN B 60 -15.67 -10.11 6.06
C GLN B 60 -14.18 -9.75 5.93
N PHE B 61 -13.62 -9.26 7.03
CA PHE B 61 -12.16 -8.99 7.17
C PHE B 61 -11.70 -7.70 6.48
N SER B 62 -12.67 -6.90 6.06
CA SER B 62 -12.39 -5.62 5.44
C SER B 62 -12.19 -4.57 6.47
N SER B 63 -11.33 -3.63 6.14
CA SER B 63 -11.05 -2.51 6.97
C SER B 63 -11.34 -1.27 6.13
N VAL B 64 -12.53 -0.72 6.29
CA VAL B 64 -12.94 0.46 5.53
C VAL B 64 -12.96 1.73 6.40
N GLY B 65 -12.12 2.69 6.06
CA GLY B 65 -12.12 3.95 6.75
C GLY B 65 -11.04 4.12 7.78
N GLU B 66 -10.01 3.29 7.68
CA GLU B 66 -8.90 3.36 8.60
C GLU B 66 -8.00 4.53 8.22
N ASP B 67 -7.24 5.04 9.19
CA ASP B 67 -6.19 6.01 8.95
C ASP B 67 -5.10 5.43 8.02
N THR B 68 -4.55 6.26 7.13
CA THR B 68 -3.44 5.87 6.31
C THR B 68 -2.20 5.78 7.16
N PRO B 69 -1.33 4.81 6.87
CA PRO B 69 -0.06 4.75 7.61
C PRO B 69 0.99 5.78 7.11
N ASP B 70 0.60 6.59 6.12
CA ASP B 70 1.43 7.66 5.54
C ASP B 70 1.96 8.51 6.70
N LEU B 71 3.26 8.61 6.78
CA LEU B 71 3.90 9.32 7.85
C LEU B 71 3.51 10.79 8.04
N LYS B 72 2.91 11.36 7.03
CA LYS B 72 2.47 12.72 7.08
C LYS B 72 1.14 12.91 7.74
N TYR B 73 0.31 11.90 7.71
CA TYR B 73 -0.97 11.97 8.30
C TYR B 73 -0.79 12.09 9.80
N LYS B 74 -1.59 12.95 10.44
CA LYS B 74 -1.46 13.18 11.88
C LYS B 74 -2.71 13.16 12.78
N GLY B 75 -3.64 12.26 12.54
CA GLY B 75 -4.88 12.14 13.30
C GLY B 75 -5.92 13.15 12.87
N GLU B 76 -5.64 13.90 11.80
CA GLU B 76 -6.63 14.84 11.27
C GLU B 76 -7.92 14.16 10.90
N PRO B 77 -9.04 14.90 11.01
CA PRO B 77 -10.37 14.39 10.70
C PRO B 77 -10.66 14.32 9.21
N THR B 78 -9.75 13.71 8.46
CA THR B 78 -9.99 13.40 7.03
C THR B 78 -11.14 12.42 6.83
N ARG B 79 -11.62 12.31 5.60
CA ARG B 79 -12.75 11.48 5.26
C ARG B 79 -12.69 10.49 4.12
N LEU B 80 -13.67 9.63 4.10
CA LEU B 80 -13.88 8.65 3.08
C LEU B 80 -15.34 8.69 2.65
N VAL B 81 -15.58 8.72 1.35
CA VAL B 81 -16.91 8.73 0.77
C VAL B 81 -17.07 7.60 -0.21
N ILE B 82 -18.04 6.74 0.04
CA ILE B 82 -18.31 5.64 -0.85
C ILE B 82 -19.77 5.76 -1.29
N GLY B 83 -20.00 5.62 -2.59
CA GLY B 83 -21.33 5.82 -3.16
C GLY B 83 -22.23 4.61 -3.00
N ASP B 84 -22.88 4.22 -4.10
CA ASP B 84 -23.98 3.27 -4.11
C ASP B 84 -23.66 2.07 -4.98
N HIS B 85 -24.31 0.94 -4.66
CA HIS B 85 -24.22 -0.29 -5.43
C HIS B 85 -22.83 -0.86 -5.58
N ASN B 86 -22.01 -0.67 -4.55
CA ASN B 86 -20.63 -1.17 -4.64
C ASN B 86 -20.51 -2.50 -3.95
N VAL B 87 -19.62 -3.32 -4.51
CA VAL B 87 -19.26 -4.58 -3.88
C VAL B 87 -17.80 -4.56 -3.39
N ILE B 88 -17.66 -4.65 -2.07
CA ILE B 88 -16.39 -4.74 -1.41
C ILE B 88 -16.17 -6.15 -0.81
N ARG B 89 -15.28 -6.91 -1.43
CA ARG B 89 -15.04 -8.29 -1.07
C ARG B 89 -14.07 -8.47 0.13
N GLU B 90 -13.67 -9.71 0.37
CA GLU B 90 -12.95 -10.13 1.58
C GLU B 90 -11.63 -9.43 1.83
N GLY B 91 -11.42 -8.98 3.05
CA GLY B 91 -10.18 -8.33 3.46
C GLY B 91 -9.72 -7.11 2.69
N VAL B 92 -10.64 -6.31 2.19
CA VAL B 92 -10.24 -5.16 1.35
C VAL B 92 -9.89 -4.11 2.33
N THR B 93 -8.90 -3.30 1.98
CA THR B 93 -8.54 -2.17 2.82
C THR B 93 -8.73 -0.83 2.07
N ILE B 94 -9.49 0.06 2.72
CA ILE B 94 -9.76 1.39 2.20
C ILE B 94 -9.46 2.42 3.24
N HIS B 95 -8.46 3.24 2.95
CA HIS B 95 -8.04 4.29 3.87
C HIS B 95 -8.63 5.66 3.49
N ARG B 96 -8.69 6.56 4.49
CA ARG B 96 -9.22 7.90 4.35
C ARG B 96 -8.11 8.81 3.89
N GLY B 97 -8.48 10.01 3.46
CA GLY B 97 -7.58 11.03 2.95
C GLY B 97 -6.58 11.69 3.88
N THR B 98 -5.80 12.60 3.32
CA THR B 98 -4.80 13.37 4.07
C THR B 98 -4.94 14.88 3.76
N VAL B 99 -4.58 15.70 4.74
CA VAL B 99 -4.81 17.15 4.68
C VAL B 99 -3.83 17.74 3.65
N GLN B 100 -2.75 17.03 3.39
CA GLN B 100 -1.75 17.36 2.40
C GLN B 100 -2.27 17.26 0.97
N ASP B 101 -3.44 16.71 0.81
CA ASP B 101 -4.02 16.60 -0.51
C ASP B 101 -5.46 17.01 -0.57
N ARG B 102 -6.36 16.05 -0.59
CA ARG B 102 -7.76 16.31 -0.67
C ARG B 102 -8.54 16.13 0.61
N ALA B 103 -7.96 15.50 1.63
CA ALA B 103 -8.63 15.26 2.92
C ALA B 103 -9.92 14.44 2.82
N GLU B 104 -9.93 13.68 1.79
CA GLU B 104 -10.96 12.80 1.32
C GLU B 104 -10.49 11.75 0.34
N THR B 105 -11.04 10.54 0.47
CA THR B 105 -10.84 9.36 -0.40
C THR B 105 -12.25 9.03 -0.90
N THR B 106 -12.39 8.82 -2.19
CA THR B 106 -13.66 8.69 -2.78
C THR B 106 -13.89 7.58 -3.73
N ILE B 107 -14.99 6.94 -3.56
CA ILE B 107 -15.39 5.87 -4.43
C ILE B 107 -16.85 6.16 -4.84
N GLY B 108 -17.11 6.05 -6.12
CA GLY B 108 -18.42 6.32 -6.68
C GLY B 108 -19.36 5.13 -6.55
N ASP B 109 -19.89 4.71 -7.69
CA ASP B 109 -20.99 3.74 -7.76
C ASP B 109 -20.69 2.54 -8.64
N HIS B 110 -21.33 1.41 -8.33
CA HIS B 110 -21.28 0.23 -9.19
C HIS B 110 -19.87 -0.42 -9.36
N ASN B 111 -19.02 -0.18 -8.38
CA ASN B 111 -17.67 -0.69 -8.46
C ASN B 111 -17.63 -2.06 -7.84
N LEU B 112 -16.79 -2.89 -8.44
CA LEU B 112 -16.53 -4.20 -7.89
C LEU B 112 -15.08 -4.25 -7.42
N ILE B 113 -14.90 -4.42 -6.10
CA ILE B 113 -13.55 -4.41 -5.48
C ILE B 113 -13.28 -5.75 -4.78
N MET B 114 -12.41 -6.54 -5.42
CA MET B 114 -12.22 -7.92 -5.05
C MET B 114 -11.22 -8.10 -3.90
N ALA B 115 -10.99 -9.34 -3.50
CA ALA B 115 -10.39 -9.62 -2.21
C ALA B 115 -8.98 -9.07 -2.09
N TYR B 116 -8.71 -8.48 -0.92
CA TYR B 116 -7.37 -7.99 -0.57
C TYR B 116 -6.85 -6.86 -1.43
N ALA B 117 -7.73 -6.26 -2.23
CA ALA B 117 -7.42 -5.03 -2.93
C ALA B 117 -7.15 -3.91 -1.92
N HIS B 118 -6.32 -2.95 -2.30
CA HIS B 118 -6.06 -1.82 -1.43
C HIS B 118 -6.38 -0.51 -2.15
N ILE B 119 -7.04 0.41 -1.43
CA ILE B 119 -7.35 1.73 -1.96
C ILE B 119 -6.79 2.76 -1.04
N GLY B 120 -5.65 3.32 -1.44
CA GLY B 120 -4.86 4.17 -0.59
C GLY B 120 -5.42 5.55 -0.41
N HIS B 121 -4.82 6.26 0.52
CA HIS B 121 -5.26 7.56 0.94
C HIS B 121 -5.40 8.46 -0.29
N ASP B 122 -6.47 9.26 -0.29
CA ASP B 122 -6.78 10.26 -1.29
C ASP B 122 -7.02 9.74 -2.67
N SER B 123 -7.40 8.49 -2.79
CA SER B 123 -7.67 7.92 -4.07
C SER B 123 -9.06 8.31 -4.48
N VAL B 124 -9.27 8.30 -5.77
CA VAL B 124 -10.54 8.65 -6.34
C VAL B 124 -10.90 7.60 -7.35
N ILE B 125 -11.90 6.81 -7.03
CA ILE B 125 -12.36 5.81 -7.95
C ILE B 125 -13.70 6.27 -8.47
N GLY B 126 -13.91 6.14 -9.75
CA GLY B 126 -15.16 6.62 -10.37
C GLY B 126 -16.27 5.60 -10.20
N ASN B 127 -16.84 5.19 -11.33
CA ASN B 127 -18.00 4.29 -11.40
C ASN B 127 -17.72 3.12 -12.35
N HIS B 128 -18.35 1.99 -12.09
CA HIS B 128 -18.21 0.82 -12.89
C HIS B 128 -16.81 0.21 -13.01
N CYS B 129 -15.93 0.52 -12.07
CA CYS B 129 -14.59 -0.02 -12.10
C CYS B 129 -14.57 -1.45 -11.53
N ILE B 130 -13.64 -2.25 -12.03
CA ILE B 130 -13.37 -3.53 -11.38
C ILE B 130 -11.92 -3.65 -10.97
N LEU B 131 -11.70 -3.76 -9.66
CA LEU B 131 -10.37 -4.04 -9.11
C LEU B 131 -10.35 -5.51 -8.69
N VAL B 132 -9.67 -6.34 -9.48
CA VAL B 132 -9.52 -7.74 -9.17
C VAL B 132 -8.52 -7.96 -8.00
N ASN B 133 -8.53 -9.16 -7.41
CA ASN B 133 -7.78 -9.49 -6.20
C ASN B 133 -6.37 -8.87 -6.09
N ASN B 134 -6.10 -8.24 -4.97
CA ASN B 134 -4.79 -7.74 -4.63
C ASN B 134 -4.29 -6.58 -5.52
N THR B 135 -5.24 -5.91 -6.19
CA THR B 135 -4.96 -4.71 -6.90
C THR B 135 -4.73 -3.67 -5.85
N ALA B 136 -3.64 -2.93 -5.99
CA ALA B 136 -3.27 -1.98 -4.97
C ALA B 136 -3.11 -0.61 -5.61
N LEU B 137 -3.77 0.37 -5.03
CA LEU B 137 -3.61 1.78 -5.39
C LEU B 137 -2.87 2.46 -4.26
N ALA B 138 -1.66 2.94 -4.53
CA ALA B 138 -0.75 3.39 -3.46
C ALA B 138 -1.19 4.63 -2.70
N GLY B 139 -1.86 5.55 -3.39
CA GLY B 139 -2.20 6.86 -2.83
C GLY B 139 -2.34 7.90 -3.96
N HIS B 140 -3.35 8.76 -3.85
CA HIS B 140 -3.59 9.88 -4.78
C HIS B 140 -3.83 9.33 -6.17
N VAL B 141 -4.42 8.16 -6.25
CA VAL B 141 -4.58 7.48 -7.53
C VAL B 141 -5.99 7.72 -8.00
N HIS B 142 -6.14 8.10 -9.28
CA HIS B 142 -7.46 8.45 -9.83
C HIS B 142 -7.84 7.39 -10.86
N VAL B 143 -8.88 6.62 -10.56
CA VAL B 143 -9.32 5.61 -11.50
C VAL B 143 -10.68 5.99 -12.08
N ASP B 144 -10.71 6.13 -13.38
CA ASP B 144 -11.84 6.69 -14.05
C ASP B 144 -12.82 5.58 -14.50
N ASP B 145 -14.06 5.99 -14.81
CA ASP B 145 -15.18 5.07 -15.00
C ASP B 145 -14.87 3.87 -15.93
N TRP B 146 -15.43 2.70 -15.62
CA TRP B 146 -15.26 1.42 -16.38
C TRP B 146 -13.87 0.76 -16.45
N ALA B 147 -12.89 1.28 -15.74
CA ALA B 147 -11.53 0.75 -15.87
C ALA B 147 -11.54 -0.67 -15.25
N ILE B 148 -10.73 -1.54 -15.82
CA ILE B 148 -10.55 -2.83 -15.23
C ILE B 148 -9.10 -3.13 -14.91
N LEU B 149 -8.84 -3.43 -13.64
CA LEU B 149 -7.48 -3.75 -13.19
C LEU B 149 -7.43 -5.24 -12.76
N SER B 150 -6.72 -6.04 -13.56
CA SER B 150 -6.56 -7.44 -13.27
C SER B 150 -5.77 -7.70 -12.00
N GLY B 151 -5.83 -8.93 -11.52
CA GLY B 151 -5.27 -9.29 -10.19
C GLY B 151 -3.82 -8.90 -9.99
N TYR B 152 -3.52 -8.44 -8.80
CA TYR B 152 -2.15 -8.02 -8.47
C TYR B 152 -1.63 -6.92 -9.42
N THR B 153 -2.50 -6.05 -9.87
CA THR B 153 -2.06 -4.83 -10.54
C THR B 153 -1.66 -3.83 -9.48
N LEU B 154 -0.51 -3.22 -9.66
CA LEU B 154 0.04 -2.26 -8.71
C LEU B 154 0.02 -0.89 -9.39
N VAL B 155 -0.46 0.12 -8.68
CA VAL B 155 -0.48 1.49 -9.19
C VAL B 155 0.26 2.45 -8.27
N HIS B 156 1.32 2.98 -8.83
CA HIS B 156 2.18 3.93 -8.18
C HIS B 156 1.39 5.16 -7.90
N GLN B 157 1.69 5.75 -6.77
CA GLN B 157 1.05 6.95 -6.28
C GLN B 157 1.05 8.10 -7.28
N TYR B 158 -0.10 8.73 -7.40
CA TYR B 158 -0.42 9.86 -8.25
C TYR B 158 -0.75 9.50 -9.67
N CYS B 159 -0.72 8.23 -10.02
CA CYS B 159 -1.02 7.84 -11.36
C CYS B 159 -2.47 7.90 -11.57
N ARG B 160 -2.84 8.26 -12.78
CA ARG B 160 -4.22 8.29 -13.25
C ARG B 160 -4.45 7.11 -14.19
N ILE B 161 -5.58 6.46 -14.00
CA ILE B 161 -5.92 5.30 -14.74
C ILE B 161 -7.14 5.70 -15.58
N GLY B 162 -6.93 5.70 -16.90
CA GLY B 162 -7.93 6.28 -17.76
C GLY B 162 -9.19 5.43 -17.89
N ALA B 163 -10.28 6.08 -18.29
CA ALA B 163 -11.60 5.43 -18.40
C ALA B 163 -11.55 4.29 -19.43
N HIS B 164 -12.29 3.22 -19.14
CA HIS B 164 -12.30 2.04 -19.99
C HIS B 164 -10.95 1.38 -20.22
N SER B 165 -9.91 1.75 -19.48
CA SER B 165 -8.63 1.09 -19.62
C SER B 165 -8.65 -0.37 -19.09
N PHE B 166 -7.64 -1.13 -19.51
CA PHE B 166 -7.45 -2.47 -18.99
C PHE B 166 -6.01 -2.79 -18.61
N SER B 167 -5.80 -3.40 -17.43
CA SER B 167 -4.47 -3.95 -17.05
C SER B 167 -4.49 -5.45 -16.94
N GLY B 168 -3.47 -6.09 -17.53
CA GLY B 168 -3.19 -7.50 -17.35
C GLY B 168 -2.74 -7.85 -15.93
N MET B 169 -2.73 -9.13 -15.60
CA MET B 169 -2.46 -9.51 -14.23
C MET B 169 -1.00 -9.32 -13.87
N GLY B 170 -0.76 -8.87 -12.64
CA GLY B 170 0.59 -8.55 -12.19
C GLY B 170 1.25 -7.35 -12.83
N SER B 171 0.48 -6.49 -13.49
CA SER B 171 1.03 -5.25 -14.06
C SER B 171 1.54 -4.34 -12.96
N ALA B 172 2.68 -3.70 -13.19
CA ALA B 172 3.20 -2.69 -12.28
C ALA B 172 3.18 -1.37 -13.00
N ILE B 173 2.18 -0.56 -12.69
CA ILE B 173 1.97 0.74 -13.35
C ILE B 173 2.62 1.94 -12.64
N GLY B 174 3.62 2.49 -13.28
CA GLY B 174 4.30 3.63 -12.73
C GLY B 174 3.91 4.94 -13.36
N LYS B 175 3.22 4.88 -14.49
CA LYS B 175 2.79 6.06 -15.19
C LYS B 175 1.33 6.02 -15.47
N ASP B 176 0.87 7.12 -15.98
CA ASP B 176 -0.49 7.27 -16.30
C ASP B 176 -0.88 6.36 -17.44
N VAL B 177 -2.02 5.76 -17.28
CA VAL B 177 -2.57 4.93 -18.31
C VAL B 177 -3.71 5.69 -18.98
N PRO B 178 -3.58 5.92 -20.30
CA PRO B 178 -4.63 6.67 -20.98
C PRO B 178 -5.91 5.87 -21.09
N ALA B 179 -7.00 6.58 -21.29
CA ALA B 179 -8.31 5.99 -21.41
C ALA B 179 -8.28 5.02 -22.54
N TYR B 180 -9.01 3.92 -22.37
CA TYR B 180 -9.09 2.81 -23.33
C TYR B 180 -7.84 1.93 -23.55
N VAL B 181 -6.68 2.27 -22.99
CA VAL B 181 -5.46 1.53 -23.29
C VAL B 181 -5.36 0.24 -22.50
N THR B 182 -4.77 -0.78 -23.09
CA THR B 182 -4.45 -1.99 -22.36
C THR B 182 -2.95 -2.00 -22.05
N VAL B 183 -2.61 -2.34 -20.81
CA VAL B 183 -1.22 -2.42 -20.36
C VAL B 183 -0.99 -3.79 -19.72
N PHE B 184 0.25 -4.24 -19.77
CA PHE B 184 0.69 -5.50 -19.22
C PHE B 184 2.11 -5.39 -18.81
N GLY B 185 2.51 -6.15 -17.79
CA GLY B 185 3.92 -6.29 -17.43
C GLY B 185 4.39 -5.43 -16.28
N ASN B 186 5.62 -5.72 -15.84
CA ASN B 186 6.32 -4.98 -14.82
C ASN B 186 7.70 -4.67 -15.41
N PRO B 187 7.97 -3.45 -15.88
CA PRO B 187 7.08 -2.33 -15.77
C PRO B 187 5.97 -2.41 -16.80
N ALA B 188 4.84 -1.79 -16.49
CA ALA B 188 3.71 -1.84 -17.39
C ALA B 188 4.03 -1.23 -18.76
N GLU B 189 3.49 -1.84 -19.80
CA GLU B 189 3.70 -1.36 -21.14
C GLU B 189 2.44 -1.35 -21.98
N ALA B 190 2.37 -0.34 -22.82
CA ALA B 190 1.22 -0.14 -23.65
C ALA B 190 1.19 -1.18 -24.74
N ARG B 191 0.06 -1.84 -24.88
CA ARG B 191 -0.07 -2.84 -25.87
C ARG B 191 -0.97 -2.47 -27.00
N SER B 192 -2.18 -2.10 -26.69
CA SER B 192 -3.17 -1.81 -27.68
C SER B 192 -4.25 -1.09 -26.97
N MET B 193 -5.47 -1.17 -27.48
CA MET B 193 -6.59 -0.62 -26.82
C MET B 193 -7.52 -1.71 -26.34
N ASN B 194 -8.45 -1.34 -25.49
CA ASN B 194 -9.34 -2.30 -24.87
C ASN B 194 -10.59 -2.52 -25.69
N PHE B 195 -10.41 -3.12 -26.85
CA PHE B 195 -11.50 -3.36 -27.79
C PHE B 195 -12.59 -4.26 -27.19
N GLU B 196 -12.19 -5.24 -26.42
CA GLU B 196 -13.12 -6.11 -25.72
C GLU B 196 -14.03 -5.31 -24.77
N GLY B 197 -13.46 -4.38 -24.03
CA GLY B 197 -14.25 -3.50 -23.17
C GLY B 197 -15.25 -2.66 -23.95
N MET B 198 -14.73 -2.04 -25.01
CA MET B 198 -15.51 -1.19 -25.90
C MET B 198 -16.68 -1.94 -26.49
N ARG B 199 -16.53 -3.24 -26.69
CA ARG B 199 -17.57 -4.07 -27.26
C ARG B 199 -18.55 -4.56 -26.27
N ARG B 200 -18.05 -4.94 -25.12
CA ARG B 200 -18.91 -5.27 -24.02
C ARG B 200 -19.74 -4.09 -23.58
N ARG B 201 -19.34 -2.92 -24.01
CA ARG B 201 -20.03 -1.73 -23.61
C ARG B 201 -20.86 -1.16 -24.71
N GLY B 202 -20.80 -1.74 -25.90
CA GLY B 202 -21.57 -1.23 -27.02
C GLY B 202 -21.10 0.01 -27.71
N PHE B 203 -19.82 0.36 -27.66
CA PHE B 203 -19.30 1.49 -28.42
C PHE B 203 -19.55 1.26 -29.91
N SER B 204 -19.83 2.33 -30.64
CA SER B 204 -20.00 2.27 -32.09
C SER B 204 -18.69 1.97 -32.80
N SER B 205 -18.84 1.46 -34.01
CA SER B 205 -17.72 1.11 -34.84
C SER B 205 -16.98 2.36 -35.29
N GLU B 206 -17.69 3.47 -35.36
CA GLU B 206 -17.08 4.71 -35.80
C GLU B 206 -16.15 5.24 -34.71
N ALA B 207 -16.60 5.16 -33.47
CA ALA B 207 -15.80 5.57 -32.32
C ALA B 207 -14.54 4.70 -32.17
N ILE B 208 -14.72 3.40 -32.35
CA ILE B 208 -13.61 2.44 -32.26
C ILE B 208 -12.54 2.75 -33.28
N HIS B 209 -12.97 3.03 -34.48
CA HIS B 209 -12.11 3.35 -35.58
C HIS B 209 -11.38 4.61 -35.26
N ALA B 210 -12.08 5.60 -34.72
CA ALA B 210 -11.42 6.84 -34.38
C ALA B 210 -10.46 6.61 -33.22
N LEU B 211 -10.85 5.79 -32.28
CA LEU B 211 -9.97 5.47 -31.16
C LEU B 211 -8.68 4.82 -31.67
N ARG B 212 -8.83 3.95 -32.66
CA ARG B 212 -7.72 3.22 -33.25
C ARG B 212 -6.73 4.12 -33.95
N ARG B 213 -7.17 5.20 -34.57
CA ARG B 213 -6.25 6.07 -35.27
C ARG B 213 -5.57 6.94 -34.28
N ALA B 214 -6.29 7.27 -33.24
CA ALA B 214 -5.79 8.09 -32.16
C ALA B 214 -4.56 7.46 -31.54
N TYR B 215 -4.64 6.18 -31.27
CA TYR B 215 -3.56 5.41 -30.71
C TYR B 215 -2.30 5.59 -31.53
N LYS B 216 -2.41 5.43 -32.84
CA LYS B 216 -1.28 5.58 -33.74
C LYS B 216 -0.59 6.92 -33.62
N VAL B 217 -1.41 7.96 -33.63
CA VAL B 217 -0.95 9.33 -33.48
C VAL B 217 -0.14 9.45 -32.23
N VAL B 218 -0.60 8.86 -31.16
CA VAL B 218 0.14 8.94 -29.91
C VAL B 218 1.35 7.99 -29.81
N TYR B 219 1.19 6.74 -30.19
CA TYR B 219 2.22 5.73 -29.88
C TYR B 219 3.16 5.33 -31.02
N ARG B 220 2.67 5.48 -32.24
CA ARG B 220 3.35 4.93 -33.40
C ARG B 220 3.87 5.86 -34.46
N GLN B 221 3.90 7.15 -34.23
CA GLN B 221 4.33 8.06 -35.30
C GLN B 221 5.43 8.97 -34.83
N GLY B 222 6.05 8.62 -33.73
CA GLY B 222 7.15 9.40 -33.19
C GLY B 222 6.99 10.83 -32.72
N HIS B 223 5.81 11.23 -32.29
CA HIS B 223 5.63 12.57 -31.82
C HIS B 223 5.95 12.71 -30.37
N THR B 224 6.21 13.94 -29.98
CA THR B 224 6.39 14.27 -28.62
C THR B 224 4.93 14.35 -28.24
N VAL B 225 4.65 14.37 -26.96
CA VAL B 225 3.30 14.42 -26.51
C VAL B 225 2.53 15.63 -27.01
N GLU B 226 3.17 16.79 -27.08
CA GLU B 226 2.45 17.96 -27.57
C GLU B 226 2.16 17.90 -29.02
N GLU B 227 3.04 17.30 -29.79
CA GLU B 227 2.81 17.17 -31.20
C GLU B 227 1.57 16.35 -31.33
N ALA B 228 1.52 15.30 -30.54
CA ALA B 228 0.42 14.37 -30.55
C ALA B 228 -0.92 14.95 -30.24
N LEU B 229 -0.97 15.71 -29.18
CA LEU B 229 -2.20 16.39 -28.75
C LEU B 229 -2.75 17.32 -29.81
N ALA B 230 -1.89 18.11 -30.46
CA ALA B 230 -2.36 18.92 -31.58
C ALA B 230 -3.04 18.08 -32.68
N GLU B 231 -2.39 17.00 -33.10
CA GLU B 231 -2.86 16.15 -34.21
C GLU B 231 -4.20 15.52 -33.87
N LEU B 232 -4.47 15.37 -32.59
CA LEU B 232 -5.76 14.79 -32.17
C LEU B 232 -6.85 15.81 -32.04
N ALA B 233 -6.49 17.10 -32.04
CA ALA B 233 -7.51 18.15 -31.93
C ALA B 233 -8.74 17.90 -32.77
N GLU B 234 -8.52 17.61 -34.04
CA GLU B 234 -9.61 17.33 -34.96
C GLU B 234 -10.49 16.25 -34.48
N SER B 235 -9.90 15.07 -34.38
CA SER B 235 -10.70 13.91 -34.06
C SER B 235 -11.28 14.07 -32.66
N ALA B 236 -10.55 14.72 -31.76
CA ALA B 236 -11.12 14.98 -30.43
C ALA B 236 -12.31 15.92 -30.52
N ALA B 237 -12.27 16.86 -31.47
CA ALA B 237 -13.45 17.67 -31.73
C ALA B 237 -14.62 16.93 -32.35
N GLN B 238 -14.37 15.87 -33.11
CA GLN B 238 -15.44 15.10 -33.78
C GLN B 238 -16.04 14.06 -32.88
N PHE B 239 -15.16 13.34 -32.19
CA PHE B 239 -15.57 12.21 -31.38
C PHE B 239 -15.32 12.45 -29.92
N PRO B 240 -16.43 12.32 -29.13
CA PRO B 240 -16.21 12.48 -27.71
C PRO B 240 -15.23 11.44 -27.10
N GLU B 241 -15.23 10.23 -27.65
CA GLU B 241 -14.43 9.15 -27.11
C GLU B 241 -12.95 9.54 -27.24
N VAL B 242 -12.62 10.06 -28.41
CA VAL B 242 -11.27 10.56 -28.68
C VAL B 242 -10.88 11.79 -27.78
N ALA B 243 -11.88 12.57 -27.38
CA ALA B 243 -11.64 13.71 -26.52
C ALA B 243 -11.26 13.22 -25.09
N VAL B 244 -11.98 12.20 -24.62
CA VAL B 244 -11.64 11.55 -23.33
C VAL B 244 -10.19 11.05 -23.34
N PHE B 245 -9.84 10.32 -24.41
CA PHE B 245 -8.47 9.90 -24.68
C PHE B 245 -7.51 11.09 -24.65
N ARG B 246 -7.82 12.12 -25.42
CA ARG B 246 -6.90 13.27 -25.56
C ARG B 246 -6.76 13.94 -24.20
N ASP B 247 -7.89 14.15 -23.56
CA ASP B 247 -7.89 14.76 -22.23
C ASP B 247 -6.99 13.95 -21.25
N SER B 248 -7.09 12.63 -21.32
CA SER B 248 -6.36 11.76 -20.37
C SER B 248 -4.85 11.92 -20.56
N ILE B 249 -4.46 12.07 -21.80
CA ILE B 249 -3.09 12.32 -22.11
C ILE B 249 -2.69 13.73 -21.65
N GLN B 250 -3.58 14.69 -21.78
CA GLN B 250 -3.27 16.06 -21.39
C GLN B 250 -3.09 16.25 -19.91
N SER B 251 -3.87 15.55 -19.14
CA SER B 251 -3.81 15.64 -17.72
C SER B 251 -2.70 14.80 -17.07
N ALA B 252 -1.89 14.11 -17.86
CA ALA B 252 -0.82 13.31 -17.30
C ALA B 252 0.29 14.08 -16.66
N THR B 253 0.58 13.73 -15.43
CA THR B 253 1.64 14.40 -14.71
C THR B 253 2.92 13.58 -14.61
N ARG B 254 2.80 12.27 -14.67
CA ARG B 254 3.94 11.43 -14.55
C ARG B 254 4.27 10.83 -15.88
N GLY B 255 3.71 11.38 -16.93
CA GLY B 255 3.93 10.86 -18.25
C GLY B 255 2.92 9.79 -18.57
N ILE B 256 3.07 9.18 -19.73
CA ILE B 256 2.19 8.13 -20.10
C ILE B 256 2.92 6.86 -20.28
N THR B 257 2.18 5.80 -20.08
CA THR B 257 2.71 4.47 -20.20
C THR B 257 2.87 4.21 -21.71
N ARG B 258 4.09 3.95 -22.15
CA ARG B 258 4.39 3.68 -23.54
C ARG B 258 4.66 2.19 -23.80
N LEU C 3 -15.00 -28.58 22.58
CA LEU C 3 -14.49 -28.79 21.19
C LEU C 3 -15.02 -27.75 20.23
N ILE C 4 -16.32 -27.55 20.28
CA ILE C 4 -16.97 -26.44 19.63
C ILE C 4 -17.14 -25.26 20.60
N ASP C 5 -16.32 -24.23 20.39
CA ASP C 5 -16.38 -23.01 21.19
C ASP C 5 -17.79 -22.45 21.17
N PRO C 6 -18.28 -22.01 22.35
CA PRO C 6 -19.65 -21.47 22.41
C PRO C 6 -19.82 -20.11 21.79
N ARG C 7 -18.72 -19.46 21.40
CA ARG C 7 -18.79 -18.17 20.70
C ARG C 7 -18.81 -18.33 19.20
N ALA C 8 -18.71 -19.56 18.73
CA ALA C 8 -18.85 -19.83 17.30
C ALA C 8 -20.34 -19.93 16.92
N ILE C 9 -20.63 -19.81 15.63
CA ILE C 9 -21.99 -19.89 15.14
C ILE C 9 -22.10 -21.08 14.19
N ILE C 10 -22.94 -22.04 14.56
CA ILE C 10 -23.09 -23.25 13.79
C ILE C 10 -24.51 -23.30 13.30
N ASP C 11 -24.70 -23.21 12.00
CA ASP C 11 -26.04 -23.27 11.43
C ASP C 11 -26.68 -24.64 11.67
N PRO C 12 -27.96 -24.67 12.07
CA PRO C 12 -28.66 -25.95 12.27
C PRO C 12 -28.46 -26.99 11.16
N SER C 13 -28.35 -26.53 9.91
CA SER C 13 -28.15 -27.42 8.78
C SER C 13 -26.77 -27.98 8.54
N ALA C 14 -25.75 -27.47 9.20
CA ALA C 14 -24.41 -27.98 9.08
C ALA C 14 -24.26 -29.38 9.69
N ARG C 15 -23.29 -30.15 9.27
CA ARG C 15 -23.09 -31.48 9.79
C ARG C 15 -21.69 -31.64 10.18
N LEU C 16 -21.46 -31.93 11.45
CA LEU C 16 -20.12 -32.06 11.93
C LEU C 16 -19.82 -33.36 12.56
N ALA C 17 -18.67 -33.90 12.21
CA ALA C 17 -18.20 -35.13 12.77
C ALA C 17 -17.93 -34.93 14.25
N ALA C 18 -17.99 -36.02 14.98
CA ALA C 18 -17.86 -36.05 16.42
C ALA C 18 -16.74 -35.21 17.02
N ASP C 19 -15.49 -35.46 16.67
CA ASP C 19 -14.33 -34.70 17.21
C ASP C 19 -13.93 -33.43 16.42
N VAL C 20 -14.84 -32.84 15.68
CA VAL C 20 -14.52 -31.57 15.02
C VAL C 20 -14.34 -30.41 16.03
N GLN C 21 -13.19 -29.73 15.96
CA GLN C 21 -12.99 -28.50 16.75
C GLN C 21 -13.28 -27.24 15.94
N VAL C 22 -14.02 -26.32 16.54
CA VAL C 22 -14.30 -25.02 15.98
C VAL C 22 -13.93 -23.95 17.02
N GLY C 23 -13.04 -23.04 16.62
CA GLY C 23 -12.60 -21.98 17.49
C GLY C 23 -13.64 -20.88 17.61
N PRO C 24 -13.40 -19.95 18.52
CA PRO C 24 -14.31 -18.85 18.77
C PRO C 24 -14.44 -17.90 17.59
N TRP C 25 -15.63 -17.32 17.48
CA TRP C 25 -15.97 -16.37 16.45
C TRP C 25 -15.87 -16.91 15.02
N SER C 26 -15.98 -18.22 14.86
CA SER C 26 -16.05 -18.79 13.54
C SER C 26 -17.50 -19.06 13.24
N ILE C 27 -17.83 -19.06 11.94
CA ILE C 27 -19.17 -19.30 11.42
C ILE C 27 -19.13 -20.51 10.51
N VAL C 28 -19.84 -21.56 10.88
CA VAL C 28 -20.03 -22.72 10.00
C VAL C 28 -21.45 -22.63 9.45
N GLY C 29 -21.59 -22.23 8.19
CA GLY C 29 -22.87 -21.88 7.63
C GLY C 29 -23.71 -23.02 7.09
N ALA C 30 -24.84 -22.68 6.50
CA ALA C 30 -25.78 -23.66 6.01
C ALA C 30 -25.11 -24.57 4.99
N GLU C 31 -25.35 -25.86 5.14
CA GLU C 31 -24.90 -26.89 4.22
C GLU C 31 -23.41 -27.11 4.17
N VAL C 32 -22.76 -26.98 5.30
CA VAL C 32 -21.39 -27.23 5.42
C VAL C 32 -21.23 -28.56 6.14
N GLU C 33 -20.39 -29.42 5.64
CA GLU C 33 -20.13 -30.67 6.21
C GLU C 33 -18.66 -30.64 6.54
N ILE C 34 -18.31 -31.16 7.70
CA ILE C 34 -16.97 -31.21 8.17
C ILE C 34 -16.70 -32.59 8.68
N GLY C 35 -15.60 -33.17 8.27
CA GLY C 35 -15.27 -34.55 8.59
C GLY C 35 -14.40 -34.69 9.84
N GLU C 36 -14.37 -35.90 10.33
CA GLU C 36 -13.69 -36.28 11.53
C GLU C 36 -12.29 -35.70 11.65
N GLY C 37 -11.96 -35.22 12.85
CA GLY C 37 -10.63 -34.73 13.20
C GLY C 37 -10.24 -33.36 12.63
N THR C 38 -11.15 -32.68 11.97
CA THR C 38 -10.80 -31.42 11.35
C THR C 38 -10.88 -30.31 12.40
N VAL C 39 -9.90 -29.42 12.36
CA VAL C 39 -9.79 -28.33 13.26
C VAL C 39 -9.99 -26.98 12.54
N ILE C 40 -11.08 -26.32 12.84
CA ILE C 40 -11.37 -25.01 12.35
C ILE C 40 -10.94 -24.00 13.43
N GLY C 41 -10.05 -23.08 13.07
CA GLY C 41 -9.59 -22.09 14.01
C GLY C 41 -10.64 -21.06 14.35
N PRO C 42 -10.18 -20.00 15.06
CA PRO C 42 -10.99 -18.82 15.32
C PRO C 42 -11.07 -17.89 14.07
N HIS C 43 -12.11 -17.10 13.96
CA HIS C 43 -12.29 -16.12 12.89
C HIS C 43 -12.33 -16.75 11.52
N VAL C 44 -12.91 -17.94 11.41
CA VAL C 44 -13.04 -18.56 10.08
C VAL C 44 -14.45 -18.45 9.60
N VAL C 45 -14.61 -18.09 8.33
CA VAL C 45 -15.93 -18.13 7.70
C VAL C 45 -16.04 -19.30 6.75
N LEU C 46 -16.98 -20.19 7.02
CA LEU C 46 -17.25 -21.31 6.15
C LEU C 46 -18.65 -21.17 5.59
N LYS C 47 -18.78 -21.36 4.28
CA LYS C 47 -20.06 -21.22 3.60
C LYS C 47 -20.24 -22.40 2.65
N GLY C 48 -21.47 -22.75 2.35
CA GLY C 48 -21.80 -23.95 1.58
C GLY C 48 -22.63 -23.68 0.34
N PRO C 49 -23.10 -24.73 -0.45
CA PRO C 49 -22.74 -26.11 -0.06
C PRO C 49 -21.27 -26.55 -0.11
N THR C 50 -20.76 -27.07 0.98
CA THR C 50 -19.35 -27.41 1.06
C THR C 50 -19.12 -28.68 1.84
N LYS C 51 -18.23 -29.51 1.33
CA LYS C 51 -17.83 -30.70 2.05
C LYS C 51 -16.36 -30.63 2.42
N ILE C 52 -16.07 -30.76 3.71
CA ILE C 52 -14.69 -30.79 4.16
C ILE C 52 -14.39 -32.15 4.80
N GLY C 53 -13.33 -32.82 4.36
CA GLY C 53 -13.04 -34.12 4.86
C GLY C 53 -12.45 -34.14 6.26
N LYS C 54 -11.48 -35.01 6.44
CA LYS C 54 -10.98 -35.36 7.74
C LYS C 54 -9.60 -34.79 7.98
N HIS C 55 -9.23 -34.56 9.24
CA HIS C 55 -7.89 -34.11 9.60
C HIS C 55 -7.30 -32.89 8.91
N ASN C 56 -8.18 -31.96 8.61
CA ASN C 56 -7.81 -30.70 8.03
C ASN C 56 -7.62 -29.60 9.07
N ARG C 57 -6.88 -28.61 8.67
CA ARG C 57 -6.61 -27.47 9.47
C ARG C 57 -6.86 -26.19 8.70
N ILE C 58 -7.81 -25.41 9.18
CA ILE C 58 -8.15 -24.16 8.57
C ILE C 58 -7.87 -23.03 9.57
N TYR C 59 -6.92 -22.19 9.24
CA TYR C 59 -6.50 -21.10 10.09
C TYR C 59 -7.38 -19.89 10.00
N GLN C 60 -7.14 -18.97 10.88
CA GLN C 60 -7.87 -17.75 11.00
C GLN C 60 -7.98 -16.83 9.81
N PHE C 61 -9.12 -16.22 9.67
CA PHE C 61 -9.38 -15.14 8.70
C PHE C 61 -9.58 -15.70 7.30
N SER C 62 -9.71 -17.00 7.24
CA SER C 62 -10.01 -17.67 6.00
C SER C 62 -11.50 -17.57 5.66
N SER C 63 -11.77 -17.36 4.38
CA SER C 63 -13.09 -17.50 3.81
C SER C 63 -13.14 -18.75 2.92
N VAL C 64 -13.75 -19.83 3.40
CA VAL C 64 -13.83 -21.06 2.64
C VAL C 64 -15.29 -21.32 2.24
N GLY C 65 -15.53 -21.37 0.93
CA GLY C 65 -16.84 -21.68 0.41
C GLY C 65 -17.70 -20.47 0.12
N GLU C 66 -17.08 -19.32 -0.07
CA GLU C 66 -17.82 -18.14 -0.51
C GLU C 66 -18.18 -18.23 -1.98
N ASP C 67 -19.19 -17.47 -2.38
CA ASP C 67 -19.52 -17.26 -3.80
C ASP C 67 -18.41 -16.54 -4.53
N THR C 68 -18.07 -17.00 -5.71
CA THR C 68 -17.22 -16.22 -6.59
C THR C 68 -17.84 -14.84 -6.93
N PRO C 69 -17.02 -13.79 -7.02
CA PRO C 69 -17.48 -12.49 -7.44
C PRO C 69 -17.62 -12.40 -8.97
N ASP C 70 -17.30 -13.49 -9.65
CA ASP C 70 -17.54 -13.58 -11.09
C ASP C 70 -18.94 -13.03 -11.39
N LEU C 71 -19.00 -12.01 -12.22
CA LEU C 71 -20.24 -11.40 -12.59
C LEU C 71 -21.22 -12.37 -13.24
N LYS C 72 -20.73 -13.52 -13.68
CA LYS C 72 -21.55 -14.53 -14.29
C LYS C 72 -22.29 -15.35 -13.28
N TYR C 73 -21.67 -15.69 -12.17
CA TYR C 73 -22.32 -16.45 -11.14
C TYR C 73 -23.57 -15.72 -10.72
N LYS C 74 -24.65 -16.44 -10.56
CA LYS C 74 -25.90 -15.80 -10.18
C LYS C 74 -26.69 -16.48 -9.09
N GLY C 75 -26.05 -16.80 -7.98
CA GLY C 75 -26.74 -17.41 -6.86
C GLY C 75 -27.00 -18.89 -6.83
N GLU C 76 -26.62 -19.59 -7.86
CA GLU C 76 -26.84 -21.00 -7.93
C GLU C 76 -26.16 -21.75 -6.83
N PRO C 77 -26.63 -23.03 -6.60
CA PRO C 77 -25.96 -23.75 -5.52
C PRO C 77 -24.79 -24.64 -5.90
N THR C 78 -23.74 -24.01 -6.36
CA THR C 78 -22.54 -24.72 -6.73
C THR C 78 -21.80 -25.20 -5.50
N ARG C 79 -20.91 -26.15 -5.70
CA ARG C 79 -20.16 -26.76 -4.63
C ARG C 79 -18.67 -26.51 -4.51
N LEU C 80 -18.14 -27.07 -3.46
CA LEU C 80 -16.75 -27.10 -3.09
C LEU C 80 -16.56 -28.35 -2.27
N VAL C 81 -15.59 -29.15 -2.65
CA VAL C 81 -15.26 -30.35 -1.98
C VAL C 81 -13.80 -30.32 -1.59
N ILE C 82 -13.50 -30.60 -0.34
CA ILE C 82 -12.12 -30.63 0.10
C ILE C 82 -11.87 -31.96 0.76
N GLY C 83 -10.77 -32.59 0.41
CA GLY C 83 -10.43 -33.90 0.91
C GLY C 83 -9.88 -33.92 2.30
N ASP C 84 -8.83 -34.70 2.52
CA ASP C 84 -8.27 -34.92 3.88
C ASP C 84 -6.82 -34.44 4.06
N HIS C 85 -6.46 -34.21 5.31
CA HIS C 85 -5.09 -33.88 5.65
C HIS C 85 -4.58 -32.60 4.99
N ASN C 86 -5.47 -31.66 4.77
CA ASN C 86 -5.08 -30.37 4.22
C ASN C 86 -4.82 -29.32 5.31
N VAL C 87 -3.93 -28.42 5.00
CA VAL C 87 -3.64 -27.30 5.85
C VAL C 87 -3.87 -26.03 5.05
N ILE C 88 -4.84 -25.26 5.52
CA ILE C 88 -5.24 -24.02 4.96
C ILE C 88 -4.89 -22.94 5.95
N ARG C 89 -3.95 -22.11 5.57
CA ARG C 89 -3.42 -21.12 6.46
C ARG C 89 -4.27 -19.83 6.56
N GLU C 90 -3.66 -18.77 7.07
CA GLU C 90 -4.31 -17.52 7.38
C GLU C 90 -4.79 -16.79 6.15
N GLY C 91 -6.02 -16.34 6.23
CA GLY C 91 -6.59 -15.48 5.18
C GLY C 91 -6.78 -16.12 3.81
N VAL C 92 -6.85 -17.43 3.75
CA VAL C 92 -7.01 -18.06 2.47
C VAL C 92 -8.45 -17.88 2.03
N THR C 93 -8.61 -17.57 0.75
CA THR C 93 -9.95 -17.55 0.14
C THR C 93 -10.16 -18.73 -0.81
N ILE C 94 -11.28 -19.43 -0.62
CA ILE C 94 -11.62 -20.56 -1.52
C ILE C 94 -13.08 -20.40 -1.90
N HIS C 95 -13.33 -20.37 -3.20
CA HIS C 95 -14.64 -20.06 -3.73
C HIS C 95 -15.24 -21.27 -4.36
N ARG C 96 -16.54 -21.35 -4.32
CA ARG C 96 -17.29 -22.45 -4.91
C ARG C 96 -17.38 -22.30 -6.44
N GLY C 97 -17.76 -23.35 -7.11
CA GLY C 97 -17.87 -23.39 -8.55
C GLY C 97 -18.91 -22.56 -9.26
N THR C 98 -19.09 -22.86 -10.52
CA THR C 98 -20.07 -22.19 -11.36
C THR C 98 -20.82 -23.20 -12.23
N VAL C 99 -22.01 -22.81 -12.62
CA VAL C 99 -22.82 -23.69 -13.44
C VAL C 99 -22.26 -23.66 -14.84
N GLN C 100 -21.57 -22.59 -15.16
CA GLN C 100 -20.98 -22.43 -16.44
C GLN C 100 -19.87 -23.40 -16.65
N ASP C 101 -19.44 -24.13 -15.63
CA ASP C 101 -18.32 -25.07 -15.73
C ASP C 101 -18.70 -26.36 -15.10
N ARG C 102 -18.08 -26.70 -13.99
CA ARG C 102 -18.32 -27.94 -13.27
C ARG C 102 -19.21 -27.74 -12.08
N ALA C 103 -19.62 -26.53 -11.82
CA ALA C 103 -20.44 -26.27 -10.65
C ALA C 103 -19.83 -26.73 -9.30
N GLU C 104 -18.53 -26.98 -9.28
CA GLU C 104 -17.75 -27.39 -8.13
C GLU C 104 -16.28 -27.01 -8.04
N THR C 105 -15.80 -26.59 -6.89
CA THR C 105 -14.39 -26.34 -6.74
C THR C 105 -13.91 -27.55 -5.96
N THR C 106 -12.79 -28.16 -6.36
CA THR C 106 -12.29 -29.36 -5.72
C THR C 106 -10.83 -29.36 -5.26
N ILE C 107 -10.59 -29.93 -4.09
CA ILE C 107 -9.27 -30.03 -3.54
C ILE C 107 -9.10 -31.44 -2.96
N GLY C 108 -8.00 -32.10 -3.30
CA GLY C 108 -7.71 -33.43 -2.79
C GLY C 108 -7.17 -33.55 -1.35
N ASP C 109 -6.09 -34.29 -1.17
CA ASP C 109 -5.54 -34.59 0.16
C ASP C 109 -4.09 -34.13 0.29
N HIS C 110 -3.67 -33.93 1.54
CA HIS C 110 -2.28 -33.58 1.85
C HIS C 110 -1.76 -32.27 1.17
N ASN C 111 -2.66 -31.33 0.94
CA ASN C 111 -2.26 -30.04 0.36
C ASN C 111 -1.94 -28.99 1.44
N LEU C 112 -0.96 -28.17 1.12
CA LEU C 112 -0.50 -27.14 2.02
C LEU C 112 -0.73 -25.82 1.32
N ILE C 113 -1.72 -25.09 1.82
CA ILE C 113 -2.13 -23.85 1.19
C ILE C 113 -1.87 -22.67 2.14
N MET C 114 -0.85 -21.91 1.77
CA MET C 114 -0.27 -20.93 2.65
C MET C 114 -1.05 -19.61 2.62
N ALA C 115 -0.68 -18.71 3.52
CA ALA C 115 -1.44 -17.50 3.78
C ALA C 115 -1.80 -16.64 2.55
N TYR C 116 -3.04 -16.21 2.51
CA TYR C 116 -3.57 -15.27 1.51
C TYR C 116 -3.62 -15.82 0.09
N ALA C 117 -3.45 -17.13 -0.06
CA ALA C 117 -3.59 -17.79 -1.34
C ALA C 117 -5.04 -17.75 -1.75
N HIS C 118 -5.29 -17.70 -3.04
CA HIS C 118 -6.67 -17.70 -3.52
C HIS C 118 -6.90 -18.88 -4.43
N ILE C 119 -7.98 -19.59 -4.20
CA ILE C 119 -8.38 -20.70 -5.05
C ILE C 119 -9.71 -20.36 -5.70
N GLY C 120 -9.62 -19.97 -6.98
CA GLY C 120 -10.79 -19.45 -7.68
C GLY C 120 -11.81 -20.48 -8.05
N HIS C 121 -13.04 -20.03 -8.24
CA HIS C 121 -14.13 -20.87 -8.72
C HIS C 121 -13.73 -21.88 -9.80
N ASP C 122 -14.20 -23.10 -9.61
CA ASP C 122 -14.02 -24.14 -10.58
C ASP C 122 -12.64 -24.70 -10.75
N SER C 123 -11.75 -24.37 -9.85
CA SER C 123 -10.41 -24.88 -9.89
C SER C 123 -10.40 -26.24 -9.28
N VAL C 124 -9.42 -27.02 -9.65
CA VAL C 124 -9.27 -28.36 -9.18
C VAL C 124 -7.86 -28.52 -8.70
N ILE C 125 -7.66 -29.07 -7.52
CA ILE C 125 -6.31 -29.30 -7.00
C ILE C 125 -6.25 -30.74 -6.61
N GLY C 126 -5.11 -31.36 -6.91
CA GLY C 126 -4.88 -32.77 -6.65
C GLY C 126 -4.44 -33.03 -5.24
N ASN C 127 -3.28 -33.67 -5.11
CA ASN C 127 -2.78 -34.11 -3.82
C ASN C 127 -1.33 -33.71 -3.64
N HIS C 128 -0.94 -33.54 -2.39
CA HIS C 128 0.43 -33.23 -2.03
C HIS C 128 0.98 -31.97 -2.69
N CYS C 129 0.10 -31.04 -3.00
CA CYS C 129 0.49 -29.78 -3.61
C CYS C 129 0.81 -28.77 -2.52
N ILE C 130 1.67 -27.84 -2.86
CA ILE C 130 1.99 -26.72 -2.01
C ILE C 130 1.78 -25.41 -2.75
N LEU C 131 0.83 -24.62 -2.30
CA LEU C 131 0.67 -23.24 -2.73
C LEU C 131 1.27 -22.28 -1.70
N VAL C 132 2.37 -21.63 -2.10
CA VAL C 132 3.02 -20.71 -1.19
C VAL C 132 2.20 -19.41 -1.10
N ASN C 133 2.48 -18.61 -0.07
CA ASN C 133 1.78 -17.35 0.24
C ASN C 133 1.38 -16.53 -1.00
N ASN C 134 0.11 -16.11 -1.01
CA ASN C 134 -0.46 -15.28 -2.07
C ASN C 134 -0.43 -15.89 -3.45
N THR C 135 -0.32 -17.21 -3.53
CA THR C 135 -0.48 -17.83 -4.82
C THR C 135 -1.96 -17.73 -5.14
N ALA C 136 -2.26 -17.42 -6.39
CA ALA C 136 -3.62 -17.17 -6.78
C ALA C 136 -3.94 -17.93 -8.02
N LEU C 137 -4.98 -18.75 -7.95
CA LEU C 137 -5.52 -19.44 -9.14
C LEU C 137 -6.78 -18.70 -9.51
N ALA C 138 -6.80 -18.17 -10.72
CA ALA C 138 -7.86 -17.27 -11.17
C ALA C 138 -9.24 -17.92 -11.30
N GLY C 139 -9.26 -19.21 -11.62
CA GLY C 139 -10.55 -19.84 -11.97
C GLY C 139 -10.38 -20.84 -13.06
N HIS C 140 -11.03 -21.99 -12.89
CA HIS C 140 -10.98 -23.10 -13.83
C HIS C 140 -9.57 -23.61 -13.97
N VAL C 141 -8.76 -23.49 -12.91
CA VAL C 141 -7.37 -23.97 -12.95
C VAL C 141 -7.30 -25.38 -12.42
N HIS C 142 -6.50 -26.21 -13.07
CA HIS C 142 -6.28 -27.56 -12.62
C HIS C 142 -4.82 -27.69 -12.19
N VAL C 143 -4.59 -28.12 -10.95
CA VAL C 143 -3.25 -28.29 -10.44
C VAL C 143 -3.11 -29.75 -10.12
N ASP C 144 -2.11 -30.38 -10.70
CA ASP C 144 -1.94 -31.80 -10.55
C ASP C 144 -0.94 -32.12 -9.41
N ASP C 145 -1.01 -33.35 -8.92
CA ASP C 145 -0.32 -33.80 -7.74
C ASP C 145 1.10 -33.34 -7.62
N TRP C 146 1.51 -32.99 -6.39
CA TRP C 146 2.92 -32.71 -6.07
C TRP C 146 3.46 -31.39 -6.64
N ALA C 147 2.62 -30.62 -7.30
CA ALA C 147 3.07 -29.34 -7.84
C ALA C 147 3.33 -28.36 -6.70
N ILE C 148 4.35 -27.53 -6.90
CA ILE C 148 4.72 -26.51 -5.96
C ILE C 148 4.73 -25.15 -6.64
N LEU C 149 3.88 -24.26 -6.13
CA LEU C 149 3.80 -22.90 -6.64
C LEU C 149 4.34 -21.92 -5.58
N SER C 150 5.45 -21.26 -5.91
CA SER C 150 6.15 -20.43 -4.95
C SER C 150 5.34 -19.16 -4.73
N GLY C 151 5.76 -18.37 -3.74
CA GLY C 151 4.97 -17.24 -3.29
C GLY C 151 4.62 -16.26 -4.40
N TYR C 152 3.43 -15.69 -4.33
CA TYR C 152 2.91 -14.78 -5.34
C TYR C 152 2.92 -15.30 -6.79
N THR C 153 2.71 -16.61 -6.94
CA THR C 153 2.48 -17.17 -8.25
C THR C 153 1.02 -16.86 -8.67
N LEU C 154 0.88 -16.29 -9.87
CA LEU C 154 -0.41 -16.02 -10.47
C LEU C 154 -0.66 -17.02 -11.59
N VAL C 155 -1.84 -17.63 -11.56
CA VAL C 155 -2.21 -18.57 -12.60
C VAL C 155 -3.49 -18.12 -13.26
N HIS C 156 -3.35 -17.86 -14.55
CA HIS C 156 -4.45 -17.41 -15.41
C HIS C 156 -5.55 -18.48 -15.50
N GLN C 157 -6.79 -18.02 -15.67
CA GLN C 157 -7.89 -18.91 -15.72
C GLN C 157 -7.74 -19.89 -16.84
N TYR C 158 -8.31 -21.08 -16.63
CA TYR C 158 -8.21 -22.28 -17.52
C TYR C 158 -6.86 -22.94 -17.63
N CYS C 159 -5.80 -22.42 -17.05
CA CYS C 159 -4.50 -23.12 -17.19
C CYS C 159 -4.41 -24.39 -16.37
N ARG C 160 -3.54 -25.30 -16.82
CA ARG C 160 -3.25 -26.54 -16.12
C ARG C 160 -1.81 -26.49 -15.63
N ILE C 161 -1.65 -26.81 -14.35
CA ILE C 161 -0.35 -26.95 -13.75
C ILE C 161 -0.09 -28.43 -13.58
N GLY C 162 0.93 -28.93 -14.26
CA GLY C 162 1.25 -30.35 -14.26
C GLY C 162 1.86 -30.88 -12.97
N ALA C 163 1.84 -32.20 -12.87
CA ALA C 163 2.28 -32.88 -11.69
C ALA C 163 3.75 -32.65 -11.48
N HIS C 164 4.15 -32.47 -10.22
CA HIS C 164 5.54 -32.31 -9.88
C HIS C 164 6.17 -31.06 -10.51
N SER C 165 5.38 -30.14 -11.07
CA SER C 165 5.95 -28.90 -11.60
C SER C 165 6.31 -27.90 -10.50
N PHE C 166 7.05 -26.87 -10.85
CA PHE C 166 7.51 -25.90 -9.87
C PHE C 166 7.49 -24.52 -10.52
N SER C 167 7.06 -23.53 -9.78
CA SER C 167 7.17 -22.17 -10.23
C SER C 167 7.93 -21.32 -9.26
N GLY C 168 8.81 -20.49 -9.80
CA GLY C 168 9.56 -19.54 -8.97
C GLY C 168 8.68 -18.41 -8.49
N MET C 169 9.12 -17.73 -7.47
CA MET C 169 8.28 -16.74 -6.81
C MET C 169 7.98 -15.58 -7.76
N GLY C 170 6.73 -15.12 -7.72
CA GLY C 170 6.28 -14.03 -8.55
C GLY C 170 6.10 -14.39 -10.00
N SER C 171 6.12 -15.70 -10.30
CA SER C 171 5.79 -16.16 -11.64
C SER C 171 4.37 -15.78 -12.03
N ALA C 172 4.21 -15.39 -13.29
CA ALA C 172 2.89 -15.11 -13.86
C ALA C 172 2.62 -16.06 -15.03
N ILE C 173 1.76 -17.04 -14.79
CA ILE C 173 1.57 -18.17 -15.67
C ILE C 173 0.31 -18.03 -16.51
N GLY C 174 0.47 -18.10 -17.82
CA GLY C 174 -0.62 -17.84 -18.77
C GLY C 174 -0.88 -19.02 -19.68
N LYS C 175 -0.03 -20.00 -19.61
CA LYS C 175 -0.18 -21.17 -20.41
C LYS C 175 0.02 -22.35 -19.53
N ASP C 176 -0.26 -23.53 -20.02
CA ASP C 176 -0.12 -24.71 -19.26
C ASP C 176 1.32 -24.98 -18.94
N VAL C 177 1.56 -25.53 -17.78
CA VAL C 177 2.90 -25.90 -17.37
C VAL C 177 2.86 -27.41 -17.39
N PRO C 178 3.71 -28.03 -18.23
CA PRO C 178 3.77 -29.49 -18.29
C PRO C 178 4.34 -30.04 -16.98
N ALA C 179 4.04 -31.30 -16.71
CA ALA C 179 4.57 -32.02 -15.53
C ALA C 179 6.07 -31.87 -15.43
N TYR C 180 6.56 -31.75 -14.18
CA TYR C 180 8.00 -31.71 -13.88
C TYR C 180 8.68 -30.41 -14.26
N VAL C 181 8.06 -29.60 -15.10
CA VAL C 181 8.73 -28.42 -15.57
C VAL C 181 8.81 -27.33 -14.47
N THR C 182 9.95 -26.64 -14.44
CA THR C 182 10.15 -25.48 -13.59
C THR C 182 10.05 -24.20 -14.45
N VAL C 183 9.23 -23.26 -13.98
CA VAL C 183 9.03 -21.99 -14.63
C VAL C 183 9.27 -20.81 -13.68
N PHE C 184 9.60 -19.65 -14.25
CA PHE C 184 10.00 -18.46 -13.53
C PHE C 184 9.63 -17.23 -14.33
N GLY C 185 9.24 -16.18 -13.62
CA GLY C 185 9.14 -14.88 -14.25
C GLY C 185 7.76 -14.44 -14.69
N ASN C 186 7.74 -13.23 -15.22
CA ASN C 186 6.51 -12.60 -15.70
C ASN C 186 6.83 -11.93 -17.04
N PRO C 187 6.43 -12.54 -18.15
CA PRO C 187 5.66 -13.79 -18.19
C PRO C 187 6.51 -15.00 -17.91
N ALA C 188 5.86 -16.08 -17.47
CA ALA C 188 6.60 -17.25 -17.01
C ALA C 188 7.28 -17.90 -18.17
N GLU C 189 8.45 -18.45 -17.90
CA GLU C 189 9.13 -19.29 -18.88
C GLU C 189 9.73 -20.55 -18.27
N ALA C 190 9.70 -21.61 -19.06
CA ALA C 190 10.33 -22.87 -18.75
C ALA C 190 11.84 -22.72 -18.60
N ARG C 191 12.42 -23.39 -17.62
CA ARG C 191 13.83 -23.34 -17.37
C ARG C 191 14.54 -24.67 -17.42
N SER C 192 13.95 -25.69 -16.82
CA SER C 192 14.53 -27.00 -16.72
C SER C 192 13.47 -27.88 -16.07
N MET C 193 13.86 -29.05 -15.57
CA MET C 193 12.96 -29.96 -14.87
C MET C 193 13.17 -29.95 -13.37
N ASN C 194 12.09 -30.20 -12.65
CA ASN C 194 12.14 -30.18 -11.21
C ASN C 194 12.82 -31.46 -10.71
N PHE C 195 14.13 -31.55 -10.97
CA PHE C 195 14.96 -32.66 -10.49
C PHE C 195 14.95 -32.78 -8.97
N GLU C 196 14.71 -31.69 -8.28
CA GLU C 196 14.60 -31.77 -6.84
C GLU C 196 13.44 -32.71 -6.55
N GLY C 197 12.27 -32.38 -7.05
CA GLY C 197 11.10 -33.17 -6.84
C GLY C 197 11.20 -34.62 -7.19
N MET C 198 11.98 -34.93 -8.21
CA MET C 198 12.09 -36.29 -8.63
C MET C 198 12.86 -37.09 -7.60
N ARG C 199 13.95 -36.51 -7.12
CA ARG C 199 14.75 -37.17 -6.13
C ARG C 199 14.01 -37.22 -4.85
N ARG C 200 13.43 -36.11 -4.49
CA ARG C 200 12.67 -36.02 -3.30
C ARG C 200 11.60 -37.04 -3.27
N ARG C 201 11.16 -37.48 -4.43
CA ARG C 201 10.04 -38.40 -4.47
C ARG C 201 10.35 -39.82 -4.82
N GLY C 202 11.60 -40.20 -4.64
CA GLY C 202 12.02 -41.55 -4.87
C GLY C 202 12.11 -42.03 -6.27
N PHE C 203 12.14 -41.11 -7.23
CA PHE C 203 12.26 -41.54 -8.62
C PHE C 203 13.61 -42.24 -8.81
N SER C 204 13.61 -43.29 -9.62
CA SER C 204 14.88 -43.90 -10.03
C SER C 204 15.75 -43.03 -10.96
N SER C 205 17.05 -43.31 -10.98
CA SER C 205 17.99 -42.51 -11.78
C SER C 205 17.75 -42.74 -13.28
N GLU C 206 17.20 -43.90 -13.59
CA GLU C 206 16.81 -44.22 -14.95
C GLU C 206 15.62 -43.38 -15.43
N ALA C 207 14.58 -43.30 -14.61
CA ALA C 207 13.45 -42.40 -14.86
C ALA C 207 13.90 -40.97 -15.04
N ILE C 208 14.84 -40.54 -14.20
CA ILE C 208 15.30 -39.15 -14.20
C ILE C 208 16.00 -38.81 -15.51
N HIS C 209 16.84 -39.70 -16.00
CA HIS C 209 17.54 -39.48 -17.25
C HIS C 209 16.56 -39.45 -18.40
N ALA C 210 15.54 -40.28 -18.36
CA ALA C 210 14.57 -40.29 -19.40
C ALA C 210 13.79 -38.97 -19.43
N LEU C 211 13.52 -38.41 -18.26
CA LEU C 211 12.78 -37.18 -18.19
C LEU C 211 13.62 -36.05 -18.65
N ARG C 212 14.91 -36.14 -18.37
CA ARG C 212 15.84 -35.15 -18.80
C ARG C 212 15.92 -35.22 -20.30
N ARG C 213 15.85 -36.42 -20.83
CA ARG C 213 15.90 -36.58 -22.25
C ARG C 213 14.61 -36.06 -22.83
N ALA C 214 13.49 -36.38 -22.21
CA ALA C 214 12.19 -35.90 -22.66
C ALA C 214 12.12 -34.38 -22.77
N TYR C 215 12.71 -33.68 -21.82
CA TYR C 215 12.72 -32.24 -21.82
C TYR C 215 13.48 -31.69 -23.00
N LYS C 216 14.58 -32.31 -23.35
CA LYS C 216 15.35 -31.87 -24.47
C LYS C 216 14.54 -31.99 -25.76
N VAL C 217 13.79 -33.06 -25.90
CA VAL C 217 12.96 -33.35 -27.06
C VAL C 217 11.86 -32.34 -27.29
N VAL C 218 11.29 -31.84 -26.23
CA VAL C 218 10.20 -30.89 -26.32
C VAL C 218 10.71 -29.47 -26.41
N TYR C 219 11.77 -29.20 -25.69
CA TYR C 219 12.23 -27.84 -25.56
C TYR C 219 13.52 -27.42 -26.27
N ARG C 220 14.37 -28.35 -26.66
CA ARG C 220 15.64 -27.94 -27.25
C ARG C 220 15.99 -28.35 -28.62
N GLN C 221 15.15 -29.09 -29.28
CA GLN C 221 15.52 -29.60 -30.56
C GLN C 221 14.81 -29.00 -31.74
N GLY C 222 13.99 -28.00 -31.51
CA GLY C 222 13.25 -27.37 -32.59
C GLY C 222 12.09 -28.14 -33.15
N HIS C 223 11.57 -29.15 -32.45
CA HIS C 223 10.41 -29.88 -32.94
C HIS C 223 9.09 -29.17 -32.71
N THR C 224 8.08 -29.59 -33.46
CA THR C 224 6.73 -29.16 -33.17
C THR C 224 6.29 -30.09 -32.05
N VAL C 225 5.22 -29.66 -31.40
CA VAL C 225 4.59 -30.45 -30.38
C VAL C 225 4.27 -31.86 -30.91
N GLU C 226 3.66 -31.96 -32.09
CA GLU C 226 3.24 -33.27 -32.63
C GLU C 226 4.48 -34.15 -32.86
N GLU C 227 5.52 -33.55 -33.42
CA GLU C 227 6.77 -34.24 -33.68
C GLU C 227 7.31 -34.78 -32.37
N ALA C 228 7.33 -33.86 -31.40
CA ALA C 228 7.82 -34.12 -30.06
C ALA C 228 7.05 -35.23 -29.37
N LEU C 229 5.72 -35.15 -29.42
CA LEU C 229 4.86 -36.20 -28.86
C LEU C 229 5.20 -37.58 -29.42
N ALA C 230 5.36 -37.64 -30.74
CA ALA C 230 5.60 -38.91 -31.44
C ALA C 230 6.92 -39.50 -30.96
N GLU C 231 7.93 -38.63 -30.94
CA GLU C 231 9.28 -39.02 -30.51
C GLU C 231 9.30 -39.64 -29.11
N LEU C 232 8.42 -39.19 -28.23
CA LEU C 232 8.34 -39.65 -26.84
C LEU C 232 7.62 -40.96 -26.60
N ALA C 233 6.70 -41.32 -27.48
CA ALA C 233 5.90 -42.54 -27.37
C ALA C 233 6.65 -43.71 -26.73
N GLU C 234 7.89 -43.91 -27.16
CA GLU C 234 8.63 -45.08 -26.74
C GLU C 234 9.00 -45.05 -25.25
N SER C 235 9.68 -43.98 -24.83
CA SER C 235 10.03 -43.86 -23.43
C SER C 235 8.78 -43.72 -22.56
N ALA C 236 7.69 -43.29 -23.18
CA ALA C 236 6.42 -43.17 -22.46
C ALA C 236 5.83 -44.54 -22.20
N ALA C 237 6.15 -45.48 -23.08
CA ALA C 237 5.68 -46.85 -23.00
C ALA C 237 6.50 -47.56 -21.97
N GLN C 238 7.79 -47.25 -22.01
CA GLN C 238 8.79 -47.79 -21.12
C GLN C 238 8.70 -47.21 -19.71
N PHE C 239 8.48 -45.89 -19.62
CA PHE C 239 8.45 -45.17 -18.32
C PHE C 239 7.14 -44.44 -18.06
N PRO C 240 6.42 -44.89 -16.98
CA PRO C 240 5.18 -44.22 -16.64
C PRO C 240 5.39 -42.72 -16.28
N GLU C 241 6.57 -42.40 -15.75
CA GLU C 241 6.95 -41.02 -15.43
C GLU C 241 6.95 -40.16 -16.67
N VAL C 242 7.51 -40.70 -17.73
CA VAL C 242 7.54 -39.97 -18.98
C VAL C 242 6.13 -39.84 -19.53
N ALA C 243 5.29 -40.82 -19.28
CA ALA C 243 3.96 -40.83 -19.84
C ALA C 243 3.11 -39.69 -19.25
N VAL C 244 3.33 -39.42 -17.97
CA VAL C 244 2.74 -38.28 -17.30
C VAL C 244 3.16 -36.97 -18.01
N PHE C 245 4.46 -36.91 -18.33
CA PHE C 245 5.02 -35.76 -19.06
C PHE C 245 4.39 -35.61 -20.43
N ARG C 246 4.38 -36.69 -21.19
CA ARG C 246 3.78 -36.66 -22.53
C ARG C 246 2.28 -36.29 -22.49
N ASP C 247 1.56 -36.92 -21.55
CA ASP C 247 0.10 -36.68 -21.39
C ASP C 247 -0.25 -35.23 -21.02
N SER C 248 0.57 -34.63 -20.15
CA SER C 248 0.38 -33.23 -19.80
C SER C 248 0.57 -32.32 -21.03
N ILE C 249 1.53 -32.64 -21.88
CA ILE C 249 1.80 -31.85 -23.08
C ILE C 249 0.71 -32.07 -24.11
N GLN C 250 0.24 -33.29 -24.19
CA GLN C 250 -0.84 -33.64 -25.07
C GLN C 250 -2.12 -32.94 -24.69
N SER C 251 -2.42 -32.90 -23.42
CA SER C 251 -3.63 -32.27 -22.97
C SER C 251 -3.51 -30.77 -22.95
N ALA C 252 -2.37 -30.23 -23.32
CA ALA C 252 -2.20 -28.80 -23.36
C ALA C 252 -2.95 -28.25 -24.53
N THR C 253 -4.25 -28.17 -24.35
CA THR C 253 -5.09 -27.66 -25.38
C THR C 253 -4.56 -26.36 -25.98
N ARG C 254 -4.38 -25.36 -25.14
CA ARG C 254 -3.98 -24.08 -25.66
C ARG C 254 -2.67 -23.55 -25.18
N GLY C 255 -1.65 -24.27 -25.60
CA GLY C 255 -0.33 -23.86 -25.29
C GLY C 255 0.37 -24.17 -24.00
N ILE C 256 1.57 -24.70 -24.23
CA ILE C 256 2.56 -25.02 -23.21
C ILE C 256 3.48 -23.83 -23.04
N THR C 257 3.94 -23.67 -21.83
CA THR C 257 4.74 -22.58 -21.36
C THR C 257 6.08 -22.86 -21.90
N ARG C 258 6.71 -21.88 -22.46
CA ARG C 258 7.99 -22.07 -23.05
C ARG C 258 9.00 -21.18 -22.41
N LEU D 3 -58.92 -1.03 -19.47
CA LEU D 3 -57.83 -0.17 -19.04
C LEU D 3 -56.88 0.20 -20.16
N ILE D 4 -56.80 -0.65 -21.17
CA ILE D 4 -55.90 -0.46 -22.28
C ILE D 4 -56.68 -0.20 -23.53
N ASP D 5 -56.65 1.03 -23.97
CA ASP D 5 -57.36 1.44 -25.15
C ASP D 5 -56.93 0.69 -26.39
N PRO D 6 -57.95 0.17 -27.14
CA PRO D 6 -57.61 -0.56 -28.36
C PRO D 6 -56.94 0.30 -29.40
N ARG D 7 -57.08 1.62 -29.33
CA ARG D 7 -56.33 2.49 -30.24
C ARG D 7 -54.84 2.68 -29.85
N ALA D 8 -54.44 2.23 -28.68
CA ALA D 8 -53.03 2.18 -28.33
C ALA D 8 -52.33 1.00 -28.97
N ILE D 9 -51.01 1.13 -29.10
CA ILE D 9 -50.15 0.11 -29.68
C ILE D 9 -49.24 -0.39 -28.59
N ILE D 10 -49.35 -1.66 -28.29
CA ILE D 10 -48.50 -2.28 -27.29
C ILE D 10 -47.64 -3.29 -28.00
N ASP D 11 -46.33 -3.19 -27.84
CA ASP D 11 -45.42 -4.12 -28.47
C ASP D 11 -45.55 -5.43 -27.70
N PRO D 12 -45.50 -6.56 -28.42
CA PRO D 12 -45.54 -7.89 -27.78
C PRO D 12 -44.51 -8.07 -26.67
N SER D 13 -43.34 -7.46 -26.81
CA SER D 13 -42.30 -7.51 -25.82
C SER D 13 -42.43 -6.58 -24.61
N ALA D 14 -43.42 -5.71 -24.60
CA ALA D 14 -43.62 -4.83 -23.47
C ALA D 14 -44.39 -5.56 -22.39
N ARG D 15 -44.10 -5.32 -21.14
CA ARG D 15 -44.79 -5.96 -20.06
C ARG D 15 -45.59 -4.91 -19.30
N LEU D 16 -46.80 -5.23 -18.95
CA LEU D 16 -47.65 -4.35 -18.19
C LEU D 16 -48.22 -5.03 -16.98
N ALA D 17 -48.03 -4.47 -15.82
CA ALA D 17 -48.56 -5.02 -14.61
C ALA D 17 -50.05 -4.75 -14.53
N ALA D 18 -50.66 -5.16 -13.45
CA ALA D 18 -52.06 -4.98 -13.24
C ALA D 18 -52.45 -3.56 -13.02
N ASP D 19 -53.66 -3.23 -13.40
CA ASP D 19 -54.23 -1.91 -13.23
C ASP D 19 -53.62 -0.79 -14.01
N VAL D 20 -52.71 -1.14 -14.89
CA VAL D 20 -52.11 -0.17 -15.75
C VAL D 20 -53.13 0.27 -16.80
N GLN D 21 -53.24 1.57 -17.03
CA GLN D 21 -54.13 2.08 -18.04
C GLN D 21 -53.29 2.74 -19.09
N VAL D 22 -53.71 2.60 -20.31
CA VAL D 22 -53.05 3.20 -21.44
C VAL D 22 -54.10 3.83 -22.33
N GLY D 23 -54.08 5.13 -22.41
CA GLY D 23 -55.04 5.84 -23.23
C GLY D 23 -54.80 5.70 -24.70
N PRO D 24 -55.76 6.18 -25.51
CA PRO D 24 -55.74 6.01 -26.94
C PRO D 24 -54.56 6.67 -27.61
N TRP D 25 -54.19 6.12 -28.75
CA TRP D 25 -53.11 6.64 -29.57
C TRP D 25 -51.78 6.79 -28.85
N SER D 26 -51.60 6.03 -27.77
CA SER D 26 -50.28 5.86 -27.18
C SER D 26 -49.52 4.62 -27.71
N ILE D 27 -48.20 4.74 -27.74
CA ILE D 27 -47.33 3.67 -28.18
C ILE D 27 -46.47 3.24 -27.03
N VAL D 28 -46.60 1.98 -26.61
CA VAL D 28 -45.70 1.36 -25.60
C VAL D 28 -44.81 0.39 -26.35
N GLY D 29 -43.54 0.75 -26.49
CA GLY D 29 -42.66 0.08 -27.41
C GLY D 29 -41.94 -1.09 -26.79
N ALA D 30 -41.14 -1.75 -27.62
CA ALA D 30 -40.37 -2.93 -27.22
C ALA D 30 -39.52 -2.68 -25.97
N GLU D 31 -39.57 -3.65 -25.04
CA GLU D 31 -38.74 -3.66 -23.83
C GLU D 31 -39.10 -2.57 -22.86
N VAL D 32 -40.32 -2.08 -22.90
CA VAL D 32 -40.78 -1.12 -21.96
C VAL D 32 -41.58 -1.90 -20.98
N GLU D 33 -41.26 -1.78 -19.72
CA GLU D 33 -41.93 -2.41 -18.65
C GLU D 33 -42.59 -1.32 -17.84
N ILE D 34 -43.85 -1.49 -17.48
CA ILE D 34 -44.62 -0.54 -16.71
C ILE D 34 -45.22 -1.15 -15.48
N GLY D 35 -44.98 -0.54 -14.33
CA GLY D 35 -45.42 -1.08 -13.03
C GLY D 35 -46.87 -0.79 -12.72
N GLU D 36 -47.34 -1.49 -11.68
CA GLU D 36 -48.75 -1.54 -11.25
C GLU D 36 -49.32 -0.17 -10.93
N GLY D 37 -50.52 0.06 -11.38
CA GLY D 37 -51.18 1.30 -11.07
C GLY D 37 -50.79 2.49 -11.88
N THR D 38 -49.82 2.34 -12.75
CA THR D 38 -49.40 3.44 -13.57
C THR D 38 -50.43 3.81 -14.63
N VAL D 39 -50.67 5.08 -14.82
CA VAL D 39 -51.60 5.57 -15.82
C VAL D 39 -50.86 6.34 -16.92
N ILE D 40 -51.02 5.86 -18.15
CA ILE D 40 -50.45 6.46 -19.35
C ILE D 40 -51.57 7.15 -20.10
N GLY D 41 -51.50 8.46 -20.23
CA GLY D 41 -52.52 9.21 -20.95
C GLY D 41 -52.54 8.90 -22.42
N PRO D 42 -53.38 9.63 -23.16
CA PRO D 42 -53.41 9.50 -24.61
C PRO D 42 -52.22 10.17 -25.25
N HIS D 43 -51.91 9.83 -26.47
CA HIS D 43 -50.83 10.52 -27.19
C HIS D 43 -49.47 10.48 -26.51
N VAL D 44 -49.15 9.36 -25.89
CA VAL D 44 -47.87 9.20 -25.22
C VAL D 44 -47.01 8.20 -25.99
N VAL D 45 -45.73 8.53 -26.16
CA VAL D 45 -44.76 7.62 -26.74
C VAL D 45 -43.78 7.16 -25.66
N LEU D 46 -43.80 5.87 -25.40
CA LEU D 46 -42.81 5.21 -24.55
C LEU D 46 -41.93 4.31 -25.39
N LYS D 47 -40.65 4.38 -25.12
CA LYS D 47 -39.67 3.62 -25.87
C LYS D 47 -38.67 3.04 -24.87
N GLY D 48 -38.12 1.88 -25.19
CA GLY D 48 -37.21 1.18 -24.27
C GLY D 48 -35.81 0.99 -24.80
N PRO D 49 -34.96 0.26 -24.06
CA PRO D 49 -35.38 -0.39 -22.78
C PRO D 49 -35.58 0.55 -21.57
N THR D 50 -36.78 0.49 -21.05
CA THR D 50 -37.23 1.42 -20.06
C THR D 50 -37.99 0.66 -18.98
N LYS D 51 -37.70 0.94 -17.75
CA LYS D 51 -38.51 0.43 -16.68
C LYS D 51 -39.24 1.55 -15.96
N ILE D 52 -40.55 1.45 -15.87
CA ILE D 52 -41.36 2.39 -15.13
C ILE D 52 -42.02 1.68 -13.97
N GLY D 53 -41.91 2.25 -12.79
CA GLY D 53 -42.45 1.65 -11.56
C GLY D 53 -43.93 1.87 -11.37
N LYS D 54 -44.34 1.89 -10.10
CA LYS D 54 -45.77 1.91 -9.74
C LYS D 54 -46.38 3.27 -9.52
N HIS D 55 -47.67 3.34 -9.85
CA HIS D 55 -48.55 4.46 -9.56
C HIS D 55 -48.06 5.77 -10.13
N ASN D 56 -47.44 5.68 -11.29
CA ASN D 56 -47.04 6.86 -11.98
C ASN D 56 -48.20 7.37 -12.78
N ARG D 57 -48.02 8.55 -13.32
CA ARG D 57 -48.97 9.22 -14.14
C ARG D 57 -48.16 9.94 -15.24
N ILE D 58 -48.42 9.65 -16.49
CA ILE D 58 -47.75 10.32 -17.62
C ILE D 58 -48.75 10.93 -18.61
N TYR D 59 -48.71 12.25 -18.76
CA TYR D 59 -49.66 12.98 -19.58
C TYR D 59 -49.29 13.02 -21.05
N GLN D 60 -50.32 13.37 -21.83
CA GLN D 60 -50.25 13.43 -23.27
C GLN D 60 -49.07 14.17 -23.85
N PHE D 61 -48.63 13.71 -25.03
CA PHE D 61 -47.58 14.34 -25.85
C PHE D 61 -46.14 14.20 -25.33
N SER D 62 -46.01 13.48 -24.21
CA SER D 62 -44.72 13.05 -23.69
C SER D 62 -43.98 12.01 -24.57
N SER D 63 -42.65 12.12 -24.57
CA SER D 63 -41.73 11.19 -25.18
C SER D 63 -40.76 10.69 -24.12
N VAL D 64 -41.03 9.48 -23.63
CA VAL D 64 -40.32 8.90 -22.51
C VAL D 64 -39.56 7.67 -23.00
N GLY D 65 -38.24 7.73 -22.89
CA GLY D 65 -37.35 6.64 -23.28
C GLY D 65 -36.76 6.79 -24.65
N GLU D 66 -36.93 7.94 -25.29
CA GLU D 66 -36.25 8.14 -26.58
C GLU D 66 -34.75 8.18 -26.50
N ASP D 67 -34.13 8.09 -27.64
CA ASP D 67 -32.70 8.16 -27.70
C ASP D 67 -32.31 9.62 -27.81
N THR D 68 -31.19 9.96 -27.24
CA THR D 68 -30.71 11.31 -27.32
C THR D 68 -30.34 11.60 -28.73
N PRO D 69 -30.68 12.88 -29.14
CA PRO D 69 -30.27 13.21 -30.49
C PRO D 69 -28.80 13.59 -30.41
N PRO D 77 -27.38 -0.22 -26.38
CA PRO D 77 -28.53 -0.52 -25.50
C PRO D 77 -28.35 0.18 -24.16
N THR D 78 -28.91 1.36 -24.09
CA THR D 78 -28.90 2.15 -22.89
C THR D 78 -30.31 2.19 -22.36
N ARG D 79 -30.50 2.47 -21.10
CA ARG D 79 -31.84 2.51 -20.60
C ARG D 79 -32.24 3.72 -19.76
N LEU D 80 -33.50 3.67 -19.36
CA LEU D 80 -34.11 4.63 -18.50
C LEU D 80 -34.85 3.86 -17.43
N VAL D 81 -34.80 4.39 -16.21
CA VAL D 81 -35.49 3.78 -15.08
C VAL D 81 -36.25 4.81 -14.34
N ILE D 82 -37.54 4.58 -14.12
CA ILE D 82 -38.35 5.49 -13.34
C ILE D 82 -38.96 4.73 -12.16
N GLY D 83 -38.91 5.33 -10.98
CA GLY D 83 -39.47 4.77 -9.76
C GLY D 83 -40.97 4.94 -9.66
N ASP D 84 -41.43 5.22 -8.45
CA ASP D 84 -42.85 5.18 -8.13
C ASP D 84 -43.46 6.53 -7.79
N HIS D 85 -44.76 6.66 -8.01
CA HIS D 85 -45.52 7.84 -7.61
C HIS D 85 -45.06 9.14 -8.25
N ASN D 86 -44.48 9.05 -9.43
CA ASN D 86 -44.14 10.24 -10.19
C ASN D 86 -45.27 10.71 -11.06
N VAL D 87 -45.33 12.04 -11.24
CA VAL D 87 -46.20 12.69 -12.20
C VAL D 87 -45.36 13.35 -13.27
N ILE D 88 -45.58 12.93 -14.50
CA ILE D 88 -44.94 13.52 -15.67
C ILE D 88 -46.00 14.13 -16.58
N ARG D 89 -45.93 15.45 -16.72
CA ARG D 89 -46.96 16.25 -17.32
C ARG D 89 -46.74 16.38 -18.85
N GLU D 90 -47.46 17.31 -19.46
CA GLU D 90 -47.65 17.35 -20.90
C GLU D 90 -46.36 17.60 -21.64
N GLY D 91 -46.07 16.77 -22.62
CA GLY D 91 -45.01 17.08 -23.56
C GLY D 91 -43.60 16.98 -23.03
N VAL D 92 -43.47 16.35 -21.85
CA VAL D 92 -42.17 16.10 -21.24
C VAL D 92 -41.30 15.15 -22.09
N THR D 93 -40.01 15.44 -22.16
CA THR D 93 -39.07 14.57 -22.84
C THR D 93 -38.09 14.01 -21.84
N ILE D 94 -37.84 12.72 -21.95
CA ILE D 94 -36.91 12.03 -21.06
C ILE D 94 -36.16 11.06 -21.93
N HIS D 95 -34.87 11.22 -21.98
CA HIS D 95 -34.01 10.40 -22.77
C HIS D 95 -33.27 9.37 -21.95
N ARG D 96 -32.94 8.25 -22.58
CA ARG D 96 -32.16 7.17 -21.96
C ARG D 96 -30.72 7.59 -21.92
N GLY D 97 -29.91 6.86 -21.17
CA GLY D 97 -28.49 7.14 -21.03
C GLY D 97 -27.62 6.91 -22.26
N THR D 98 -26.32 7.07 -22.06
CA THR D 98 -25.35 6.84 -23.09
C THR D 98 -24.25 5.94 -22.59
N VAL D 99 -23.66 5.16 -23.47
CA VAL D 99 -22.56 4.24 -23.10
C VAL D 99 -21.28 5.01 -22.78
N GLN D 100 -21.27 6.25 -23.22
CA GLN D 100 -20.23 7.20 -22.98
C GLN D 100 -20.23 7.67 -21.55
N ASP D 101 -21.24 7.34 -20.78
CA ASP D 101 -21.33 7.73 -19.40
C ASP D 101 -21.87 6.61 -18.53
N ARG D 102 -23.09 6.69 -18.06
CA ARG D 102 -23.62 5.68 -17.19
C ARG D 102 -24.61 4.71 -17.79
N ALA D 103 -24.87 4.85 -19.08
CA ALA D 103 -25.82 4.04 -19.83
C ALA D 103 -27.22 3.99 -19.22
N GLU D 104 -27.53 4.95 -18.38
CA GLU D 104 -28.81 5.03 -17.74
C GLU D 104 -29.24 6.43 -17.29
N THR D 105 -30.49 6.75 -17.48
CA THR D 105 -31.08 7.97 -16.99
C THR D 105 -31.97 7.41 -15.88
N THR D 106 -31.83 7.89 -14.68
CA THR D 106 -32.57 7.42 -13.54
C THR D 106 -33.42 8.50 -12.85
N ILE D 107 -34.63 8.16 -12.48
CA ILE D 107 -35.58 9.03 -11.78
C ILE D 107 -36.16 8.20 -10.65
N GLY D 108 -36.18 8.78 -9.47
CA GLY D 108 -36.66 8.10 -8.26
C GLY D 108 -38.14 8.20 -8.08
N ASP D 109 -38.57 8.59 -6.88
CA ASP D 109 -39.98 8.51 -6.52
C ASP D 109 -40.51 9.86 -6.16
N HIS D 110 -41.83 9.98 -6.16
CA HIS D 110 -42.55 11.17 -5.75
C HIS D 110 -42.11 12.47 -6.40
N ASN D 111 -41.71 12.43 -7.65
CA ASN D 111 -41.34 13.64 -8.34
C ASN D 111 -42.51 14.22 -9.11
N LEU D 112 -42.48 15.53 -9.30
CA LEU D 112 -43.41 16.22 -10.16
C LEU D 112 -42.61 16.95 -11.24
N ILE D 113 -42.85 16.58 -12.49
CA ILE D 113 -42.14 17.10 -13.65
C ILE D 113 -43.16 17.70 -14.58
N MET D 114 -43.19 19.02 -14.61
CA MET D 114 -44.21 19.77 -15.29
C MET D 114 -43.96 19.86 -16.77
N ALA D 115 -44.93 20.41 -17.50
CA ALA D 115 -44.97 20.45 -18.93
C ALA D 115 -43.70 20.92 -19.62
N TYR D 116 -43.33 20.17 -20.67
CA TYR D 116 -42.23 20.51 -21.56
C TYR D 116 -40.87 20.55 -20.91
N ALA D 117 -40.79 20.00 -19.70
CA ALA D 117 -39.53 19.79 -19.08
C ALA D 117 -38.75 18.74 -19.87
N HIS D 118 -37.43 18.84 -19.78
CA HIS D 118 -36.52 17.95 -20.43
C HIS D 118 -35.46 17.35 -19.48
N ILE D 119 -35.40 16.03 -19.53
CA ILE D 119 -34.43 15.30 -18.76
C ILE D 119 -33.47 14.62 -19.70
N GLY D 120 -32.27 15.12 -19.72
CA GLY D 120 -31.33 14.69 -20.70
C GLY D 120 -30.58 13.44 -20.29
N HIS D 121 -29.97 12.84 -21.30
CA HIS D 121 -29.30 11.57 -21.17
C HIS D 121 -28.38 11.55 -19.97
N ASP D 122 -28.40 10.42 -19.30
CA ASP D 122 -27.58 10.17 -18.13
C ASP D 122 -27.86 11.00 -16.90
N SER D 123 -29.01 11.61 -16.82
CA SER D 123 -29.40 12.41 -15.68
C SER D 123 -29.88 11.54 -14.54
N VAL D 124 -29.75 12.03 -13.33
CA VAL D 124 -30.20 11.33 -12.18
C VAL D 124 -31.06 12.20 -11.30
N ILE D 125 -32.32 11.88 -11.19
CA ILE D 125 -33.20 12.61 -10.29
C ILE D 125 -33.59 11.71 -9.11
N GLY D 126 -33.53 12.27 -7.91
CA GLY D 126 -33.82 11.55 -6.67
C GLY D 126 -35.32 11.45 -6.40
N ASN D 127 -35.72 11.86 -5.21
CA ASN D 127 -37.11 11.79 -4.77
C ASN D 127 -37.64 13.17 -4.36
N HIS D 128 -38.96 13.35 -4.56
CA HIS D 128 -39.69 14.53 -4.10
C HIS D 128 -39.22 15.80 -4.76
N CYS D 129 -38.62 15.69 -5.94
CA CYS D 129 -38.21 16.86 -6.68
C CYS D 129 -39.37 17.41 -7.51
N ILE D 130 -39.27 18.69 -7.83
CA ILE D 130 -40.22 19.36 -8.66
C ILE D 130 -39.42 20.08 -9.73
N LEU D 131 -39.65 19.72 -10.98
CA LEU D 131 -39.19 20.50 -12.12
C LEU D 131 -40.37 21.20 -12.77
N VAL D 132 -40.44 22.52 -12.59
CA VAL D 132 -41.49 23.32 -13.11
C VAL D 132 -41.32 23.44 -14.64
N ASN D 133 -42.38 23.87 -15.32
CA ASN D 133 -42.42 23.91 -16.79
C ASN D 133 -41.15 24.32 -17.49
N ASN D 134 -40.78 23.55 -18.50
CA ASN D 134 -39.66 23.87 -19.38
C ASN D 134 -38.29 23.91 -18.72
N THR D 135 -38.21 23.38 -17.50
CA THR D 135 -36.94 23.12 -16.89
C THR D 135 -36.16 22.15 -17.77
N ALA D 136 -34.89 22.45 -18.04
CA ALA D 136 -34.10 21.61 -18.94
C ALA D 136 -32.79 21.13 -18.30
N LEU D 137 -32.64 19.82 -18.21
CA LEU D 137 -31.40 19.26 -17.67
C LEU D 137 -30.63 18.77 -18.89
N ALA D 138 -29.53 19.39 -19.22
CA ALA D 138 -28.78 19.06 -20.42
C ALA D 138 -28.26 17.64 -20.60
N GLY D 139 -27.68 17.05 -19.57
CA GLY D 139 -27.18 15.72 -19.67
C GLY D 139 -26.25 15.55 -18.52
N HIS D 140 -26.16 14.34 -17.99
CA HIS D 140 -25.30 14.08 -16.85
C HIS D 140 -25.65 14.98 -15.68
N VAL D 141 -26.90 15.34 -15.48
CA VAL D 141 -27.28 16.19 -14.35
C VAL D 141 -27.78 15.42 -13.14
N HIS D 142 -27.34 15.77 -11.96
CA HIS D 142 -27.79 15.05 -10.77
C HIS D 142 -28.60 16.00 -9.93
N VAL D 143 -29.88 15.67 -9.74
CA VAL D 143 -30.75 16.46 -8.88
C VAL D 143 -31.07 15.65 -7.64
N ASP D 144 -30.72 16.20 -6.48
CA ASP D 144 -30.90 15.49 -5.24
C ASP D 144 -32.24 15.83 -4.62
N ASP D 145 -32.65 15.02 -3.65
CA ASP D 145 -34.01 15.06 -3.07
C ASP D 145 -34.50 16.41 -2.70
N TRP D 146 -35.80 16.62 -2.87
CA TRP D 146 -36.56 17.86 -2.54
C TRP D 146 -36.18 19.18 -3.26
N ALA D 147 -35.23 19.12 -4.17
CA ALA D 147 -34.87 20.27 -5.00
C ALA D 147 -36.07 20.75 -5.82
N ILE D 148 -36.16 22.07 -6.02
CA ILE D 148 -37.24 22.64 -6.82
C ILE D 148 -36.58 23.53 -7.83
N LEU D 149 -36.82 23.25 -9.10
CA LEU D 149 -36.32 24.13 -10.16
C LEU D 149 -37.52 24.81 -10.78
N SER D 150 -37.59 26.15 -10.61
CA SER D 150 -38.68 26.95 -11.13
C SER D 150 -38.61 26.99 -12.65
N GLY D 151 -39.71 27.49 -13.21
CA GLY D 151 -39.95 27.42 -14.67
C GLY D 151 -38.80 27.94 -15.52
N TYR D 152 -38.50 27.23 -16.58
CA TYR D 152 -37.46 27.63 -17.56
C TYR D 152 -36.05 27.73 -16.93
N THR D 153 -35.82 26.97 -15.88
CA THR D 153 -34.50 26.79 -15.30
C THR D 153 -33.67 25.94 -16.24
N LEU D 154 -32.53 26.43 -16.66
CA LEU D 154 -31.67 25.66 -17.53
C LEU D 154 -30.47 25.16 -16.70
N VAL D 155 -30.14 23.91 -16.85
CA VAL D 155 -29.05 23.33 -16.11
C VAL D 155 -27.99 22.77 -17.05
N HIS D 156 -26.81 23.33 -16.95
CA HIS D 156 -25.73 22.90 -17.78
C HIS D 156 -25.27 21.49 -17.43
N GLN D 157 -24.72 20.82 -18.40
CA GLN D 157 -24.19 19.48 -18.25
C GLN D 157 -23.27 19.28 -17.06
N TYR D 158 -23.44 18.12 -16.44
CA TYR D 158 -22.71 17.66 -15.28
C TYR D 158 -22.98 18.33 -13.98
N CYS D 159 -23.81 19.34 -14.00
CA CYS D 159 -24.11 20.05 -12.80
C CYS D 159 -24.86 19.27 -11.77
N ARG D 160 -24.59 19.57 -10.53
CA ARG D 160 -25.30 18.93 -9.44
C ARG D 160 -26.16 19.94 -8.75
N ILE D 161 -27.42 19.59 -8.56
CA ILE D 161 -28.40 20.43 -7.89
C ILE D 161 -28.61 19.79 -6.54
N GLY D 162 -28.30 20.50 -5.47
CA GLY D 162 -28.31 19.95 -4.12
C GLY D 162 -29.68 19.79 -3.51
N ALA D 163 -29.78 18.99 -2.46
CA ALA D 163 -31.06 18.62 -1.89
C ALA D 163 -31.68 19.84 -1.27
N HIS D 164 -33.01 19.96 -1.37
CA HIS D 164 -33.74 21.10 -0.87
C HIS D 164 -33.33 22.45 -1.45
N SER D 165 -32.56 22.48 -2.53
CA SER D 165 -32.31 23.73 -3.16
C SER D 165 -33.53 24.28 -3.93
N PHE D 166 -33.37 25.52 -4.43
CA PHE D 166 -34.41 26.24 -5.11
C PHE D 166 -33.80 27.15 -6.17
N SER D 167 -34.35 27.11 -7.38
CA SER D 167 -33.98 28.10 -8.40
C SER D 167 -35.17 28.94 -8.79
N GLY D 168 -34.90 30.21 -9.06
CA GLY D 168 -35.94 31.11 -9.52
C GLY D 168 -36.18 30.85 -10.99
N MET D 169 -37.29 31.38 -11.48
CA MET D 169 -37.66 31.14 -12.84
C MET D 169 -36.63 31.75 -13.80
N GLY D 170 -36.29 31.03 -14.85
CA GLY D 170 -35.37 31.55 -15.85
C GLY D 170 -33.89 31.53 -15.47
N SER D 171 -33.59 30.82 -14.40
CA SER D 171 -32.22 30.66 -13.93
C SER D 171 -31.41 29.83 -14.91
N ALA D 172 -30.15 30.19 -15.10
CA ALA D 172 -29.26 29.48 -16.01
C ALA D 172 -28.07 29.02 -15.19
N ILE D 173 -28.06 27.74 -14.86
CA ILE D 173 -27.19 27.16 -13.87
C ILE D 173 -26.04 26.49 -14.54
N GLY D 174 -24.84 27.03 -14.34
CA GLY D 174 -23.63 26.53 -15.00
C GLY D 174 -22.67 25.86 -14.04
N LYS D 175 -22.99 25.91 -12.75
CA LYS D 175 -22.18 25.32 -11.71
C LYS D 175 -23.03 24.68 -10.64
N ASP D 176 -22.44 23.79 -9.88
CA ASP D 176 -23.12 23.11 -8.82
C ASP D 176 -23.85 24.03 -7.86
N VAL D 177 -25.06 23.63 -7.51
CA VAL D 177 -25.85 24.33 -6.56
C VAL D 177 -25.85 23.49 -5.31
N PRO D 178 -25.33 24.02 -4.22
CA PRO D 178 -25.32 23.31 -2.98
C PRO D 178 -26.70 23.09 -2.40
N ALA D 179 -26.76 22.17 -1.46
CA ALA D 179 -27.97 21.87 -0.74
C ALA D 179 -28.49 23.12 -0.03
N TYR D 180 -29.81 23.24 -0.07
CA TYR D 180 -30.53 24.33 0.56
C TYR D 180 -30.33 25.73 -0.03
N VAL D 181 -29.47 25.89 -1.02
CA VAL D 181 -29.23 27.22 -1.56
C VAL D 181 -30.34 27.67 -2.58
N THR D 182 -30.67 28.96 -2.56
CA THR D 182 -31.55 29.54 -3.55
C THR D 182 -30.69 30.31 -4.55
N VAL D 183 -30.88 30.02 -5.83
CA VAL D 183 -30.16 30.72 -6.89
C VAL D 183 -31.15 31.38 -7.88
N PHE D 184 -30.70 32.45 -8.52
CA PHE D 184 -31.49 33.25 -9.44
C PHE D 184 -30.58 33.83 -10.50
N GLY D 185 -31.15 34.06 -11.66
CA GLY D 185 -30.51 34.79 -12.73
C GLY D 185 -29.84 33.97 -13.79
N ASN D 186 -29.40 34.67 -14.82
CA ASN D 186 -28.64 34.11 -15.95
C ASN D 186 -27.47 35.03 -16.19
N PRO D 187 -26.26 34.68 -15.73
CA PRO D 187 -25.98 33.40 -15.06
C PRO D 187 -26.51 33.31 -13.65
N ALA D 188 -26.68 32.11 -13.13
CA ALA D 188 -27.28 31.96 -11.78
C ALA D 188 -26.32 32.45 -10.70
N GLU D 189 -26.88 32.99 -9.63
CA GLU D 189 -26.09 33.43 -8.52
C GLU D 189 -26.80 33.06 -7.23
N ALA D 190 -26.01 32.76 -6.21
CA ALA D 190 -26.53 32.33 -4.94
C ALA D 190 -27.07 33.56 -4.28
N ARG D 191 -28.21 33.40 -3.63
CA ARG D 191 -28.85 34.53 -2.98
C ARG D 191 -28.97 34.31 -1.49
N SER D 192 -29.37 33.13 -1.08
CA SER D 192 -29.62 32.86 0.34
C SER D 192 -29.89 31.38 0.47
N MET D 193 -30.59 31.01 1.55
CA MET D 193 -31.07 29.65 1.67
C MET D 193 -32.59 29.51 1.52
N ASN D 194 -33.01 28.29 1.21
CA ASN D 194 -34.37 27.98 1.00
C ASN D 194 -35.12 27.78 2.29
N PHE D 195 -35.31 28.86 3.01
CA PHE D 195 -36.00 28.86 4.26
C PHE D 195 -37.47 28.50 4.12
N GLU D 196 -38.13 29.01 3.11
CA GLU D 196 -39.52 28.70 2.87
C GLU D 196 -39.67 27.21 2.83
N GLY D 197 -38.84 26.60 2.01
CA GLY D 197 -38.81 25.18 1.87
C GLY D 197 -38.61 24.48 3.20
N MET D 198 -37.68 24.96 4.00
CA MET D 198 -37.39 24.38 5.29
C MET D 198 -38.59 24.42 6.22
N ARG D 199 -39.32 25.53 6.22
CA ARG D 199 -40.49 25.73 7.01
C ARG D 199 -41.58 24.77 6.61
N ARG D 200 -41.86 24.68 5.33
CA ARG D 200 -42.88 23.80 4.84
C ARG D 200 -42.60 22.34 5.14
N ARG D 201 -41.33 22.00 5.27
CA ARG D 201 -40.97 20.65 5.52
C ARG D 201 -40.70 20.29 6.96
N GLY D 202 -41.06 21.18 7.86
CA GLY D 202 -40.85 20.95 9.26
C GLY D 202 -39.44 20.85 9.82
N PHE D 203 -38.50 21.62 9.31
CA PHE D 203 -37.15 21.61 9.83
C PHE D 203 -37.19 22.27 11.23
N SER D 204 -36.31 21.87 12.14
CA SER D 204 -36.28 22.43 13.48
C SER D 204 -35.64 23.81 13.38
N SER D 205 -36.07 24.72 14.24
CA SER D 205 -35.48 26.04 14.33
C SER D 205 -34.00 25.98 14.57
N GLU D 206 -33.57 25.00 15.35
CA GLU D 206 -32.16 24.84 15.61
C GLU D 206 -31.49 24.57 14.29
N ALA D 207 -31.98 23.57 13.57
CA ALA D 207 -31.32 23.14 12.33
C ALA D 207 -31.28 24.28 11.30
N ILE D 208 -32.28 25.13 11.35
CA ILE D 208 -32.36 26.25 10.42
C ILE D 208 -31.33 27.31 10.75
N HIS D 209 -31.12 27.55 12.04
CA HIS D 209 -30.09 28.48 12.51
C HIS D 209 -28.71 28.06 12.15
N ALA D 210 -28.50 26.77 12.14
CA ALA D 210 -27.25 26.20 11.79
C ALA D 210 -26.99 26.31 10.34
N LEU D 211 -28.03 26.13 9.56
CA LEU D 211 -27.87 26.23 8.13
C LEU D 211 -27.64 27.68 7.75
N ARG D 212 -28.34 28.58 8.41
CA ARG D 212 -28.13 29.99 8.17
C ARG D 212 -26.67 30.34 8.44
N ARG D 213 -26.14 29.84 9.54
CA ARG D 213 -24.77 30.07 9.90
C ARG D 213 -23.80 29.45 8.90
N ALA D 214 -24.06 28.22 8.49
CA ALA D 214 -23.21 27.51 7.56
C ALA D 214 -23.13 28.26 6.24
N TYR D 215 -24.20 28.95 5.88
CA TYR D 215 -24.21 29.75 4.65
C TYR D 215 -23.22 30.92 4.71
N LYS D 216 -23.26 31.66 5.81
CA LYS D 216 -22.30 32.74 6.03
C LYS D 216 -20.85 32.28 5.98
N VAL D 217 -20.59 31.13 6.54
CA VAL D 217 -19.30 30.57 6.51
C VAL D 217 -18.81 30.24 5.09
N VAL D 218 -19.68 29.77 4.23
CA VAL D 218 -19.25 29.43 2.88
C VAL D 218 -19.12 30.67 2.02
N TYR D 219 -20.02 31.62 2.23
CA TYR D 219 -20.31 32.64 1.21
C TYR D 219 -19.90 34.03 1.59
N ARG D 220 -19.94 34.33 2.89
CA ARG D 220 -19.76 35.70 3.39
C ARG D 220 -18.57 36.01 4.30
N GLN D 221 -17.58 35.12 4.37
CA GLN D 221 -16.46 35.31 5.33
C GLN D 221 -15.09 35.18 4.68
N GLY D 222 -15.05 35.26 3.36
CA GLY D 222 -13.80 35.26 2.61
C GLY D 222 -13.07 33.93 2.57
N HIS D 223 -13.50 32.92 3.31
CA HIS D 223 -12.80 31.65 3.30
C HIS D 223 -12.75 30.98 1.99
N THR D 224 -11.69 30.25 1.73
CA THR D 224 -11.66 29.38 0.56
C THR D 224 -12.67 28.27 0.78
N VAL D 225 -12.81 27.42 -0.22
CA VAL D 225 -13.69 26.27 -0.12
C VAL D 225 -13.13 25.26 0.87
N GLU D 226 -11.82 24.98 0.78
CA GLU D 226 -11.16 24.08 1.75
C GLU D 226 -11.24 24.62 3.16
N GLU D 227 -11.02 25.89 3.31
CA GLU D 227 -11.05 26.46 4.60
C GLU D 227 -12.40 26.18 5.09
N ALA D 228 -13.36 26.52 4.24
CA ALA D 228 -14.80 26.38 4.45
C ALA D 228 -15.26 25.07 5.03
N LEU D 229 -15.00 24.02 4.28
CA LEU D 229 -15.36 22.68 4.64
C LEU D 229 -14.82 22.36 6.01
N ALA D 230 -13.55 22.65 6.21
CA ALA D 230 -12.85 22.42 7.47
C ALA D 230 -13.49 23.14 8.62
N GLU D 231 -14.00 24.32 8.38
CA GLU D 231 -14.64 25.10 9.40
C GLU D 231 -15.99 24.52 9.68
N LEU D 232 -16.50 23.73 8.77
CA LEU D 232 -17.84 23.17 8.98
C LEU D 232 -17.86 21.75 9.51
N ALA D 233 -16.71 21.17 9.77
CA ALA D 233 -16.66 19.84 10.30
C ALA D 233 -17.52 19.64 11.55
N GLU D 234 -17.58 20.67 12.37
CA GLU D 234 -18.28 20.68 13.64
C GLU D 234 -19.77 20.81 13.62
N SER D 235 -20.29 21.62 12.72
CA SER D 235 -21.72 21.71 12.61
C SER D 235 -22.16 20.46 11.91
N ALA D 236 -21.33 19.95 11.03
CA ALA D 236 -21.68 18.75 10.32
C ALA D 236 -21.81 17.51 11.19
N ALA D 237 -20.91 17.30 12.15
CA ALA D 237 -21.02 16.14 12.99
C ALA D 237 -22.19 16.29 13.95
N GLN D 238 -22.56 17.52 14.25
CA GLN D 238 -23.68 17.77 15.11
C GLN D 238 -25.05 17.81 14.45
N PHE D 239 -25.18 18.48 13.32
CA PHE D 239 -26.45 18.62 12.60
C PHE D 239 -26.40 17.95 11.28
N PRO D 240 -27.18 16.91 11.06
CA PRO D 240 -27.06 16.24 9.78
C PRO D 240 -27.43 17.16 8.65
N GLU D 241 -28.20 18.18 8.94
CA GLU D 241 -28.60 19.10 7.90
C GLU D 241 -27.40 19.83 7.34
N VAL D 242 -26.46 20.17 8.20
CA VAL D 242 -25.25 20.86 7.82
C VAL D 242 -24.28 19.91 7.16
N ALA D 243 -24.45 18.63 7.40
CA ALA D 243 -23.62 17.64 6.80
C ALA D 243 -24.03 17.48 5.34
N VAL D 244 -25.27 17.75 5.02
CA VAL D 244 -25.74 17.68 3.64
C VAL D 244 -25.16 18.88 2.89
N PHE D 245 -25.10 19.98 3.57
CA PHE D 245 -24.55 21.18 3.03
C PHE D 245 -23.09 20.97 2.71
N ARG D 246 -22.31 20.51 3.69
CA ARG D 246 -20.88 20.27 3.55
C ARG D 246 -20.62 19.29 2.44
N ASP D 247 -21.36 18.21 2.45
CA ASP D 247 -21.22 17.21 1.47
C ASP D 247 -21.45 17.71 0.05
N SER D 248 -22.49 18.52 -0.15
CA SER D 248 -22.78 19.03 -1.47
C SER D 248 -21.65 19.93 -1.91
N ILE D 249 -21.13 20.67 -0.97
CA ILE D 249 -20.04 21.54 -1.25
C ILE D 249 -18.79 20.76 -1.57
N GLN D 250 -18.42 19.82 -0.72
CA GLN D 250 -17.25 19.03 -0.93
C GLN D 250 -17.25 18.27 -2.19
N SER D 251 -18.40 17.82 -2.63
CA SER D 251 -18.47 17.02 -3.83
C SER D 251 -18.65 17.83 -5.10
N ALA D 252 -18.32 19.10 -5.07
CA ALA D 252 -18.48 19.98 -6.22
C ALA D 252 -17.18 20.17 -6.99
N THR D 253 -16.85 19.24 -7.91
CA THR D 253 -15.56 19.35 -8.63
C THR D 253 -15.55 20.59 -9.53
N ARG D 254 -16.63 20.83 -10.25
CA ARG D 254 -16.74 22.01 -11.13
C ARG D 254 -16.91 23.37 -10.41
N GLY D 255 -16.71 23.44 -9.09
CA GLY D 255 -16.95 24.69 -8.36
C GLY D 255 -18.42 24.89 -8.05
N ILE D 256 -18.72 25.74 -7.04
CA ILE D 256 -20.10 26.09 -6.68
C ILE D 256 -20.61 27.44 -7.22
N THR D 257 -21.94 27.52 -7.32
CA THR D 257 -22.62 28.73 -7.70
C THR D 257 -22.46 29.70 -6.55
N ARG D 258 -21.84 30.83 -6.89
CA ARG D 258 -21.72 31.95 -5.97
C ARG D 258 -22.77 33.02 -6.26
N LEU E 3 5.47 24.43 -26.85
CA LEU E 3 5.22 24.62 -25.44
C LEU E 3 6.52 24.78 -24.69
N ILE E 4 7.25 23.71 -24.53
CA ILE E 4 8.52 23.77 -23.84
C ILE E 4 9.58 24.18 -24.85
N ASP E 5 9.87 25.47 -24.87
CA ASP E 5 10.90 26.02 -25.71
C ASP E 5 12.17 25.13 -25.69
N PRO E 6 12.78 24.90 -26.85
CA PRO E 6 14.01 24.09 -26.84
C PRO E 6 15.23 24.79 -26.22
N ARG E 7 15.19 26.12 -26.08
CA ARG E 7 16.30 26.84 -25.42
C ARG E 7 16.18 26.84 -23.92
N ALA E 8 15.07 26.36 -23.37
CA ALA E 8 15.03 26.12 -21.93
C ALA E 8 15.89 24.92 -21.59
N ILE E 9 16.20 24.77 -20.30
CA ILE E 9 16.95 23.64 -19.76
C ILE E 9 16.08 22.97 -18.73
N ILE E 10 15.83 21.67 -18.91
CA ILE E 10 15.03 20.92 -17.97
C ILE E 10 15.85 19.80 -17.37
N ASP E 11 16.08 19.85 -16.07
CA ASP E 11 16.74 18.74 -15.43
C ASP E 11 15.93 17.44 -15.67
N PRO E 12 16.65 16.32 -15.95
CA PRO E 12 15.97 15.04 -16.07
C PRO E 12 15.06 14.75 -14.90
N SER E 13 15.52 15.01 -13.67
CA SER E 13 14.75 14.65 -12.46
C SER E 13 13.58 15.60 -12.21
N ALA E 14 13.37 16.56 -13.11
CA ALA E 14 12.25 17.49 -12.96
C ALA E 14 10.98 16.90 -13.54
N ARG E 15 9.85 17.17 -12.93
CA ARG E 15 8.60 16.63 -13.40
C ARG E 15 7.60 17.65 -13.82
N LEU E 16 7.36 17.71 -15.11
CA LEU E 16 6.42 18.65 -15.63
C LEU E 16 5.11 17.99 -16.01
N ALA E 17 4.02 18.66 -15.69
CA ALA E 17 2.73 18.17 -16.04
C ALA E 17 2.65 18.40 -17.53
N ALA E 18 1.84 17.57 -18.18
CA ALA E 18 1.63 17.58 -19.63
C ALA E 18 1.56 18.89 -20.41
N ASP E 19 0.67 19.81 -20.03
CA ASP E 19 0.50 21.05 -20.79
C ASP E 19 1.26 22.26 -20.29
N VAL E 20 2.27 22.03 -19.49
CA VAL E 20 3.09 23.09 -18.93
C VAL E 20 3.90 23.83 -19.98
N GLN E 21 3.96 25.14 -19.91
CA GLN E 21 4.82 25.92 -20.82
C GLN E 21 6.04 26.50 -20.11
N VAL E 22 7.19 26.44 -20.78
CA VAL E 22 8.41 26.99 -20.25
C VAL E 22 9.03 27.81 -21.34
N GLY E 23 9.26 29.09 -21.05
CA GLY E 23 9.76 30.01 -22.08
C GLY E 23 11.22 29.79 -22.28
N PRO E 24 11.80 30.43 -23.31
CA PRO E 24 13.25 30.35 -23.54
C PRO E 24 14.16 30.88 -22.41
N TRP E 25 15.30 30.22 -22.28
CA TRP E 25 16.34 30.54 -21.32
C TRP E 25 15.97 30.39 -19.84
N SER E 26 14.89 29.65 -19.58
CA SER E 26 14.55 29.31 -18.21
C SER E 26 15.23 28.00 -17.82
N ILE E 27 15.44 27.82 -16.52
CA ILE E 27 16.02 26.62 -15.97
C ILE E 27 15.02 25.97 -15.00
N VAL E 28 14.64 24.73 -15.27
CA VAL E 28 13.86 23.97 -14.29
C VAL E 28 14.75 22.89 -13.68
N GLY E 29 15.25 23.17 -12.48
CA GLY E 29 16.30 22.37 -11.89
C GLY E 29 15.81 21.07 -11.28
N ALA E 30 16.77 20.36 -10.72
CA ALA E 30 16.51 19.08 -10.08
C ALA E 30 15.43 19.19 -9.02
N GLU E 31 14.49 18.25 -9.05
CA GLU E 31 13.47 18.11 -7.97
C GLU E 31 12.46 19.22 -7.98
N VAL E 32 12.35 19.90 -9.11
CA VAL E 32 11.28 20.83 -9.29
C VAL E 32 10.11 20.14 -9.98
N GLU E 33 8.98 20.13 -9.27
CA GLU E 33 7.72 19.62 -9.79
C GLU E 33 6.81 20.81 -10.15
N ILE E 34 6.34 20.83 -11.39
CA ILE E 34 5.38 21.83 -11.82
C ILE E 34 4.06 21.21 -12.29
N GLY E 35 2.96 21.77 -11.81
CA GLY E 35 1.63 21.24 -12.05
C GLY E 35 0.98 21.77 -13.31
N GLU E 36 -0.12 21.13 -13.66
CA GLU E 36 -0.88 21.36 -14.90
C GLU E 36 -1.26 22.83 -15.11
N GLY E 37 -1.14 23.31 -16.34
CA GLY E 37 -1.61 24.64 -16.72
C GLY E 37 -0.68 25.78 -16.35
N THR E 38 0.36 25.46 -15.58
CA THR E 38 1.34 26.47 -15.19
C THR E 38 2.15 26.97 -16.40
N VAL E 39 2.37 28.28 -16.43
CA VAL E 39 3.21 28.96 -17.43
C VAL E 39 4.45 29.66 -16.82
N ILE E 40 5.60 29.08 -17.07
CA ILE E 40 6.88 29.66 -16.74
C ILE E 40 7.37 30.52 -17.92
N GLY E 41 7.66 31.78 -17.64
CA GLY E 41 8.11 32.71 -18.64
C GLY E 41 9.55 32.47 -19.04
N PRO E 42 10.05 33.36 -19.89
CA PRO E 42 11.46 33.30 -20.28
C PRO E 42 12.32 33.88 -19.19
N HIS E 43 13.57 33.41 -19.07
CA HIS E 43 14.53 33.93 -18.08
C HIS E 43 14.10 33.71 -16.64
N VAL E 44 13.57 32.54 -16.34
CA VAL E 44 13.22 32.20 -14.99
C VAL E 44 14.19 31.11 -14.50
N VAL E 45 14.57 31.17 -13.23
CA VAL E 45 15.34 30.12 -12.62
C VAL E 45 14.52 29.46 -11.55
N LEU E 46 14.22 28.17 -11.71
CA LEU E 46 13.58 27.38 -10.64
C LEU E 46 14.61 26.42 -10.09
N LYS E 47 14.62 26.27 -8.77
CA LYS E 47 15.53 25.38 -8.10
C LYS E 47 14.70 24.59 -7.11
N GLY E 48 15.15 23.37 -6.75
CA GLY E 48 14.37 22.51 -5.85
C GLY E 48 15.16 22.14 -4.62
N PRO E 49 14.55 21.36 -3.73
CA PRO E 49 13.24 20.72 -3.95
C PRO E 49 12.01 21.62 -3.81
N THR E 50 11.32 21.79 -4.92
CA THR E 50 10.20 22.69 -5.00
C THR E 50 9.00 22.03 -5.67
N LYS E 51 7.81 22.40 -5.22
CA LYS E 51 6.56 21.90 -5.78
C LYS E 51 5.65 23.06 -6.14
N ILE E 52 5.35 23.22 -7.42
CA ILE E 52 4.49 24.30 -7.91
C ILE E 52 3.16 23.78 -8.50
N GLY E 53 2.05 24.31 -8.04
CA GLY E 53 0.75 23.73 -8.37
C GLY E 53 0.27 24.09 -9.76
N LYS E 54 -1.04 24.32 -9.86
CA LYS E 54 -1.68 24.43 -11.15
C LYS E 54 -2.00 25.88 -11.50
N HIS E 55 -1.91 26.15 -12.79
CA HIS E 55 -2.33 27.42 -13.36
C HIS E 55 -1.60 28.64 -12.85
N ASN E 56 -0.31 28.46 -12.60
CA ASN E 56 0.51 29.56 -12.14
C ASN E 56 1.17 30.24 -13.31
N ARG E 57 1.59 31.47 -13.11
CA ARG E 57 2.27 32.29 -14.08
C ARG E 57 3.51 32.85 -13.41
N ILE E 58 4.69 32.63 -13.91
CA ILE E 58 5.90 33.15 -13.29
C ILE E 58 6.67 33.92 -14.31
N TYR E 59 6.82 35.22 -14.08
CA TYR E 59 7.45 36.11 -15.02
C TYR E 59 8.97 36.13 -14.96
N GLN E 60 9.53 36.79 -15.95
CA GLN E 60 10.92 36.84 -16.18
C GLN E 60 11.74 37.40 -15.02
N PHE E 61 12.95 36.85 -14.92
CA PHE E 61 13.96 37.27 -14.00
C PHE E 61 13.66 36.87 -12.57
N SER E 62 12.63 36.06 -12.39
CA SER E 62 12.37 35.49 -11.08
C SER E 62 13.32 34.35 -10.74
N SER E 63 13.57 34.19 -9.43
CA SER E 63 14.34 33.13 -8.86
C SER E 63 13.49 32.47 -7.81
N VAL E 64 13.01 31.29 -8.10
CA VAL E 64 12.08 30.60 -7.23
C VAL E 64 12.71 29.31 -6.73
N GLY E 65 12.77 29.16 -5.42
CA GLY E 65 13.25 27.95 -4.79
C GLY E 65 14.73 27.94 -4.53
N GLU E 66 15.37 29.11 -4.58
CA GLU E 66 16.78 29.22 -4.21
C GLU E 66 17.03 28.93 -2.75
N ASP E 67 18.30 28.67 -2.42
CA ASP E 67 18.74 28.63 -1.04
C ASP E 67 18.69 30.03 -0.40
N THR E 68 18.34 30.07 0.87
CA THR E 68 18.39 31.28 1.60
C THR E 68 19.84 31.53 1.92
N PRO E 69 20.15 32.90 1.90
CA PRO E 69 21.53 33.26 2.23
C PRO E 69 21.73 33.25 3.74
N ASP E 70 20.67 32.89 4.43
CA ASP E 70 20.69 32.77 5.85
C ASP E 70 21.90 31.94 6.22
N LEU E 71 22.77 32.51 7.03
CA LEU E 71 24.01 31.87 7.40
C LEU E 71 23.89 30.56 8.13
N LYS E 72 22.71 30.32 8.67
CA LYS E 72 22.44 29.12 9.40
C LYS E 72 21.97 28.02 8.48
N TYR E 73 21.77 28.33 7.22
CA TYR E 73 21.37 27.34 6.28
C TYR E 73 22.65 26.67 5.94
N LYS E 74 22.59 25.37 5.79
CA LYS E 74 23.72 24.56 5.46
C LYS E 74 23.55 23.50 4.37
N GLY E 75 22.85 23.81 3.29
CA GLY E 75 22.69 22.93 2.16
C GLY E 75 21.67 21.84 2.41
N GLU E 76 21.01 21.88 3.56
CA GLU E 76 19.96 20.92 3.84
C GLU E 76 18.88 20.87 2.74
N PRO E 77 18.19 19.73 2.60
CA PRO E 77 17.16 19.52 1.56
C PRO E 77 15.79 20.10 1.90
N THR E 78 15.75 21.39 2.14
CA THR E 78 14.52 22.06 2.49
C THR E 78 13.63 22.28 1.30
N ARG E 79 12.39 22.64 1.54
CA ARG E 79 11.47 22.82 0.43
C ARG E 79 10.74 24.12 0.29
N LEU E 80 10.15 24.27 -0.88
CA LEU E 80 9.23 25.34 -1.20
C LEU E 80 8.02 24.73 -1.88
N VAL E 81 6.85 25.17 -1.45
CA VAL E 81 5.57 24.65 -1.95
C VAL E 81 4.74 25.85 -2.39
N ILE E 82 4.37 25.87 -3.67
CA ILE E 82 3.45 26.85 -4.16
C ILE E 82 2.21 26.13 -4.68
N GLY E 83 1.04 26.68 -4.36
CA GLY E 83 -0.25 26.15 -4.78
C GLY E 83 -0.64 26.61 -6.17
N ASP E 84 -1.93 26.91 -6.31
CA ASP E 84 -2.57 27.11 -7.62
C ASP E 84 -2.97 28.54 -7.86
N HIS E 85 -3.06 28.91 -9.15
CA HIS E 85 -3.57 30.22 -9.60
C HIS E 85 -2.81 31.47 -9.09
N ASN E 86 -1.53 31.29 -8.82
CA ASN E 86 -0.68 32.37 -8.37
C ASN E 86 0.00 33.10 -9.51
N VAL E 87 0.18 34.39 -9.35
CA VAL E 87 0.91 35.19 -10.28
C VAL E 87 2.17 35.77 -9.63
N ILE E 88 3.31 35.40 -10.14
CA ILE E 88 4.57 35.88 -9.63
C ILE E 88 5.14 36.76 -10.73
N ARG E 89 5.43 38.02 -10.41
CA ARG E 89 5.83 38.98 -11.42
C ARG E 89 7.33 39.04 -11.63
N GLU E 90 7.79 40.04 -12.36
CA GLU E 90 9.21 40.20 -12.72
C GLU E 90 10.18 40.23 -11.54
N GLY E 91 11.28 39.51 -11.65
CA GLY E 91 12.33 39.53 -10.62
C GLY E 91 11.97 39.16 -9.18
N VAL E 92 10.84 38.50 -8.97
CA VAL E 92 10.47 38.05 -7.65
C VAL E 92 11.48 37.01 -7.17
N THR E 93 11.90 37.12 -5.92
CA THR E 93 12.68 36.10 -5.31
C THR E 93 11.89 35.37 -4.21
N ILE E 94 11.91 34.04 -4.30
CA ILE E 94 11.34 33.18 -3.28
C ILE E 94 12.36 32.13 -2.88
N HIS E 95 12.58 31.97 -1.57
CA HIS E 95 13.58 31.02 -1.05
C HIS E 95 12.94 29.86 -0.28
N ARG E 96 13.65 28.74 -0.23
CA ARG E 96 13.21 27.55 0.46
C ARG E 96 13.44 27.65 1.93
N GLY E 97 12.78 26.82 2.71
CA GLY E 97 12.91 26.81 4.15
C GLY E 97 14.22 26.45 4.81
N THR E 98 14.14 26.29 6.11
CA THR E 98 15.29 25.98 6.90
C THR E 98 14.95 24.99 7.97
N VAL E 99 15.94 24.21 8.33
CA VAL E 99 15.74 23.19 9.31
C VAL E 99 15.57 23.76 10.67
N GLN E 100 16.07 24.96 10.91
CA GLN E 100 15.90 25.61 12.18
C GLN E 100 14.47 25.91 12.43
N ASP E 101 13.69 25.91 11.38
CA ASP E 101 12.29 26.22 11.50
C ASP E 101 11.37 25.13 11.01
N ARG E 102 11.00 25.19 9.74
CA ARG E 102 10.09 24.24 9.18
C ARG E 102 10.57 23.52 7.95
N ALA E 103 11.72 23.87 7.44
CA ALA E 103 12.26 23.26 6.24
C ALA E 103 11.34 23.47 5.11
N GLU E 104 10.57 24.54 5.19
CA GLU E 104 9.66 24.74 4.12
C GLU E 104 9.06 26.12 3.92
N THR E 105 9.08 26.67 2.74
CA THR E 105 8.43 27.97 2.50
C THR E 105 7.13 27.68 1.80
N THR E 106 6.03 28.22 2.27
CA THR E 106 4.75 27.89 1.70
C THR E 106 3.92 29.03 1.20
N ILE E 107 3.40 28.87 0.00
CA ILE E 107 2.50 29.81 -0.61
C ILE E 107 1.24 29.06 -1.07
N GLY E 108 0.08 29.63 -0.77
CA GLY E 108 -1.20 29.02 -1.10
C GLY E 108 -1.63 29.25 -2.53
N ASP E 109 -2.87 29.76 -2.68
CA ASP E 109 -3.51 29.89 -4.01
C ASP E 109 -3.99 31.29 -4.24
N HIS E 110 -4.11 31.64 -5.53
CA HIS E 110 -4.70 32.91 -5.98
C HIS E 110 -3.97 34.13 -5.40
N ASN E 111 -2.68 33.98 -5.12
CA ASN E 111 -1.87 35.11 -4.62
C ASN E 111 -1.27 35.90 -5.78
N LEU E 112 -1.24 37.21 -5.63
CA LEU E 112 -0.57 38.08 -6.59
C LEU E 112 0.72 38.67 -5.97
N ILE E 113 1.86 38.32 -6.52
CA ILE E 113 3.15 38.78 -5.99
C ILE E 113 3.86 39.62 -7.08
N MET E 114 3.92 40.93 -6.84
CA MET E 114 4.40 41.85 -7.85
C MET E 114 5.93 42.01 -7.90
N ALA E 115 6.38 42.84 -8.84
CA ALA E 115 7.79 42.87 -9.18
C ALA E 115 8.74 43.12 -8.00
N TYR E 116 9.77 42.29 -7.93
CA TYR E 116 10.90 42.42 -7.01
C TYR E 116 10.56 42.17 -5.56
N ALA E 117 9.36 41.64 -5.30
CA ALA E 117 9.01 41.24 -3.97
C ALA E 117 9.97 40.16 -3.57
N HIS E 118 10.17 40.02 -2.26
CA HIS E 118 10.97 38.93 -1.72
C HIS E 118 10.19 38.13 -0.70
N ILE E 119 10.21 36.81 -0.87
CA ILE E 119 9.53 35.91 0.08
C ILE E 119 10.58 35.04 0.74
N GLY E 120 10.94 35.43 1.95
CA GLY E 120 12.09 34.86 2.62
C GLY E 120 11.80 33.51 3.19
N HIS E 121 12.88 32.83 3.47
CA HIS E 121 12.86 31.53 4.02
C HIS E 121 11.90 31.40 5.15
N ASP E 122 11.19 30.36 4.98
CA ASP E 122 10.27 29.87 6.00
C ASP E 122 8.98 30.66 6.14
N SER E 123 8.71 31.49 5.19
CA SER E 123 7.53 32.27 5.23
C SER E 123 6.32 31.49 4.79
N VAL E 124 5.19 31.84 5.33
CA VAL E 124 3.95 31.23 4.94
C VAL E 124 2.93 32.23 4.42
N ILE E 125 2.54 32.09 3.16
CA ILE E 125 1.50 32.94 2.60
C ILE E 125 0.27 32.08 2.39
N GLY E 126 -0.88 32.64 2.75
CA GLY E 126 -2.17 31.98 2.63
C GLY E 126 -2.68 32.11 1.21
N ASN E 127 -3.88 32.68 1.07
CA ASN E 127 -4.60 32.67 -0.20
C ASN E 127 -5.11 34.05 -0.44
N HIS E 128 -5.15 34.45 -1.71
CA HIS E 128 -5.73 35.72 -2.14
C HIS E 128 -4.98 36.96 -1.66
N CYS E 129 -3.71 36.80 -1.31
CA CYS E 129 -2.91 37.94 -0.88
C CYS E 129 -2.38 38.73 -2.06
N ILE E 130 -2.22 40.02 -1.86
CA ILE E 130 -1.50 40.86 -2.79
C ILE E 130 -0.25 41.47 -2.11
N LEU E 131 0.92 41.07 -2.58
CA LEU E 131 2.15 41.74 -2.23
C LEU E 131 2.59 42.63 -3.39
N VAL E 132 2.53 43.93 -3.17
CA VAL E 132 2.88 44.90 -4.19
C VAL E 132 4.42 45.01 -4.38
N ASN E 133 4.84 45.66 -5.45
CA ASN E 133 6.27 45.83 -5.78
C ASN E 133 7.21 46.01 -4.59
N ASN E 134 8.25 45.21 -4.55
CA ASN E 134 9.35 45.38 -3.59
C ASN E 134 8.97 45.20 -2.14
N THR E 135 7.81 44.57 -1.91
CA THR E 135 7.44 44.08 -0.61
C THR E 135 8.37 42.94 -0.25
N ALA E 136 8.86 42.93 0.98
CA ALA E 136 9.87 41.99 1.43
C ALA E 136 9.49 41.37 2.74
N LEU E 137 9.45 40.04 2.76
CA LEU E 137 9.14 39.32 3.99
C LEU E 137 10.44 38.76 4.45
N ALA E 138 10.91 39.22 5.59
CA ALA E 138 12.28 38.88 5.98
C ALA E 138 12.55 37.38 6.23
N GLY E 139 11.54 36.60 6.54
CA GLY E 139 11.80 35.23 7.00
C GLY E 139 10.90 34.88 8.16
N HIS E 140 10.29 33.70 8.11
CA HIS E 140 9.39 33.18 9.13
C HIS E 140 8.13 34.02 9.26
N VAL E 141 7.79 34.72 8.21
CA VAL E 141 6.68 35.62 8.22
C VAL E 141 5.44 34.88 7.79
N HIS E 142 4.36 35.11 8.45
CA HIS E 142 3.10 34.49 8.12
C HIS E 142 2.12 35.53 7.62
N VAL E 143 1.58 35.32 6.45
CA VAL E 143 0.66 36.28 5.88
C VAL E 143 -0.64 35.58 5.65
N ASP E 144 -1.66 35.97 6.42
CA ASP E 144 -2.94 35.32 6.37
C ASP E 144 -3.75 35.86 5.19
N ASP E 145 -4.78 35.08 4.82
CA ASP E 145 -5.56 35.25 3.58
C ASP E 145 -6.05 36.69 3.36
N TRP E 146 -6.00 37.16 2.10
CA TRP E 146 -6.58 38.49 1.67
C TRP E 146 -5.79 39.71 2.14
N ALA E 147 -4.68 39.49 2.83
CA ALA E 147 -3.83 40.61 3.18
C ALA E 147 -3.31 41.32 1.92
N ILE E 148 -3.16 42.61 2.03
CA ILE E 148 -2.59 43.44 0.98
C ILE E 148 -1.45 44.29 1.54
N LEU E 149 -0.27 44.08 1.03
CA LEU E 149 0.91 44.83 1.44
C LEU E 149 1.34 45.75 0.32
N SER E 150 1.37 47.04 0.59
CA SER E 150 1.65 47.99 -0.47
C SER E 150 3.11 48.01 -0.73
N GLY E 151 3.45 48.71 -1.81
CA GLY E 151 4.80 48.78 -2.33
C GLY E 151 5.83 49.11 -1.26
N TYR E 152 6.93 48.37 -1.30
CA TYR E 152 8.09 48.62 -0.44
C TYR E 152 7.73 48.42 1.01
N THR E 153 6.78 47.55 1.29
CA THR E 153 6.46 47.19 2.68
C THR E 153 7.48 46.16 3.14
N LEU E 154 8.14 46.45 4.28
CA LEU E 154 9.13 45.59 4.88
C LEU E 154 8.53 44.84 6.06
N VAL E 155 8.70 43.52 6.08
CA VAL E 155 8.18 42.78 7.21
C VAL E 155 9.30 42.07 7.95
N HIS E 156 9.52 42.53 9.18
CA HIS E 156 10.53 41.94 10.05
C HIS E 156 10.30 40.43 10.25
N GLN E 157 11.38 39.68 10.36
CA GLN E 157 11.25 38.25 10.64
C GLN E 157 10.35 37.89 11.85
N TYR E 158 9.64 36.77 11.71
CA TYR E 158 8.70 36.24 12.70
C TYR E 158 7.39 36.95 12.84
N CYS E 159 7.16 38.03 12.10
CA CYS E 159 5.91 38.79 12.26
C CYS E 159 4.74 38.09 11.60
N ARG E 160 3.57 38.35 12.12
CA ARG E 160 2.35 37.82 11.51
C ARG E 160 1.51 38.98 10.92
N ILE E 161 1.15 38.85 9.67
CA ILE E 161 0.27 39.78 9.03
C ILE E 161 -1.12 39.15 9.02
N GLY E 162 -2.05 39.81 9.70
CA GLY E 162 -3.39 39.26 9.83
C GLY E 162 -4.20 39.23 8.55
N ALA E 163 -5.20 38.34 8.51
CA ALA E 163 -6.16 38.25 7.37
C ALA E 163 -6.86 39.57 7.13
N HIS E 164 -6.99 39.93 5.85
CA HIS E 164 -7.67 41.19 5.45
C HIS E 164 -7.00 42.46 5.93
N SER E 165 -5.77 42.38 6.41
CA SER E 165 -5.01 43.58 6.78
C SER E 165 -4.43 44.32 5.58
N PHE E 166 -3.99 45.56 5.84
CA PHE E 166 -3.46 46.41 4.80
C PHE E 166 -2.27 47.22 5.30
N SER E 167 -1.21 47.30 4.50
CA SER E 167 -0.13 48.28 4.78
C SER E 167 0.03 49.28 3.67
N GLY E 168 0.23 50.55 4.06
CA GLY E 168 0.49 51.63 3.15
C GLY E 168 1.92 51.54 2.63
N MET E 169 2.20 52.30 1.58
CA MET E 169 3.42 52.11 0.86
C MET E 169 4.62 52.49 1.75
N GLY E 170 5.70 51.74 1.68
CA GLY E 170 6.90 52.01 2.50
C GLY E 170 6.74 51.72 4.01
N SER E 171 5.75 50.94 4.38
CA SER E 171 5.59 50.63 5.79
C SER E 171 6.78 49.77 6.27
N ALA E 172 7.25 49.99 7.50
CA ALA E 172 8.23 49.10 8.10
C ALA E 172 7.62 48.41 9.32
N ILE E 173 7.23 47.15 9.15
CA ILE E 173 6.44 46.44 10.15
C ILE E 173 7.36 45.61 11.05
N GLY E 174 7.38 45.93 12.33
CA GLY E 174 8.24 45.23 13.21
C GLY E 174 7.46 44.39 14.19
N LYS E 175 6.15 44.56 14.20
CA LYS E 175 5.29 43.81 15.08
C LYS E 175 4.13 43.21 14.32
N ASP E 176 3.39 42.34 14.99
CA ASP E 176 2.25 41.68 14.36
C ASP E 176 1.16 42.68 13.99
N VAL E 177 0.66 42.50 12.77
CA VAL E 177 -0.51 43.28 12.32
C VAL E 177 -1.77 42.47 12.50
N PRO E 178 -2.67 42.91 13.39
CA PRO E 178 -3.90 42.14 13.55
C PRO E 178 -4.78 42.14 12.30
N ALA E 179 -5.65 41.13 12.21
CA ALA E 179 -6.58 41.00 11.11
C ALA E 179 -7.30 42.31 10.94
N TYR E 180 -7.50 42.68 9.68
CA TYR E 180 -8.30 43.84 9.27
C TYR E 180 -7.64 45.17 9.49
N VAL E 181 -6.50 45.21 10.18
CA VAL E 181 -5.91 46.52 10.52
C VAL E 181 -5.09 47.12 9.41
N THR E 182 -5.22 48.43 9.27
CA THR E 182 -4.45 49.19 8.29
C THR E 182 -3.31 49.86 9.03
N VAL E 183 -2.11 49.67 8.51
CA VAL E 183 -0.92 50.29 9.10
C VAL E 183 -0.15 51.11 8.09
N PHE E 184 0.61 52.07 8.60
CA PHE E 184 1.30 53.05 7.78
C PHE E 184 2.56 53.50 8.46
N GLY E 185 3.61 53.69 7.67
CA GLY E 185 4.79 54.40 8.15
C GLY E 185 5.96 53.51 8.60
N ASN E 186 7.06 54.20 8.93
CA ASN E 186 8.29 53.56 9.38
C ASN E 186 8.78 54.28 10.63
N PRO E 187 8.52 53.73 11.82
CA PRO E 187 7.92 52.40 12.03
C PRO E 187 6.39 52.38 11.84
N ALA E 188 5.87 51.22 11.49
CA ALA E 188 4.48 51.16 11.09
C ALA E 188 3.63 51.48 12.29
N GLU E 189 2.53 52.17 12.09
CA GLU E 189 1.57 52.39 13.15
C GLU E 189 0.16 52.01 12.66
N ALA E 190 -0.70 51.62 13.59
CA ALA E 190 -2.06 51.25 13.25
C ALA E 190 -2.84 52.51 12.97
N ARG E 191 -3.70 52.49 11.96
CA ARG E 191 -4.54 53.65 11.65
C ARG E 191 -6.04 53.39 11.71
N SER E 192 -6.50 52.31 11.09
CA SER E 192 -7.93 51.99 11.15
C SER E 192 -8.18 50.56 10.71
N MET E 193 -9.39 50.29 10.24
CA MET E 193 -9.71 48.99 9.70
C MET E 193 -9.86 49.03 8.15
N ASN E 194 -9.61 47.89 7.53
CA ASN E 194 -9.71 47.76 6.09
C ASN E 194 -11.17 47.51 5.75
N PHE E 195 -11.99 48.52 5.93
CA PHE E 195 -13.43 48.45 5.60
C PHE E 195 -13.67 48.02 4.14
N GLU E 196 -12.89 48.53 3.23
CA GLU E 196 -12.99 48.21 1.85
C GLU E 196 -12.82 46.72 1.62
N GLY E 197 -11.90 46.12 2.31
CA GLY E 197 -11.68 44.70 2.20
C GLY E 197 -12.81 43.84 2.70
N MET E 198 -13.58 44.33 3.65
CA MET E 198 -14.70 43.61 4.17
C MET E 198 -15.84 43.66 3.14
N ARG E 199 -16.00 44.80 2.51
CA ARG E 199 -17.00 44.94 1.49
C ARG E 199 -16.69 44.01 0.32
N ARG E 200 -15.45 43.98 -0.11
CA ARG E 200 -15.06 43.16 -1.22
C ARG E 200 -15.36 41.75 -0.94
N ARG E 201 -15.59 41.43 0.30
CA ARG E 201 -15.82 40.04 0.63
C ARG E 201 -17.25 39.78 1.08
N GLY E 202 -18.10 40.78 0.86
CA GLY E 202 -19.48 40.68 1.17
C GLY E 202 -19.76 40.67 2.61
N PHE E 203 -18.92 41.33 3.38
CA PHE E 203 -19.19 41.35 4.80
C PHE E 203 -20.45 42.13 4.97
N SER E 204 -21.28 41.65 5.87
CA SER E 204 -22.48 42.34 6.21
C SER E 204 -22.16 43.61 7.01
N SER E 205 -23.09 44.56 6.97
CA SER E 205 -22.95 45.84 7.69
C SER E 205 -22.95 45.66 9.20
N GLU E 206 -23.63 44.62 9.67
CA GLU E 206 -23.59 44.21 11.07
C GLU E 206 -22.17 43.81 11.49
N ALA E 207 -21.55 42.89 10.74
CA ALA E 207 -20.15 42.47 10.94
C ALA E 207 -19.21 43.68 10.95
N ILE E 208 -19.35 44.55 9.94
CA ILE E 208 -18.49 45.73 9.79
C ILE E 208 -18.64 46.68 10.96
N HIS E 209 -19.84 46.84 11.44
CA HIS E 209 -20.06 47.69 12.59
C HIS E 209 -19.42 47.11 13.86
N ALA E 210 -19.50 45.80 14.05
CA ALA E 210 -18.91 45.13 15.18
C ALA E 210 -17.41 45.22 15.08
N LEU E 211 -16.89 45.12 13.87
CA LEU E 211 -15.46 45.23 13.68
C LEU E 211 -14.98 46.65 13.95
N ARG E 212 -15.79 47.63 13.68
CA ARG E 212 -15.44 49.01 13.93
C ARG E 212 -15.30 49.27 15.40
N ARG E 213 -16.18 48.66 16.15
CA ARG E 213 -16.19 48.78 17.56
C ARG E 213 -15.07 47.96 18.16
N ALA E 214 -14.63 46.95 17.46
CA ALA E 214 -13.59 46.10 17.99
C ALA E 214 -12.26 46.83 17.98
N TYR E 215 -12.06 47.61 16.95
CA TYR E 215 -10.87 48.40 16.80
C TYR E 215 -10.72 49.34 17.93
N LYS E 216 -11.83 49.94 18.30
CA LYS E 216 -11.93 50.89 19.37
C LYS E 216 -11.60 50.30 20.72
N VAL E 217 -12.14 49.13 21.01
CA VAL E 217 -11.88 48.46 22.25
C VAL E 217 -10.42 48.12 22.40
N VAL E 218 -9.80 47.65 21.33
CA VAL E 218 -8.39 47.27 21.37
C VAL E 218 -7.51 48.51 21.39
N TYR E 219 -7.80 49.50 20.55
CA TYR E 219 -6.86 50.63 20.38
C TYR E 219 -7.22 51.99 20.97
N ARG E 220 -8.40 52.14 21.57
CA ARG E 220 -8.87 53.48 21.99
C ARG E 220 -9.54 53.60 23.32
N GLN E 221 -9.42 52.59 24.15
CA GLN E 221 -10.11 52.63 25.42
C GLN E 221 -9.15 52.46 26.58
N GLY E 222 -7.85 52.57 26.32
CA GLY E 222 -6.86 52.36 27.37
C GLY E 222 -6.78 50.98 27.96
N HIS E 223 -7.40 49.99 27.36
CA HIS E 223 -7.28 48.62 27.85
C HIS E 223 -5.89 48.01 27.64
N THR E 224 -5.53 47.05 28.49
CA THR E 224 -4.44 46.12 28.19
C THR E 224 -4.97 45.21 27.08
N VAL E 225 -4.05 44.52 26.42
CA VAL E 225 -4.43 43.41 25.60
C VAL E 225 -5.41 42.45 26.32
N GLU E 226 -5.10 42.02 27.57
CA GLU E 226 -5.92 41.00 28.28
C GLU E 226 -7.34 41.49 28.43
N GLU E 227 -7.43 42.73 28.84
CA GLU E 227 -8.70 43.35 29.15
C GLU E 227 -9.52 43.45 27.89
N ALA E 228 -8.86 43.96 26.85
CA ALA E 228 -9.38 43.93 25.48
C ALA E 228 -9.86 42.57 24.98
N LEU E 229 -9.01 41.54 25.04
CA LEU E 229 -9.41 40.18 24.66
C LEU E 229 -10.69 39.73 25.38
N ALA E 230 -10.80 40.02 26.67
CA ALA E 230 -11.90 39.48 27.48
C ALA E 230 -13.18 40.22 27.10
N GLU E 231 -12.99 41.50 26.86
CA GLU E 231 -14.02 42.41 26.40
C GLU E 231 -14.61 42.06 25.01
N LEU E 232 -13.85 41.38 24.18
CA LEU E 232 -14.29 40.91 22.88
C LEU E 232 -14.95 39.52 22.86
N ALA E 233 -14.85 38.74 23.95
CA ALA E 233 -15.26 37.30 23.91
C ALA E 233 -16.63 37.05 23.30
N GLU E 234 -17.61 37.84 23.70
CA GLU E 234 -18.96 37.66 23.22
C GLU E 234 -19.10 38.07 21.79
N SER E 235 -18.73 39.30 21.46
CA SER E 235 -18.78 39.71 20.06
C SER E 235 -18.11 38.68 19.15
N ALA E 236 -17.02 38.07 19.62
CA ALA E 236 -16.33 37.00 18.88
C ALA E 236 -17.17 35.72 18.78
N ALA E 237 -17.88 35.37 19.86
CA ALA E 237 -18.82 34.25 19.86
C ALA E 237 -20.05 34.54 18.96
N GLN E 238 -20.45 35.80 18.93
CA GLN E 238 -21.53 36.24 18.03
C GLN E 238 -21.11 36.34 16.57
N PHE E 239 -20.06 37.11 16.28
CA PHE E 239 -19.50 37.24 14.93
C PHE E 239 -18.19 36.48 14.66
N PRO E 240 -18.19 35.49 13.76
CA PRO E 240 -16.90 34.85 13.42
C PRO E 240 -15.84 35.81 12.89
N GLU E 241 -16.28 36.93 12.31
CA GLU E 241 -15.39 37.97 11.77
C GLU E 241 -14.62 38.64 12.90
N VAL E 242 -15.33 39.00 13.95
CA VAL E 242 -14.68 39.46 15.15
C VAL E 242 -13.77 38.41 15.77
N ALA E 243 -14.07 37.13 15.60
CA ALA E 243 -13.25 36.08 16.18
C ALA E 243 -11.89 36.08 15.52
N VAL E 244 -11.88 36.27 14.21
CA VAL E 244 -10.62 36.28 13.46
C VAL E 244 -9.73 37.40 14.02
N PHE E 245 -10.36 38.55 14.30
CA PHE E 245 -9.69 39.71 14.86
C PHE E 245 -9.11 39.44 16.24
N ARG E 246 -9.99 39.10 17.19
CA ARG E 246 -9.59 38.61 18.52
C ARG E 246 -8.48 37.55 18.49
N ASP E 247 -8.66 36.50 17.68
CA ASP E 247 -7.65 35.43 17.58
C ASP E 247 -6.32 36.00 17.18
N SER E 248 -6.29 36.92 16.21
CA SER E 248 -4.99 37.39 15.65
C SER E 248 -4.24 38.15 16.74
N ILE E 249 -5.01 38.80 17.60
CA ILE E 249 -4.46 39.54 18.70
C ILE E 249 -3.93 38.59 19.79
N GLN E 250 -4.73 37.59 20.13
CA GLN E 250 -4.33 36.55 21.07
C GLN E 250 -3.05 35.81 20.69
N SER E 251 -2.92 35.49 19.41
CA SER E 251 -1.76 34.74 18.93
C SER E 251 -0.52 35.65 18.68
N ALA E 252 -0.58 36.90 19.13
CA ALA E 252 0.53 37.84 18.91
C ALA E 252 1.53 37.78 20.06
N THR E 253 2.40 36.78 20.03
CA THR E 253 3.44 36.62 21.09
C THR E 253 4.41 37.83 21.13
N ARG E 254 4.90 38.29 19.97
CA ARG E 254 5.78 39.49 19.88
C ARG E 254 5.11 40.90 19.96
N GLY E 255 3.91 40.99 20.53
CA GLY E 255 3.17 42.27 20.60
C GLY E 255 2.50 42.66 19.28
N ILE E 256 1.52 43.56 19.34
CA ILE E 256 0.80 44.05 18.14
C ILE E 256 1.23 45.43 17.76
N THR E 257 1.04 45.75 16.48
CA THR E 257 1.32 47.10 15.97
C THR E 257 0.30 48.07 16.54
N ARG E 258 0.80 49.18 17.06
CA ARG E 258 -0.06 50.20 17.62
C ARG E 258 -0.09 51.48 16.76
N SER F 2 36.00 7.85 32.15
CA SER F 2 35.39 7.57 30.82
C SER F 2 35.09 6.07 30.68
N LEU F 3 34.23 5.76 29.73
CA LEU F 3 34.04 4.40 29.26
C LEU F 3 35.34 3.79 28.73
N ILE F 4 36.11 4.61 28.03
CA ILE F 4 37.43 4.27 27.58
C ILE F 4 38.42 4.69 28.63
N ASP F 5 39.06 3.71 29.25
CA ASP F 5 40.08 3.96 30.24
C ASP F 5 41.22 4.79 29.62
N PRO F 6 41.70 5.82 30.33
CA PRO F 6 42.83 6.59 29.79
C PRO F 6 44.13 5.82 29.63
N ARG F 7 44.27 4.67 30.30
CA ARG F 7 45.51 3.85 30.19
C ARG F 7 45.54 2.95 28.94
N ALA F 8 44.41 2.86 28.26
CA ALA F 8 44.32 2.12 27.01
C ALA F 8 44.89 2.94 25.88
N ILE F 9 45.36 2.27 24.85
CA ILE F 9 45.91 2.89 23.66
C ILE F 9 44.88 2.73 22.56
N ILE F 10 44.42 3.84 21.98
CA ILE F 10 43.46 3.80 20.88
C ILE F 10 44.09 4.44 19.66
N ASP F 11 44.23 3.69 18.59
CA ASP F 11 44.89 4.24 17.44
C ASP F 11 43.96 5.30 16.85
N PRO F 12 44.53 6.41 16.36
CA PRO F 12 43.67 7.43 15.79
C PRO F 12 42.74 6.87 14.73
N SER F 13 43.21 5.89 13.97
CA SER F 13 42.42 5.26 12.92
C SER F 13 41.38 4.22 13.30
N ALA F 14 41.16 4.04 14.58
CA ALA F 14 40.17 3.10 15.04
C ALA F 14 38.83 3.79 15.22
N ARG F 15 37.77 3.10 14.88
CA ARG F 15 36.41 3.57 14.96
C ARG F 15 35.63 2.91 16.05
N LEU F 16 35.23 3.66 17.03
CA LEU F 16 34.52 3.15 18.13
C LEU F 16 33.14 3.74 18.30
N ALA F 17 32.14 2.89 18.49
CA ALA F 17 30.80 3.37 18.70
C ALA F 17 30.71 4.06 20.03
N ALA F 18 29.60 4.73 20.23
CA ALA F 18 29.44 5.62 21.36
C ALA F 18 29.73 5.00 22.72
N ASP F 19 28.93 4.03 23.14
CA ASP F 19 29.11 3.37 24.46
C ASP F 19 30.10 2.22 24.55
N VAL F 20 31.03 2.10 23.60
CA VAL F 20 32.09 1.08 23.69
C VAL F 20 32.95 1.34 24.90
N GLN F 21 33.10 0.32 25.77
CA GLN F 21 34.09 0.35 26.85
C GLN F 21 35.39 -0.38 26.53
N VAL F 22 36.50 0.16 27.03
CA VAL F 22 37.80 -0.36 26.81
C VAL F 22 38.56 -0.26 28.11
N GLY F 23 38.96 -1.40 28.66
CA GLY F 23 39.63 -1.43 29.96
C GLY F 23 41.07 -0.98 29.87
N PRO F 24 41.68 -0.82 31.04
CA PRO F 24 43.05 -0.39 31.10
C PRO F 24 43.97 -1.36 30.44
N TRP F 25 44.97 -0.78 29.76
CA TRP F 25 46.10 -1.49 29.21
C TRP F 25 45.72 -2.35 28.01
N SER F 26 44.62 -2.00 27.38
CA SER F 26 44.27 -2.59 26.12
C SER F 26 44.75 -1.73 24.92
N ILE F 27 45.00 -2.40 23.81
CA ILE F 27 45.43 -1.76 22.60
C ILE F 27 44.41 -2.02 21.53
N VAL F 28 43.75 -0.96 21.09
CA VAL F 28 42.86 -1.01 19.94
C VAL F 28 43.65 -0.39 18.78
N GLY F 29 44.12 -1.22 17.88
CA GLY F 29 45.02 -0.78 16.85
C GLY F 29 44.38 -0.25 15.61
N ALA F 30 45.26 0.05 14.66
CA ALA F 30 44.86 0.69 13.42
C ALA F 30 43.84 -0.16 12.73
N GLU F 31 42.90 0.50 12.08
CA GLU F 31 41.83 -0.11 11.31
C GLU F 31 41.02 -1.11 12.05
N VAL F 32 40.81 -0.84 13.30
CA VAL F 32 40.02 -1.68 14.10
C VAL F 32 38.74 -0.93 14.30
N GLU F 33 37.68 -1.55 13.87
CA GLU F 33 36.39 -1.00 14.04
C GLU F 33 35.64 -1.80 15.08
N ILE F 34 34.94 -1.11 15.98
CA ILE F 34 34.14 -1.71 17.04
C ILE F 34 32.71 -1.18 17.23
N GLY F 35 31.75 -2.07 17.21
CA GLY F 35 30.36 -1.75 17.39
C GLY F 35 29.81 -1.39 18.75
N GLU F 36 28.65 -0.78 18.72
CA GLU F 36 27.84 -0.31 19.83
C GLU F 36 27.60 -1.30 20.98
N GLY F 37 27.92 -0.94 22.20
CA GLY F 37 27.67 -1.85 23.36
C GLY F 37 28.75 -2.89 23.65
N THR F 38 29.75 -3.00 22.80
CA THR F 38 30.85 -3.92 23.02
C THR F 38 31.78 -3.52 24.19
N VAL F 39 32.13 -4.48 24.99
CA VAL F 39 33.04 -4.27 26.13
C VAL F 39 34.36 -5.04 25.91
N ILE F 40 35.46 -4.31 25.81
CA ILE F 40 36.78 -4.82 25.77
C ILE F 40 37.33 -4.69 27.15
N GLY F 41 37.84 -5.78 27.69
CA GLY F 41 38.40 -5.82 29.02
C GLY F 41 39.76 -5.18 29.08
N PRO F 42 40.42 -5.35 30.22
CA PRO F 42 41.80 -4.93 30.35
C PRO F 42 42.76 -5.92 29.68
N HIS F 43 43.93 -5.45 29.29
CA HIS F 43 44.97 -6.35 28.77
C HIS F 43 44.57 -7.06 27.50
N VAL F 44 43.85 -6.39 26.64
CA VAL F 44 43.44 -6.98 25.40
C VAL F 44 44.23 -6.35 24.28
N VAL F 45 44.63 -7.15 23.29
CA VAL F 45 45.30 -6.65 22.11
C VAL F 45 44.38 -6.89 20.93
N LEU F 46 43.85 -5.82 20.35
CA LEU F 46 43.12 -5.89 19.10
C LEU F 46 43.98 -5.34 18.01
N LYS F 47 44.02 -6.01 16.88
CA LYS F 47 44.80 -5.55 15.75
C LYS F 47 43.92 -5.70 14.52
N GLY F 48 44.25 -4.98 13.43
CA GLY F 48 43.36 -4.89 12.27
C GLY F 48 44.06 -5.25 10.97
N PRO F 49 43.35 -5.15 9.84
CA PRO F 49 41.97 -4.63 9.75
C PRO F 49 40.86 -5.58 10.25
N THR F 50 40.22 -5.17 11.31
CA THR F 50 39.20 -5.97 11.90
C THR F 50 37.88 -5.25 12.13
N LYS F 51 36.81 -6.00 12.09
CA LYS F 51 35.51 -5.48 12.35
C LYS F 51 34.84 -6.29 13.44
N ILE F 52 34.40 -5.62 14.47
CA ILE F 52 33.74 -6.21 15.61
C ILE F 52 32.40 -5.54 15.81
N GLY F 53 31.32 -6.29 15.75
CA GLY F 53 29.99 -5.82 15.93
C GLY F 53 29.50 -5.35 17.26
N LYS F 54 28.23 -5.55 17.50
CA LYS F 54 27.61 -5.07 18.71
C LYS F 54 27.46 -6.03 19.82
N HIS F 55 27.47 -5.46 21.00
CA HIS F 55 27.30 -6.22 22.21
C HIS F 55 28.22 -7.44 22.34
N ASN F 56 29.52 -7.26 22.12
CA ASN F 56 30.46 -8.32 22.28
C ASN F 56 31.13 -8.07 23.61
N ARG F 57 31.83 -9.05 24.11
CA ARG F 57 32.52 -9.00 25.36
C ARG F 57 33.82 -9.78 25.11
N ILE F 58 34.95 -9.12 25.30
CA ILE F 58 36.26 -9.72 25.09
C ILE F 58 37.10 -9.61 26.34
N TYR F 59 37.59 -10.75 26.84
CA TYR F 59 38.26 -10.76 28.12
C TYR F 59 39.76 -10.54 27.98
N GLN F 60 40.36 -10.34 29.15
CA GLN F 60 41.79 -10.11 29.28
C GLN F 60 42.71 -11.14 28.63
N PHE F 61 43.78 -10.64 28.04
CA PHE F 61 44.90 -11.42 27.52
C PHE F 61 44.66 -12.04 26.17
N SER F 62 43.51 -11.70 25.57
CA SER F 62 43.16 -12.17 24.24
C SER F 62 43.91 -11.36 23.24
N SER F 63 44.23 -11.98 22.12
CA SER F 63 44.90 -11.34 21.00
C SER F 63 43.99 -11.60 19.87
N VAL F 64 43.18 -10.60 19.54
CA VAL F 64 42.16 -10.68 18.47
C VAL F 64 42.54 -9.82 17.27
N GLY F 65 42.77 -10.45 16.13
CA GLY F 65 43.14 -9.75 14.89
C GLY F 65 44.60 -9.83 14.50
N GLU F 66 45.36 -10.70 15.14
CA GLU F 66 46.77 -10.82 14.88
C GLU F 66 47.01 -11.47 13.55
N ASP F 67 48.23 -11.29 13.04
CA ASP F 67 48.68 -12.01 11.86
C ASP F 67 48.88 -13.49 12.20
N THR F 68 48.44 -14.35 11.30
CA THR F 68 48.77 -15.76 11.39
C THR F 68 50.26 -15.94 11.26
N PRO F 69 50.82 -16.91 11.98
CA PRO F 69 52.20 -17.29 11.83
C PRO F 69 52.43 -18.20 10.62
N ASP F 70 51.40 -18.45 9.85
CA ASP F 70 51.49 -19.27 8.64
C ASP F 70 52.61 -18.66 7.79
N LEU F 71 53.57 -19.47 7.39
CA LEU F 71 54.69 -18.99 6.61
C LEU F 71 54.37 -18.47 5.23
N LYS F 72 53.15 -18.71 4.82
CA LYS F 72 52.66 -18.26 3.56
C LYS F 72 52.11 -16.86 3.67
N TYR F 73 51.79 -16.41 4.88
CA TYR F 73 51.30 -15.07 5.03
C TYR F 73 52.45 -14.11 4.91
N LYS F 74 52.23 -13.02 4.20
CA LYS F 74 53.24 -12.02 3.98
C LYS F 74 52.84 -10.56 4.25
N GLY F 75 52.24 -10.25 5.40
CA GLY F 75 51.89 -8.90 5.81
C GLY F 75 50.73 -8.29 5.04
N GLU F 76 50.05 -9.07 4.20
CA GLU F 76 48.92 -8.54 3.42
C GLU F 76 47.78 -8.01 4.32
N PRO F 77 46.95 -7.08 3.78
CA PRO F 77 45.81 -6.48 4.50
C PRO F 77 44.58 -7.40 4.66
N THR F 78 44.78 -8.61 5.14
CA THR F 78 43.68 -9.55 5.37
C THR F 78 42.86 -9.13 6.58
N ARG F 79 41.69 -9.70 6.71
CA ARG F 79 40.75 -9.34 7.74
C ARG F 79 40.20 -10.36 8.64
N LEU F 80 39.53 -9.82 9.63
CA LEU F 80 38.75 -10.57 10.56
C LEU F 80 37.44 -9.85 10.75
N VAL F 81 36.33 -10.59 10.66
CA VAL F 81 35.02 -10.01 10.94
C VAL F 81 34.37 -10.80 12.06
N ILE F 82 33.95 -10.12 13.10
CA ILE F 82 33.25 -10.71 14.20
C ILE F 82 31.91 -9.99 14.29
N GLY F 83 30.84 -10.72 14.47
CA GLY F 83 29.49 -10.22 14.56
C GLY F 83 29.03 -9.74 15.91
N ASP F 84 27.81 -10.02 16.29
CA ASP F 84 27.29 -9.53 17.57
C ASP F 84 26.95 -10.53 18.62
N HIS F 85 26.92 -10.09 19.85
CA HIS F 85 26.57 -10.90 21.02
C HIS F 85 27.50 -12.06 21.35
N ASN F 86 28.72 -12.01 20.80
CA ASN F 86 29.74 -13.02 21.12
C ASN F 86 30.42 -12.76 22.44
N VAL F 87 30.76 -13.84 23.14
CA VAL F 87 31.68 -13.76 24.29
C VAL F 87 33.01 -14.43 23.96
N ILE F 88 34.09 -13.69 24.16
CA ILE F 88 35.42 -14.18 23.96
C ILE F 88 36.15 -14.08 25.27
N ARG F 89 36.53 -15.21 25.85
CA ARG F 89 37.07 -15.29 27.20
C ARG F 89 38.58 -15.11 27.24
N GLU F 90 39.16 -15.42 28.40
CA GLU F 90 40.54 -15.16 28.67
C GLU F 90 41.53 -15.83 27.70
N GLY F 91 42.46 -15.03 27.19
CA GLY F 91 43.59 -15.55 26.43
C GLY F 91 43.28 -16.21 25.12
N VAL F 92 42.14 -15.88 24.53
CA VAL F 92 41.78 -16.40 23.23
C VAL F 92 42.65 -15.73 22.15
N THR F 93 43.07 -16.51 21.17
CA THR F 93 43.73 -16.00 19.99
C THR F 93 42.87 -16.26 18.75
N ILE F 94 42.63 -15.19 18.01
CA ILE F 94 41.91 -15.17 16.73
C ILE F 94 42.78 -14.47 15.71
N HIS F 95 43.10 -15.13 14.63
CA HIS F 95 43.91 -14.53 13.58
C HIS F 95 43.12 -14.19 12.32
N ARG F 96 43.61 -13.19 11.60
CA ARG F 96 43.04 -12.75 10.35
C ARG F 96 43.38 -13.72 9.22
N GLY F 97 42.69 -13.55 8.11
CA GLY F 97 42.81 -14.46 6.99
C GLY F 97 44.12 -14.37 6.23
N THR F 98 44.14 -15.09 5.12
CA THR F 98 45.26 -15.16 4.19
C THR F 98 44.74 -15.02 2.75
N VAL F 99 45.56 -14.44 1.89
CA VAL F 99 45.16 -14.20 0.47
C VAL F 99 45.15 -15.54 -0.30
N GLN F 100 45.82 -16.53 0.22
CA GLN F 100 45.85 -17.83 -0.36
C GLN F 100 44.52 -18.53 -0.22
N ASP F 101 43.64 -18.04 0.61
CA ASP F 101 42.33 -18.66 0.81
C ASP F 101 41.27 -17.59 0.67
N ARG F 102 40.74 -17.10 1.75
CA ARG F 102 39.68 -16.13 1.68
C ARG F 102 39.93 -14.73 2.23
N ALA F 103 41.17 -14.43 2.54
CA ALA F 103 41.61 -13.15 3.06
C ALA F 103 40.80 -12.63 4.20
N GLU F 104 40.08 -13.52 4.83
CA GLU F 104 39.22 -13.19 5.95
C GLU F 104 38.96 -14.35 6.86
N THR F 105 38.96 -14.05 8.14
CA THR F 105 38.45 -14.95 9.17
C THR F 105 37.13 -14.37 9.67
N THR F 106 36.11 -15.19 9.75
CA THR F 106 34.80 -14.71 10.07
C THR F 106 34.09 -15.42 11.20
N ILE F 107 33.61 -14.65 12.15
CA ILE F 107 32.77 -15.18 13.22
C ILE F 107 31.41 -14.46 13.22
N GLY F 108 30.32 -15.23 13.27
CA GLY F 108 28.93 -14.73 13.33
C GLY F 108 28.49 -14.25 14.69
N ASP F 109 27.34 -14.68 15.16
CA ASP F 109 26.73 -14.05 16.36
C ASP F 109 26.44 -15.05 17.43
N HIS F 110 26.33 -14.58 18.64
CA HIS F 110 25.92 -15.42 19.78
C HIS F 110 26.84 -16.62 20.10
N ASN F 111 28.09 -16.53 19.66
CA ASN F 111 29.06 -17.56 20.01
C ASN F 111 29.65 -17.32 21.39
N LEU F 112 29.98 -18.43 22.06
CA LEU F 112 30.76 -18.42 23.28
C LEU F 112 32.13 -19.11 23.04
N ILE F 113 33.20 -18.36 23.21
CA ILE F 113 34.55 -18.89 22.97
C ILE F 113 35.35 -18.83 24.24
N MET F 114 35.60 -19.99 24.84
CA MET F 114 36.16 -20.06 26.20
C MET F 114 37.69 -19.94 26.22
N ALA F 115 38.26 -20.04 27.42
CA ALA F 115 39.63 -19.64 27.60
C ALA F 115 40.64 -20.39 26.68
N TYR F 116 41.54 -19.60 26.10
CA TYR F 116 42.69 -20.13 25.36
C TYR F 116 42.32 -20.87 24.11
N ALA F 117 41.09 -20.67 23.63
CA ALA F 117 40.74 -21.25 22.37
C ALA F 117 41.51 -20.52 21.27
N HIS F 118 41.70 -21.21 20.15
CA HIS F 118 42.38 -20.67 19.02
C HIS F 118 41.48 -20.80 17.80
N ILE F 119 41.26 -19.67 17.12
CA ILE F 119 40.58 -19.64 15.84
C ILE F 119 41.61 -19.20 14.85
N GLY F 120 42.10 -20.15 14.08
CA GLY F 120 43.16 -19.93 13.09
C GLY F 120 42.68 -19.27 11.80
N HIS F 121 43.64 -18.73 11.08
CA HIS F 121 43.36 -17.97 9.87
C HIS F 121 42.38 -18.70 8.95
N ASP F 122 41.55 -17.89 8.31
CA ASP F 122 40.59 -18.31 7.29
C ASP F 122 39.43 -19.19 7.77
N SER F 123 39.25 -19.28 9.07
CA SER F 123 38.21 -20.08 9.64
C SER F 123 36.91 -19.31 9.63
N VAL F 124 35.84 -20.05 9.59
CA VAL F 124 34.54 -19.46 9.60
C VAL F 124 33.70 -20.12 10.68
N ILE F 125 33.33 -19.34 11.65
CA ILE F 125 32.36 -19.76 12.64
C ILE F 125 30.99 -19.10 12.42
N GLY F 126 29.93 -19.89 12.47
CA GLY F 126 28.55 -19.40 12.35
C GLY F 126 27.99 -18.77 13.58
N ASN F 127 26.77 -19.16 13.96
CA ASN F 127 26.10 -18.60 15.14
C ASN F 127 25.81 -19.63 16.22
N HIS F 128 25.78 -19.19 17.47
CA HIS F 128 25.39 -20.03 18.60
C HIS F 128 26.32 -21.25 18.83
N CYS F 129 27.57 -21.13 18.37
CA CYS F 129 28.53 -22.17 18.57
C CYS F 129 29.20 -21.98 19.93
N ILE F 130 29.70 -23.06 20.51
CA ILE F 130 30.46 -23.03 21.75
C ILE F 130 31.75 -23.83 21.58
N LEU F 131 32.82 -23.12 21.83
CA LEU F 131 34.12 -23.70 21.82
C LEU F 131 34.58 -23.67 23.26
N VAL F 132 34.77 -24.83 23.86
CA VAL F 132 35.19 -24.89 25.24
C VAL F 132 36.71 -24.66 25.30
N ASN F 133 37.22 -24.43 26.51
CA ASN F 133 38.63 -24.19 26.78
C ASN F 133 39.59 -24.93 25.85
N ASN F 134 40.51 -24.18 25.25
CA ASN F 134 41.63 -24.76 24.50
C ASN F 134 41.24 -25.59 23.27
N THR F 135 40.04 -25.36 22.83
CA THR F 135 39.64 -25.81 21.52
C THR F 135 40.43 -25.01 20.50
N ALA F 136 41.03 -25.70 19.55
CA ALA F 136 41.90 -25.06 18.57
C ALA F 136 41.42 -25.42 17.16
N LEU F 137 41.11 -24.43 16.35
CA LEU F 137 40.79 -24.62 14.93
C LEU F 137 41.99 -24.20 14.15
N ALA F 138 42.60 -25.14 13.45
CA ALA F 138 43.94 -24.98 12.86
C ALA F 138 44.06 -24.00 11.72
N GLY F 139 43.00 -23.77 10.96
CA GLY F 139 43.08 -22.92 9.78
C GLY F 139 42.11 -23.40 8.73
N HIS F 140 41.41 -22.47 8.10
CA HIS F 140 40.43 -22.81 7.06
C HIS F 140 39.31 -23.71 7.60
N VAL F 141 39.01 -23.66 8.89
CA VAL F 141 37.98 -24.58 9.45
C VAL F 141 36.64 -23.84 9.42
N HIS F 142 35.59 -24.58 9.11
CA HIS F 142 34.22 -24.03 9.08
C HIS F 142 33.37 -24.65 10.19
N VAL F 143 32.90 -23.87 11.12
CA VAL F 143 32.03 -24.40 12.15
C VAL F 143 30.60 -23.82 11.98
N ASP F 144 29.66 -24.71 11.67
CA ASP F 144 28.29 -24.34 11.44
C ASP F 144 27.52 -24.24 12.75
N ASP F 145 26.38 -23.60 12.69
CA ASP F 145 25.61 -23.15 13.84
C ASP F 145 25.30 -24.18 14.92
N TRP F 146 25.40 -23.74 16.15
CA TRP F 146 25.07 -24.56 17.32
C TRP F 146 26.06 -25.67 17.63
N ALA F 147 27.14 -25.80 16.86
CA ALA F 147 28.14 -26.82 17.16
C ALA F 147 28.76 -26.56 18.50
N ILE F 148 28.94 -27.62 19.28
CA ILE F 148 29.70 -27.55 20.53
C ILE F 148 30.93 -28.46 20.49
N LEU F 149 32.10 -27.85 20.71
CA LEU F 149 33.36 -28.50 20.78
C LEU F 149 33.85 -28.43 22.21
N SER F 150 33.87 -29.58 22.88
CA SER F 150 34.29 -29.62 24.26
C SER F 150 35.78 -29.37 24.37
N GLY F 151 36.20 -29.24 25.63
CA GLY F 151 37.54 -28.82 25.97
C GLY F 151 38.67 -29.50 25.23
N TYR F 152 39.66 -28.71 24.80
CA TYR F 152 40.86 -29.23 24.15
C TYR F 152 40.49 -30.04 22.93
N THR F 153 39.44 -29.64 22.24
CA THR F 153 39.14 -30.28 20.97
C THR F 153 40.05 -29.67 19.91
N LEU F 154 40.73 -30.50 19.14
CA LEU F 154 41.60 -30.06 18.06
C LEU F 154 40.92 -30.33 16.72
N VAL F 155 40.88 -29.32 15.84
CA VAL F 155 40.34 -29.44 14.50
C VAL F 155 41.38 -29.15 13.42
N HIS F 156 41.66 -30.17 12.64
CA HIS F 156 42.61 -30.14 11.57
C HIS F 156 42.18 -29.16 10.49
N GLN F 157 43.15 -28.58 9.83
CA GLN F 157 42.89 -27.63 8.77
C GLN F 157 41.99 -28.17 7.66
N TYR F 158 41.10 -27.32 7.20
CA TYR F 158 40.11 -27.55 6.16
C TYR F 158 38.85 -28.35 6.54
N CYS F 159 38.79 -28.84 7.74
CA CYS F 159 37.66 -29.59 8.18
C CYS F 159 36.45 -28.72 8.43
N ARG F 160 35.31 -29.32 8.32
CA ARG F 160 34.06 -28.72 8.52
C ARG F 160 33.43 -29.42 9.71
N ILE F 161 32.88 -28.63 10.61
CA ILE F 161 32.14 -29.13 11.73
C ILE F 161 30.66 -28.80 11.51
N GLY F 162 29.84 -29.83 11.40
CA GLY F 162 28.43 -29.66 11.09
C GLY F 162 27.58 -29.01 12.16
N ALA F 163 26.49 -28.38 11.72
CA ALA F 163 25.58 -27.72 12.62
C ALA F 163 25.07 -28.70 13.70
N HIS F 164 24.90 -28.21 14.91
CA HIS F 164 24.43 -29.00 16.04
C HIS F 164 25.29 -30.23 16.43
N SER F 165 26.50 -30.35 15.90
CA SER F 165 27.36 -31.45 16.27
C SER F 165 27.98 -31.23 17.65
N PHE F 166 28.60 -32.28 18.18
CA PHE F 166 29.15 -32.27 19.55
C PHE F 166 30.44 -33.05 19.57
N SER F 167 31.48 -32.53 20.21
CA SER F 167 32.72 -33.30 20.44
C SER F 167 33.02 -33.44 21.93
N GLY F 168 33.43 -34.63 22.33
CA GLY F 168 33.92 -34.87 23.65
C GLY F 168 35.26 -34.21 23.88
N MET F 169 35.60 -34.07 25.15
CA MET F 169 36.86 -33.38 25.49
C MET F 169 38.05 -34.10 24.92
N GLY F 170 39.01 -33.35 24.42
CA GLY F 170 40.24 -33.94 23.89
C GLY F 170 40.08 -34.63 22.57
N SER F 171 39.01 -34.41 21.85
CA SER F 171 38.82 -35.03 20.57
C SER F 171 39.81 -34.45 19.57
N ALA F 172 40.38 -35.31 18.74
CA ALA F 172 41.26 -34.86 17.64
C ALA F 172 40.63 -35.19 16.30
N ILE F 173 40.09 -34.16 15.65
CA ILE F 173 39.25 -34.27 14.49
C ILE F 173 40.06 -34.01 13.21
N GLY F 174 40.15 -35.00 12.37
CA GLY F 174 40.89 -34.94 11.13
C GLY F 174 40.06 -34.99 9.89
N LYS F 175 38.78 -35.25 10.04
CA LYS F 175 37.82 -35.32 8.97
C LYS F 175 36.60 -34.55 9.35
N ASP F 176 35.79 -34.28 8.37
CA ASP F 176 34.60 -33.56 8.58
C ASP F 176 33.66 -34.27 9.51
N VAL F 177 32.99 -33.50 10.34
CA VAL F 177 31.97 -34.02 11.24
C VAL F 177 30.63 -33.60 10.72
N PRO F 178 29.75 -34.57 10.44
CA PRO F 178 28.49 -34.19 9.88
C PRO F 178 27.64 -33.52 10.87
N ALA F 179 26.62 -32.83 10.39
CA ALA F 179 25.63 -32.20 11.28
C ALA F 179 25.02 -33.20 12.27
N TYR F 180 24.77 -32.77 13.49
CA TYR F 180 24.24 -33.58 14.59
C TYR F 180 25.10 -34.76 15.10
N VAL F 181 26.29 -34.98 14.58
CA VAL F 181 27.10 -36.10 15.00
C VAL F 181 27.88 -35.80 16.27
N THR F 182 27.97 -36.78 17.12
CA THR F 182 28.75 -36.66 18.30
C THR F 182 29.98 -37.48 18.09
N VAL F 183 31.13 -36.89 18.29
CA VAL F 183 32.40 -37.55 18.08
C VAL F 183 33.22 -37.50 19.38
N PHE F 184 34.13 -38.44 19.49
CA PHE F 184 35.04 -38.58 20.59
C PHE F 184 36.38 -39.19 20.26
N GLY F 185 37.39 -38.81 21.00
CA GLY F 185 38.67 -39.52 20.98
C GLY F 185 39.71 -38.95 20.05
N ASN F 186 40.89 -39.53 20.13
CA ASN F 186 41.99 -39.21 19.25
C ASN F 186 42.53 -40.49 18.68
N PRO F 187 42.27 -40.79 17.40
CA PRO F 187 41.49 -39.94 16.48
C PRO F 187 39.99 -39.98 16.74
N ALA F 188 39.30 -38.93 16.29
CA ALA F 188 37.90 -38.78 16.64
C ALA F 188 37.11 -39.85 15.92
N GLU F 189 36.14 -40.43 16.63
CA GLU F 189 35.30 -41.48 16.05
C GLU F 189 33.82 -41.19 16.29
N ALA F 190 33.02 -41.35 15.24
CA ALA F 190 31.58 -41.12 15.33
C ALA F 190 30.93 -42.08 16.32
N ARG F 191 30.17 -41.52 17.26
CA ARG F 191 29.49 -42.32 18.27
C ARG F 191 27.98 -42.36 18.01
N SER F 192 27.38 -41.19 17.87
CA SER F 192 25.94 -41.09 17.62
C SER F 192 25.54 -39.66 17.29
N MET F 193 24.27 -39.34 17.52
CA MET F 193 23.75 -38.01 17.25
C MET F 193 23.56 -37.22 18.54
N ASN F 194 23.71 -35.90 18.45
CA ASN F 194 23.55 -35.05 19.60
C ASN F 194 22.14 -34.91 20.11
N PHE F 195 21.61 -36.00 20.61
CA PHE F 195 20.27 -36.06 21.14
C PHE F 195 20.03 -35.08 22.25
N GLU F 196 20.98 -34.93 23.13
CA GLU F 196 20.89 -33.99 24.20
C GLU F 196 20.71 -32.58 23.69
N GLY F 197 21.63 -32.15 22.83
CA GLY F 197 21.51 -30.87 22.13
C GLY F 197 20.17 -30.63 21.45
N MET F 198 19.63 -31.63 20.76
CA MET F 198 18.40 -31.48 20.00
C MET F 198 17.26 -31.21 20.98
N ARG F 199 17.31 -31.84 22.14
CA ARG F 199 16.24 -31.63 23.12
C ARG F 199 16.29 -30.30 23.82
N ARG F 200 17.48 -29.86 24.12
CA ARG F 200 17.67 -28.56 24.67
C ARG F 200 17.22 -27.47 23.69
N ARG F 201 17.11 -27.74 22.39
CA ARG F 201 16.78 -26.73 21.39
C ARG F 201 15.33 -26.83 20.98
N GLY F 202 14.67 -27.92 21.37
CA GLY F 202 13.24 -28.09 21.16
C GLY F 202 12.86 -28.84 19.92
N PHE F 203 13.78 -29.59 19.35
CA PHE F 203 13.46 -30.35 18.16
C PHE F 203 12.26 -31.27 18.38
N SER F 204 11.40 -31.39 17.38
CA SER F 204 10.24 -32.26 17.47
C SER F 204 10.64 -33.74 17.45
N SER F 205 9.87 -34.57 18.14
CA SER F 205 10.18 -36.00 18.20
C SER F 205 10.25 -36.65 16.83
N GLU F 206 9.54 -36.08 15.88
CA GLU F 206 9.53 -36.61 14.55
C GLU F 206 10.82 -36.29 13.89
N ALA F 207 11.27 -35.08 14.03
CA ALA F 207 12.55 -34.70 13.42
C ALA F 207 13.69 -35.52 14.03
N ILE F 208 13.57 -35.89 15.30
CA ILE F 208 14.60 -36.72 15.95
C ILE F 208 14.66 -38.16 15.40
N HIS F 209 13.52 -38.76 15.08
CA HIS F 209 13.51 -40.10 14.51
C HIS F 209 13.96 -40.17 13.11
N ALA F 210 13.79 -39.08 12.40
CA ALA F 210 14.21 -39.05 11.03
C ALA F 210 15.71 -38.93 10.99
N LEU F 211 16.23 -38.11 11.86
CA LEU F 211 17.66 -37.87 11.94
C LEU F 211 18.27 -39.15 12.41
N ARG F 212 17.63 -39.75 13.39
CA ARG F 212 18.07 -41.00 13.95
C ARG F 212 18.11 -42.02 12.88
N ARG F 213 17.16 -42.02 11.97
CA ARG F 213 17.16 -42.96 10.91
C ARG F 213 18.22 -42.64 9.88
N ALA F 214 18.40 -41.37 9.57
CA ALA F 214 19.41 -40.94 8.62
C ALA F 214 20.84 -41.34 8.97
N TYR F 215 21.14 -41.44 10.24
CA TYR F 215 22.45 -41.86 10.68
C TYR F 215 22.71 -43.28 10.30
N LYS F 216 21.70 -44.12 10.42
CA LYS F 216 21.78 -45.53 10.06
C LYS F 216 22.02 -45.70 8.60
N VAL F 217 21.43 -44.82 7.80
CA VAL F 217 21.58 -44.86 6.37
C VAL F 217 23.01 -44.55 6.02
N VAL F 218 23.60 -43.60 6.71
CA VAL F 218 25.00 -43.26 6.44
C VAL F 218 26.04 -44.16 7.08
N TYR F 219 25.80 -44.56 8.32
CA TYR F 219 26.86 -45.23 9.10
C TYR F 219 26.77 -46.76 9.26
N ARG F 220 25.57 -47.34 9.20
CA ARG F 220 25.34 -48.68 9.70
C ARG F 220 24.75 -49.67 8.69
N GLN F 221 24.79 -49.33 7.43
CA GLN F 221 24.15 -50.18 6.43
C GLN F 221 25.08 -50.50 5.29
N GLY F 222 26.37 -50.44 5.59
CA GLY F 222 27.40 -50.79 4.62
C GLY F 222 27.38 -49.95 3.36
N HIS F 223 26.49 -48.96 3.27
CA HIS F 223 26.42 -48.15 2.05
C HIS F 223 27.65 -47.32 1.76
N THR F 224 27.67 -46.76 0.57
CA THR F 224 28.70 -45.85 0.17
C THR F 224 28.12 -44.51 0.46
N VAL F 225 28.95 -43.51 0.32
CA VAL F 225 28.50 -42.17 0.56
C VAL F 225 27.48 -41.80 -0.51
N GLU F 226 27.79 -42.13 -1.76
CA GLU F 226 26.87 -41.88 -2.88
C GLU F 226 25.56 -42.63 -2.72
N GLU F 227 25.66 -43.91 -2.41
CA GLU F 227 24.44 -44.70 -2.11
C GLU F 227 23.62 -43.99 -1.02
N ALA F 228 24.29 -43.61 0.07
CA ALA F 228 23.59 -43.03 1.23
C ALA F 228 22.95 -41.67 0.93
N LEU F 229 23.57 -40.89 0.07
CA LEU F 229 23.02 -39.60 -0.31
C LEU F 229 21.69 -39.78 -1.08
N ALA F 230 21.65 -40.77 -1.96
CA ALA F 230 20.40 -41.12 -2.67
C ALA F 230 19.31 -41.45 -1.67
N GLU F 231 19.61 -42.39 -0.77
CA GLU F 231 18.63 -42.95 0.18
C GLU F 231 17.95 -41.85 1.02
N LEU F 232 18.64 -40.74 1.21
CA LEU F 232 18.20 -39.73 2.20
C LEU F 232 17.32 -38.64 1.59
N ALA F 233 17.38 -38.52 0.27
CA ALA F 233 16.63 -37.51 -0.50
C ALA F 233 15.24 -37.14 -0.02
N GLU F 234 14.44 -38.16 0.14
CA GLU F 234 13.06 -38.04 0.53
C GLU F 234 12.83 -37.52 1.92
N SER F 235 13.57 -38.09 2.87
CA SER F 235 13.47 -37.71 4.26
C SER F 235 13.96 -36.29 4.37
N ALA F 236 14.98 -36.00 3.58
CA ALA F 236 15.56 -34.64 3.46
C ALA F 236 14.52 -33.62 2.94
N ALA F 237 13.79 -34.02 1.92
CA ALA F 237 12.71 -33.18 1.39
C ALA F 237 11.63 -33.05 2.46
N GLN F 238 11.37 -34.14 3.13
CA GLN F 238 10.35 -34.11 4.18
C GLN F 238 10.75 -33.27 5.41
N PHE F 239 11.98 -33.46 5.86
CA PHE F 239 12.55 -32.81 7.04
C PHE F 239 13.76 -31.94 6.80
N PRO F 240 13.52 -30.58 7.09
CA PRO F 240 14.64 -29.72 6.82
C PRO F 240 15.84 -30.18 7.66
N GLU F 241 15.57 -30.50 8.93
CA GLU F 241 16.56 -31.07 9.81
C GLU F 241 17.41 -32.09 9.12
N VAL F 242 16.81 -33.06 8.43
CA VAL F 242 17.56 -34.12 7.74
C VAL F 242 18.28 -33.58 6.53
N ALA F 243 17.82 -32.44 6.03
CA ALA F 243 18.44 -31.87 4.83
C ALA F 243 19.79 -31.23 5.22
N VAL F 244 19.79 -30.55 6.35
CA VAL F 244 21.06 -30.10 6.91
C VAL F 244 22.08 -31.23 7.05
N PHE F 245 21.66 -32.37 7.61
CA PHE F 245 22.51 -33.56 7.68
C PHE F 245 23.01 -33.99 6.36
N ARG F 246 22.13 -34.21 5.39
CA ARG F 246 22.54 -34.65 4.05
C ARG F 246 23.46 -33.64 3.38
N ASP F 247 23.09 -32.41 3.49
CA ASP F 247 23.94 -31.33 2.97
C ASP F 247 25.34 -31.36 3.59
N SER F 248 25.44 -31.69 4.89
CA SER F 248 26.74 -31.71 5.54
C SER F 248 27.59 -32.84 5.00
N ILE F 249 26.95 -33.93 4.61
CA ILE F 249 27.70 -35.09 4.12
C ILE F 249 28.11 -34.93 2.66
N GLN F 250 27.21 -34.35 1.88
CA GLN F 250 27.48 -34.14 0.48
C GLN F 250 28.57 -33.12 0.30
N SER F 251 28.61 -32.16 1.21
CA SER F 251 29.63 -31.12 1.14
C SER F 251 30.96 -31.50 1.83
N ALA F 252 31.10 -32.75 2.21
CA ALA F 252 32.31 -33.18 2.86
C ALA F 252 33.46 -33.35 1.94
N THR F 253 34.36 -32.39 1.97
CA THR F 253 35.58 -32.44 1.16
C THR F 253 36.49 -33.56 1.56
N ARG F 254 36.93 -33.54 2.81
CA ARG F 254 37.85 -34.53 3.34
C ARG F 254 37.33 -35.92 3.80
N GLY F 255 36.14 -36.32 3.41
CA GLY F 255 35.60 -37.59 3.85
C GLY F 255 35.01 -37.35 5.22
N ILE F 256 34.20 -38.24 5.72
CA ILE F 256 33.59 -38.04 7.01
C ILE F 256 34.16 -38.85 8.12
N THR F 257 34.04 -38.33 9.31
CA THR F 257 34.41 -39.01 10.51
C THR F 257 33.47 -40.21 10.67
N ARG F 258 34.09 -41.38 10.72
CA ARG F 258 33.36 -42.61 10.99
C ARG F 258 33.64 -43.14 12.39
#